data_8W7A
#
_entry.id   8W7A
#
_cell.length_a   1.00
_cell.length_b   1.00
_cell.length_c   1.00
_cell.angle_alpha   90.00
_cell.angle_beta   90.00
_cell.angle_gamma   90.00
#
_symmetry.space_group_name_H-M   'P 1'
#
loop_
_entity.id
_entity.type
_entity.pdbx_description
1 polymer 'Protein kinase domain-containing protein'
2 non-polymer "GUANOSINE-5'-TRIPHOSPHATE"
#
_entity_poly.entity_id   1
_entity_poly.type   'polypeptide(L)'
_entity_poly.pdbx_seq_one_letter_code
;NFNLEHPFFFTNNDYSTDTSIKYQASLPFNWHEVMNNDEWVYQYPIGKFVERQGWKIHISSEYNSSHELLQDVAKICHEM
RIPFKHLSTEDKFIMRNGKLVSRGFSGKFITCYPNQNELESVLQRLESALKQYNGPYILSDKRWDEAPIYLRYGVFRPSR
DDEKKVAIDELIVGDEVVKDERLPVFKIPKGIVPPDFLNKWLDKKDKKQGDFPFIIDNAIRFSNSGGIYNARLKEDGKKI
ILKEARPYTGLGFDGTYSSEKLASECKALKILNEWSEAPKIYWHGKIWEHTFLGIEHMKGVPLNRWVTNNFPLYEVVDKT
KDYLLRVSKIVEKLIDLTNKFHSENVYHQDLHLGNILVKDEDEISIIDWEQAVFSNDEKVVHKVAAPGFRAWRETLPSEI
DWYGIRQIAHYLYMPLVTTSDLTYNYVSQTRIEGKKLFESLGYTREHIDYVESLLSYLDSKCPQIENISRKKVLKPMHEI
RTIESEQDIQDFIIKLLRGFTLTYGQWRKEFQSRFFPVHYYGLNFNQGIAFSDLAILWSYQQLAKKVKNFKFDDYYEIRT
QVINEAVNNFKKSSLSGLFDGKIGTIWLIYEFGEIDRAVELFTTHFIEIFENSQNKNLYSGQAGILLVGLYFLSKGEIDN
KLGEEILIRLREYTLNYIENPETFCKVGASDVQSNDPYENFGGLLYGHAGVAWLFGEAYKLTGESIYKNGLELAVDKELV
AYKVDSNNSLQYSQGHRLLPYLATGSAGLLLLINRNKEILSSKYLKYLTSLERATDVVFCVLPGLFNGFCGLEVANNIYS
DIDDNFSGQKKLIEQLYRYLCVIEEGFVIAGDNGLKITTDIASGFAGVAIGLVSIMDNKLTILPQI
;
_entity_poly.pdbx_strand_id   A,B
#
loop_
_chem_comp.id
_chem_comp.type
_chem_comp.name
_chem_comp.formula
GTP non-polymer GUANOSINE-5'-TRIPHOSPHATE 'C10 H16 N5 O14 P3'
#
# COMPACT_ATOMS: atom_id res chain seq x y z
N ASN A 1 16.26 4.81 -14.77
CA ASN A 1 15.21 5.75 -15.14
C ASN A 1 14.31 6.06 -13.95
N PHE A 2 14.31 5.18 -12.96
CA PHE A 2 13.39 5.30 -11.83
C PHE A 2 14.14 5.68 -10.56
N ASN A 3 14.31 6.98 -10.34
CA ASN A 3 14.98 7.46 -9.15
C ASN A 3 13.96 7.78 -8.05
N LEU A 4 14.15 7.13 -6.90
CA LEU A 4 13.36 7.42 -5.71
C LEU A 4 14.24 7.07 -4.51
N GLU A 5 13.96 7.69 -3.37
CA GLU A 5 14.79 7.44 -2.20
C GLU A 5 13.97 6.76 -1.12
N HIS A 6 14.59 5.77 -0.50
CA HIS A 6 14.05 4.91 0.53
C HIS A 6 15.17 4.66 1.52
N PRO A 7 14.89 4.49 2.81
CA PRO A 7 15.97 4.14 3.74
C PRO A 7 16.45 2.73 3.50
N PHE A 8 17.65 2.64 2.87
CA PHE A 8 18.47 1.54 2.34
C PHE A 8 18.46 1.60 0.82
N PHE A 9 17.62 0.76 0.23
CA PHE A 9 17.60 0.40 -1.19
C PHE A 9 17.16 1.56 -2.09
N PHE A 10 17.17 1.34 -3.40
CA PHE A 10 16.33 2.11 -4.30
C PHE A 10 15.10 1.31 -4.66
N THR A 11 14.04 2.04 -5.01
CA THR A 11 12.77 1.47 -5.41
C THR A 11 12.28 2.29 -6.60
N ASN A 12 11.62 1.63 -7.53
CA ASN A 12 10.94 2.30 -8.64
C ASN A 12 9.77 3.14 -8.13
N ASN A 13 9.23 3.98 -9.02
CA ASN A 13 8.28 5.03 -8.62
C ASN A 13 6.88 4.47 -8.35
N ASP A 14 6.80 3.56 -7.36
CA ASP A 14 5.54 2.99 -6.92
C ASP A 14 5.48 2.88 -5.40
N TYR A 15 6.40 3.49 -4.68
CA TYR A 15 6.50 3.35 -3.23
C TYR A 15 5.95 4.56 -2.47
N SER A 16 6.00 5.75 -3.06
CA SER A 16 5.66 6.98 -2.38
C SER A 16 4.15 7.06 -2.13
N THR A 17 3.77 7.72 -1.04
CA THR A 17 2.37 7.90 -0.67
C THR A 17 2.08 9.40 -0.66
N ASP A 18 0.81 9.74 -0.38
CA ASP A 18 0.34 11.12 -0.44
C ASP A 18 -0.29 11.53 0.90
N THR A 19 0.41 11.22 2.00
CA THR A 19 -0.08 11.53 3.33
C THR A 19 0.08 13.04 3.60
N SER A 20 -0.92 13.79 3.17
CA SER A 20 -0.92 15.25 3.26
C SER A 20 -2.28 15.76 3.72
N ILE A 21 -2.39 17.08 3.83
CA ILE A 21 -3.69 17.69 4.10
C ILE A 21 -4.46 17.83 2.80
N LYS A 22 -5.65 17.27 2.75
CA LYS A 22 -6.45 17.18 1.54
C LYS A 22 -7.29 18.44 1.35
N TYR A 23 -7.71 18.67 0.11
CA TYR A 23 -8.51 19.83 -0.23
C TYR A 23 -9.92 19.40 -0.64
N GLN A 24 -10.89 20.28 -0.42
CA GLN A 24 -12.30 19.87 -0.31
C GLN A 24 -13.24 21.02 -0.65
N ALA A 25 -14.36 20.72 -1.34
CA ALA A 25 -15.08 21.76 -2.07
C ALA A 25 -16.47 22.03 -1.51
N SER A 26 -17.19 20.98 -1.08
CA SER A 26 -18.56 21.00 -0.58
C SER A 26 -19.57 21.54 -1.57
N LEU A 27 -19.78 20.81 -2.66
CA LEU A 27 -20.66 21.21 -3.75
C LEU A 27 -21.94 20.37 -3.88
N PRO A 28 -23.05 20.96 -4.36
CA PRO A 28 -24.32 20.23 -4.48
C PRO A 28 -24.37 19.27 -5.66
N PHE A 29 -25.58 18.76 -5.94
CA PHE A 29 -25.80 17.81 -7.03
C PHE A 29 -25.78 18.48 -8.40
N ASN A 30 -25.99 17.67 -9.44
CA ASN A 30 -25.75 17.99 -10.87
C ASN A 30 -24.30 18.37 -11.12
N TRP A 31 -23.40 17.86 -10.28
CA TRP A 31 -21.96 17.93 -10.47
C TRP A 31 -21.43 16.61 -9.94
N HIS A 32 -20.29 16.15 -10.44
CA HIS A 32 -19.89 14.76 -10.21
C HIS A 32 -18.92 14.55 -9.04
N GLU A 33 -17.74 15.16 -9.08
CA GLU A 33 -16.55 14.79 -8.30
C GLU A 33 -16.24 13.30 -8.34
N VAL A 34 -15.79 12.81 -9.49
CA VAL A 34 -15.16 11.50 -9.60
C VAL A 34 -13.71 11.69 -10.01
N MET A 35 -12.80 11.03 -9.30
CA MET A 35 -11.38 11.15 -9.59
C MET A 35 -10.96 10.14 -10.66
N ASN A 36 -10.06 10.54 -11.54
CA ASN A 36 -9.55 9.63 -12.57
C ASN A 36 -8.05 9.69 -12.82
N ASN A 37 -7.36 10.76 -12.40
CA ASN A 37 -5.93 10.81 -12.62
C ASN A 37 -5.13 10.82 -11.31
N ASP A 38 -5.79 10.90 -10.17
CA ASP A 38 -5.28 11.00 -8.78
C ASP A 38 -4.51 12.32 -8.73
N GLU A 39 -4.93 13.34 -9.49
CA GLU A 39 -4.42 14.70 -9.35
C GLU A 39 -5.55 15.68 -9.07
N TRP A 40 -6.57 15.71 -9.91
CA TRP A 40 -7.71 16.58 -9.70
C TRP A 40 -8.89 15.77 -9.15
N VAL A 41 -10.03 16.44 -9.01
CA VAL A 41 -11.33 15.78 -8.87
C VAL A 41 -12.20 16.18 -10.06
N TYR A 42 -12.36 15.24 -10.99
CA TYR A 42 -12.73 15.50 -12.37
C TYR A 42 -14.25 15.59 -12.47
N GLN A 43 -14.73 16.62 -13.19
CA GLN A 43 -16.15 16.91 -13.18
C GLN A 43 -16.61 17.32 -14.57
N TYR A 44 -17.48 16.51 -15.17
CA TYR A 44 -18.39 16.95 -16.23
C TYR A 44 -19.81 16.74 -15.73
N PRO A 45 -20.65 17.76 -15.80
CA PRO A 45 -21.90 17.78 -15.01
C PRO A 45 -23.00 16.96 -15.67
N ILE A 46 -24.21 17.13 -15.11
CA ILE A 46 -25.39 16.35 -15.47
C ILE A 46 -26.33 17.24 -16.27
N GLY A 47 -26.85 16.71 -17.38
CA GLY A 47 -27.82 17.43 -18.19
C GLY A 47 -27.17 18.54 -18.97
N LYS A 48 -26.26 18.16 -19.87
CA LYS A 48 -25.36 19.10 -20.52
C LYS A 48 -25.53 19.06 -22.04
N PHE A 49 -24.84 20.00 -22.68
CA PHE A 49 -24.37 19.86 -24.05
C PHE A 49 -22.97 20.45 -24.00
N VAL A 50 -21.97 19.60 -23.77
CA VAL A 50 -20.63 20.08 -23.49
C VAL A 50 -20.02 20.64 -24.75
N GLU A 51 -19.37 21.80 -24.64
CA GLU A 51 -18.73 22.46 -25.77
C GLU A 51 -17.51 21.65 -26.20
N ARG A 52 -16.88 22.06 -27.31
CA ARG A 52 -15.69 21.40 -27.82
C ARG A 52 -14.48 21.61 -26.90
N GLN A 53 -14.60 22.51 -25.92
CA GLN A 53 -13.61 22.84 -24.89
C GLN A 53 -12.34 23.37 -25.53
N GLY A 54 -12.44 24.56 -26.12
CA GLY A 54 -11.34 25.20 -26.81
C GLY A 54 -10.40 25.91 -25.86
N TRP A 55 -10.18 27.19 -26.14
CA TRP A 55 -9.29 28.01 -25.33
C TRP A 55 -9.80 28.15 -23.90
N LYS A 56 -8.88 28.02 -22.95
CA LYS A 56 -9.21 27.83 -21.55
C LYS A 56 -8.89 29.08 -20.74
N ILE A 57 -9.49 29.18 -19.56
CA ILE A 57 -9.26 30.32 -18.68
C ILE A 57 -8.57 29.74 -17.44
N HIS A 58 -7.80 30.55 -16.71
CA HIS A 58 -6.97 29.99 -15.64
C HIS A 58 -6.95 30.94 -14.45
N ILE A 59 -6.88 30.36 -13.25
CA ILE A 59 -6.86 31.09 -11.98
C ILE A 59 -5.76 30.47 -11.11
N SER A 60 -5.04 31.31 -10.38
CA SER A 60 -3.87 30.85 -9.62
C SER A 60 -4.04 31.16 -8.14
N SER A 61 -3.18 30.56 -7.32
CA SER A 61 -3.28 30.66 -5.86
C SER A 61 -1.95 30.66 -5.14
N GLU A 62 -1.97 31.08 -3.87
CA GLU A 62 -0.78 31.20 -3.03
C GLU A 62 -0.99 30.40 -1.76
N TYR A 63 0.12 29.92 -1.19
CA TYR A 63 0.06 29.02 -0.03
C TYR A 63 -0.30 29.73 1.28
N ASN A 64 -0.30 31.06 1.30
CA ASN A 64 -0.45 31.80 2.56
C ASN A 64 -1.84 31.62 3.16
N SER A 65 -2.88 31.61 2.33
CA SER A 65 -4.25 31.61 2.81
C SER A 65 -5.20 30.75 1.99
N SER A 66 -4.71 29.70 1.32
CA SER A 66 -5.54 28.94 0.38
C SER A 66 -6.32 27.82 1.10
N HIS A 67 -7.03 28.21 2.15
CA HIS A 67 -8.16 27.45 2.69
C HIS A 67 -9.38 28.37 2.57
N GLU A 68 -9.19 29.49 1.87
CA GLU A 68 -10.21 30.52 1.82
C GLU A 68 -10.49 30.93 0.38
N LEU A 69 -9.56 30.63 -0.53
CA LEU A 69 -9.83 30.83 -1.95
C LEU A 69 -10.82 29.79 -2.48
N LEU A 70 -10.61 28.52 -2.11
CA LEU A 70 -11.39 27.43 -2.68
C LEU A 70 -12.84 27.47 -2.24
N GLN A 71 -13.09 27.85 -0.99
CA GLN A 71 -14.47 27.90 -0.47
C GLN A 71 -15.25 29.01 -1.14
N ASP A 72 -14.59 30.15 -1.42
CA ASP A 72 -15.24 31.22 -2.14
C ASP A 72 -15.39 30.92 -3.63
N VAL A 73 -14.50 30.13 -4.20
CA VAL A 73 -14.67 29.71 -5.59
C VAL A 73 -15.80 28.69 -5.73
N ALA A 74 -15.98 27.84 -4.71
CA ALA A 74 -17.01 26.79 -4.78
C ALA A 74 -18.42 27.36 -4.72
N LYS A 75 -18.59 28.53 -4.09
CA LYS A 75 -19.90 29.14 -4.02
C LYS A 75 -20.25 29.94 -5.28
N ILE A 76 -19.34 29.99 -6.25
CA ILE A 76 -19.69 30.53 -7.55
C ILE A 76 -20.42 29.48 -8.38
N CYS A 77 -20.23 28.20 -8.04
CA CYS A 77 -20.75 27.10 -8.84
C CYS A 77 -22.25 26.89 -8.73
N HIS A 78 -22.92 27.53 -7.77
CA HIS A 78 -24.36 27.39 -7.65
C HIS A 78 -25.08 28.09 -8.80
N GLU A 79 -24.51 29.19 -9.29
CA GLU A 79 -25.01 29.83 -10.50
C GLU A 79 -24.13 29.40 -11.67
N MET A 80 -24.78 29.09 -12.80
CA MET A 80 -24.18 28.86 -14.14
C MET A 80 -23.41 27.53 -14.18
N ARG A 81 -23.05 27.07 -15.37
CA ARG A 81 -22.30 25.84 -15.60
C ARG A 81 -20.81 26.15 -15.76
N ILE A 82 -19.98 25.32 -15.14
CA ILE A 82 -18.53 25.42 -15.23
C ILE A 82 -17.91 24.07 -14.91
N PRO A 83 -16.84 23.65 -15.60
CA PRO A 83 -16.11 22.44 -15.17
C PRO A 83 -15.21 22.68 -13.96
N PHE A 84 -15.83 22.69 -12.78
CA PHE A 84 -15.11 22.91 -11.54
C PHE A 84 -14.24 21.72 -11.16
N LYS A 85 -12.93 21.94 -11.03
CA LYS A 85 -12.02 20.94 -10.48
C LYS A 85 -10.81 21.60 -9.83
N HIS A 86 -10.47 21.15 -8.62
CA HIS A 86 -9.30 21.64 -7.90
C HIS A 86 -8.27 20.52 -7.76
N LEU A 87 -7.15 20.80 -7.07
CA LEU A 87 -6.11 19.81 -6.84
C LEU A 87 -6.46 18.96 -5.63
N SER A 88 -5.75 17.85 -5.47
CA SER A 88 -6.10 16.88 -4.45
C SER A 88 -5.59 17.23 -3.06
N THR A 89 -4.28 17.27 -2.88
CA THR A 89 -3.69 17.56 -1.57
C THR A 89 -2.68 18.68 -1.71
N GLU A 90 -2.10 19.08 -0.57
CA GLU A 90 -1.14 20.17 -0.59
C GLU A 90 0.22 19.71 -1.11
N ASP A 91 0.47 18.40 -1.14
CA ASP A 91 1.72 17.89 -1.69
C ASP A 91 1.83 18.17 -3.18
N LYS A 92 0.73 17.99 -3.90
CA LYS A 92 0.70 18.37 -5.31
C LYS A 92 0.69 19.87 -5.49
N PHE A 93 0.28 20.64 -4.48
CA PHE A 93 0.40 22.09 -4.54
C PHE A 93 1.85 22.53 -4.44
N ILE A 94 2.59 21.91 -3.51
CA ILE A 94 4.01 22.19 -3.31
C ILE A 94 4.81 21.77 -4.55
N MET A 95 4.52 20.57 -5.05
CA MET A 95 5.24 20.08 -6.22
C MET A 95 4.85 20.83 -7.48
N ARG A 96 3.60 21.30 -7.55
CA ARG A 96 3.13 21.94 -8.78
C ARG A 96 3.67 23.36 -8.90
N ASN A 97 3.92 24.02 -7.76
CA ASN A 97 4.30 25.42 -7.73
C ASN A 97 5.69 25.66 -7.17
N GLY A 98 6.55 24.63 -7.19
CA GLY A 98 7.79 24.71 -6.44
C GLY A 98 9.09 24.67 -7.21
N LYS A 99 9.83 23.57 -7.02
CA LYS A 99 11.27 23.60 -7.26
C LYS A 99 11.63 23.41 -8.72
N LEU A 100 11.26 22.26 -9.31
CA LEU A 100 11.85 21.86 -10.58
C LEU A 100 10.86 21.60 -11.70
N VAL A 101 9.56 21.80 -11.51
CA VAL A 101 8.61 21.43 -12.55
C VAL A 101 8.58 22.49 -13.65
N SER A 102 7.94 22.13 -14.76
CA SER A 102 7.92 22.97 -15.96
C SER A 102 7.05 24.20 -15.75
N ARG A 103 7.23 25.18 -16.65
CA ARG A 103 6.50 26.43 -16.54
C ARG A 103 5.04 26.27 -16.94
N GLY A 104 4.75 25.28 -17.80
CA GLY A 104 3.37 25.02 -18.17
C GLY A 104 2.54 24.50 -17.02
N PHE A 105 3.09 23.57 -16.25
CA PHE A 105 2.44 23.04 -15.05
C PHE A 105 2.90 23.79 -13.80
N SER A 106 2.60 25.09 -13.75
CA SER A 106 2.90 25.92 -12.60
C SER A 106 1.85 27.02 -12.52
N GLY A 107 1.33 27.26 -11.32
CA GLY A 107 0.29 28.24 -11.09
C GLY A 107 -1.10 27.66 -11.13
N LYS A 108 -1.29 26.51 -11.76
CA LYS A 108 -2.61 25.88 -11.83
C LYS A 108 -2.95 25.21 -10.51
N PHE A 109 -4.02 25.71 -9.88
CA PHE A 109 -4.53 25.10 -8.66
C PHE A 109 -6.03 24.91 -8.73
N ILE A 110 -6.72 25.81 -9.43
CA ILE A 110 -8.16 25.72 -9.61
C ILE A 110 -8.47 25.97 -11.07
N THR A 111 -9.56 25.40 -11.54
CA THR A 111 -9.78 25.28 -12.98
C THR A 111 -11.19 25.71 -13.35
N CYS A 112 -11.26 26.62 -14.32
CA CYS A 112 -12.51 26.90 -15.02
C CYS A 112 -12.23 26.71 -16.51
N TYR A 113 -13.21 26.17 -17.22
CA TYR A 113 -13.13 25.96 -18.66
C TYR A 113 -14.28 26.67 -19.33
N PRO A 114 -14.01 27.67 -20.19
CA PRO A 114 -15.04 28.31 -21.00
C PRO A 114 -15.57 27.40 -22.11
N GLU A 118 -21.00 30.43 -25.07
CA GLU A 118 -21.29 29.45 -24.04
C GLU A 118 -21.64 30.18 -22.73
N LEU A 119 -21.02 31.34 -22.53
CA LEU A 119 -21.25 32.13 -21.34
C LEU A 119 -21.05 33.60 -21.72
N GLU A 120 -21.29 34.48 -20.75
CA GLU A 120 -21.10 35.91 -20.99
C GLU A 120 -19.66 36.35 -20.84
N SER A 121 -18.77 35.42 -20.46
CA SER A 121 -17.32 35.57 -20.31
C SER A 121 -16.94 36.58 -19.23
N VAL A 122 -17.88 36.90 -18.34
CA VAL A 122 -17.64 37.88 -17.28
C VAL A 122 -18.67 37.63 -16.18
N LEU A 123 -18.27 37.86 -14.93
CA LEU A 123 -19.16 37.84 -13.78
C LEU A 123 -18.51 38.67 -12.68
N GLN A 124 -19.30 39.58 -12.09
CA GLN A 124 -18.74 40.58 -11.18
C GLN A 124 -18.67 40.11 -9.74
N ARG A 125 -19.44 39.09 -9.36
CA ARG A 125 -19.50 38.70 -7.96
C ARG A 125 -18.31 37.83 -7.59
N LEU A 126 -17.70 37.16 -8.58
CA LEU A 126 -16.41 36.52 -8.35
C LEU A 126 -15.31 37.56 -8.23
N GLU A 127 -15.44 38.68 -8.95
CA GLU A 127 -14.47 39.76 -8.86
C GLU A 127 -14.61 40.52 -7.55
N SER A 128 -15.80 40.47 -6.94
CA SER A 128 -16.10 41.21 -5.72
C SER A 128 -15.75 40.44 -4.46
N ALA A 129 -15.75 39.10 -4.51
CA ALA A 129 -15.31 38.29 -3.39
C ALA A 129 -13.81 38.05 -3.41
N LEU A 130 -13.12 38.43 -4.49
CA LEU A 130 -11.69 38.26 -4.63
C LEU A 130 -11.02 39.59 -4.96
N LYS A 131 -9.76 39.52 -5.41
CA LYS A 131 -8.77 40.57 -5.70
C LYS A 131 -8.15 41.03 -4.37
N GLN A 132 -8.55 40.38 -3.27
CA GLN A 132 -7.76 40.42 -2.04
C GLN A 132 -6.64 39.38 -2.06
N TYR A 133 -6.52 38.60 -3.13
CA TYR A 133 -5.48 37.58 -3.25
C TYR A 133 -4.79 37.76 -4.59
N ASN A 134 -3.47 37.87 -4.57
CA ASN A 134 -2.67 38.03 -5.77
C ASN A 134 -1.29 37.41 -5.56
N GLY A 135 -0.80 36.73 -6.59
CA GLY A 135 0.43 35.98 -6.48
C GLY A 135 0.56 34.97 -7.61
N PRO A 136 1.36 33.88 -7.36
CA PRO A 136 1.85 32.89 -8.40
C PRO A 136 1.42 32.98 -9.86
N TYR A 137 1.81 34.08 -10.50
CA TYR A 137 1.39 34.36 -11.85
C TYR A 137 2.00 33.39 -12.85
N ILE A 138 1.23 33.06 -13.89
CA ILE A 138 1.71 32.17 -14.94
C ILE A 138 2.13 33.02 -16.13
N LEU A 139 3.33 32.75 -16.64
CA LEU A 139 3.86 33.50 -17.78
C LEU A 139 3.64 32.74 -19.08
N ARG A 143 -4.90 37.41 -20.69
CA ARG A 143 -5.22 38.77 -20.32
C ARG A 143 -6.58 39.18 -20.88
N TRP A 144 -7.61 39.14 -20.05
CA TRP A 144 -8.94 39.58 -20.48
C TRP A 144 -9.61 40.44 -19.41
N ASP A 145 -9.18 40.31 -18.16
CA ASP A 145 -9.83 41.00 -17.06
C ASP A 145 -8.84 41.27 -15.93
N GLU A 146 -9.39 41.66 -14.79
CA GLU A 146 -8.64 41.86 -13.54
C GLU A 146 -8.52 40.55 -12.79
N ALA A 147 -8.22 40.66 -11.48
CA ALA A 147 -8.06 39.60 -10.48
C ALA A 147 -6.88 38.70 -10.86
N PRO A 148 -6.62 37.57 -10.18
CA PRO A 148 -5.66 36.62 -10.76
C PRO A 148 -6.27 35.84 -11.91
N ILE A 149 -5.99 36.29 -13.13
CA ILE A 149 -6.21 35.55 -14.37
C ILE A 149 -4.98 35.72 -15.24
N TYR A 150 -4.32 34.62 -15.58
CA TYR A 150 -3.06 34.66 -16.34
C TYR A 150 -3.12 33.63 -17.49
N LEU A 151 -3.13 34.13 -18.71
CA LEU A 151 -3.06 33.27 -19.89
C LEU A 151 -1.72 33.40 -20.58
N PHE A 212 16.83 49.12 -16.62
CA PHE A 212 17.52 48.23 -15.70
C PHE A 212 18.95 48.70 -15.44
N PRO A 213 19.38 48.65 -14.17
CA PRO A 213 20.76 49.04 -13.82
C PRO A 213 21.80 47.97 -14.10
N PHE A 214 21.81 47.46 -15.33
CA PHE A 214 22.89 46.63 -15.85
C PHE A 214 23.13 46.93 -17.33
N ALA A 219 23.79 32.20 -17.48
CA ALA A 219 22.84 31.11 -17.59
C ALA A 219 23.54 29.77 -17.40
N ILE A 220 23.74 29.37 -16.14
CA ILE A 220 24.46 28.14 -15.85
C ILE A 220 23.52 27.11 -15.26
N ARG A 221 22.37 27.54 -14.73
CA ARG A 221 21.40 26.65 -14.11
C ARG A 221 20.01 27.27 -14.24
N PHE A 222 19.23 26.75 -15.19
CA PHE A 222 17.88 27.25 -15.42
C PHE A 222 16.91 26.61 -14.43
N SER A 223 15.91 27.38 -14.01
CA SER A 223 14.84 26.88 -13.16
C SER A 223 13.62 27.76 -13.34
N ASN A 224 12.45 27.21 -13.04
CA ASN A 224 11.22 28.01 -13.06
C ASN A 224 11.14 28.93 -11.86
N SER A 225 11.84 28.59 -10.78
CA SER A 225 11.83 29.43 -9.59
C SER A 225 12.63 30.71 -9.81
N GLY A 226 13.92 30.56 -10.09
CA GLY A 226 14.78 31.70 -10.33
C GLY A 226 15.80 31.43 -11.42
N GLY A 227 17.06 31.73 -11.14
CA GLY A 227 18.12 31.44 -12.08
C GLY A 227 19.41 32.12 -11.66
N ILE A 228 20.49 31.66 -12.27
CA ILE A 228 21.81 32.25 -12.05
C ILE A 228 22.41 32.58 -13.40
N TYR A 229 22.72 33.86 -13.60
CA TYR A 229 23.15 34.35 -14.90
C TYR A 229 24.47 35.10 -14.77
N ASN A 230 25.33 34.94 -15.77
CA ASN A 230 26.64 35.60 -15.77
C ASN A 230 26.53 37.10 -16.01
N LYS A 238 34.84 44.60 -12.75
CA LYS A 238 34.23 43.42 -12.15
C LYS A 238 33.04 42.91 -12.98
N LYS A 239 33.04 41.60 -13.24
CA LYS A 239 31.89 40.97 -13.85
C LYS A 239 31.00 40.35 -12.77
N ILE A 240 29.69 40.54 -12.91
CA ILE A 240 28.75 40.25 -11.84
C ILE A 240 27.90 39.03 -12.20
N ILE A 241 27.48 38.27 -11.18
CA ILE A 241 26.54 37.17 -11.34
C ILE A 241 25.16 37.70 -10.98
N LEU A 242 24.12 36.98 -11.42
CA LEU A 242 22.73 37.45 -11.28
C LEU A 242 21.90 36.37 -10.57
N LYS A 243 21.71 36.53 -9.27
CA LYS A 243 20.81 35.67 -8.52
C LYS A 243 19.45 36.36 -8.37
N GLU A 244 18.41 35.71 -8.88
CA GLU A 244 17.09 36.32 -8.96
C GLU A 244 16.03 35.35 -8.44
N ALA A 245 14.83 35.88 -8.20
CA ALA A 245 13.68 35.09 -7.77
C ALA A 245 12.37 35.84 -8.07
N ARG A 246 11.54 35.28 -8.95
CA ARG A 246 10.24 35.88 -9.19
C ARG A 246 9.33 35.58 -8.00
N PRO A 247 8.38 36.47 -7.68
CA PRO A 247 7.67 36.37 -6.39
C PRO A 247 6.76 35.16 -6.29
N TYR A 248 6.63 34.65 -5.06
CA TYR A 248 5.76 33.52 -4.70
C TYR A 248 6.08 32.24 -5.49
N THR A 249 7.30 31.72 -5.34
CA THR A 249 7.68 30.45 -5.95
C THR A 249 8.72 29.74 -5.07
N GLY A 250 9.06 28.52 -5.48
CA GLY A 250 10.08 27.73 -4.82
C GLY A 250 9.73 27.30 -3.41
N LEU A 251 8.50 26.83 -3.22
CA LEU A 251 8.05 26.43 -1.91
C LEU A 251 8.66 25.08 -1.52
N GLY A 252 9.06 24.98 -0.26
CA GLY A 252 9.63 23.75 0.26
C GLY A 252 8.63 23.08 1.18
N PHE A 253 9.11 22.07 1.91
CA PHE A 253 8.24 21.35 2.84
C PHE A 253 7.86 22.22 4.04
N ASP A 254 8.83 22.97 4.56
CA ASP A 254 8.55 24.09 5.47
C ASP A 254 8.25 25.28 4.57
N GLY A 255 7.34 26.14 5.00
CA GLY A 255 6.90 27.18 4.08
C GLY A 255 7.81 28.38 4.08
N THR A 256 8.77 28.37 3.15
CA THR A 256 9.70 29.47 2.90
C THR A 256 9.89 29.59 1.40
N TYR A 257 10.28 30.78 0.96
CA TYR A 257 10.39 31.02 -0.48
C TYR A 257 11.79 31.51 -0.82
N SER A 258 12.07 31.70 -2.12
CA SER A 258 13.40 32.12 -2.54
C SER A 258 13.63 33.59 -2.25
N SER A 259 12.62 34.44 -2.46
CA SER A 259 12.70 35.85 -2.11
C SER A 259 12.70 36.09 -0.61
N GLU A 260 12.29 35.09 0.18
CA GLU A 260 12.42 35.15 1.62
C GLU A 260 13.85 34.87 2.09
N LYS A 261 14.68 34.25 1.24
CA LYS A 261 16.08 33.99 1.57
C LYS A 261 17.05 34.92 0.84
N LEU A 262 16.60 35.62 -0.22
CA LEU A 262 17.41 36.71 -0.76
C LEU A 262 17.58 37.82 0.28
N ALA A 263 16.52 38.12 1.02
CA ALA A 263 16.63 39.06 2.13
C ALA A 263 17.51 38.51 3.25
N SER A 264 17.54 37.18 3.40
CA SER A 264 18.43 36.57 4.37
C SER A 264 19.89 36.77 4.00
N GLU A 265 20.24 36.65 2.71
CA GLU A 265 21.59 37.04 2.28
C GLU A 265 21.82 38.55 2.44
N CYS A 266 20.79 39.36 2.15
CA CYS A 266 20.92 40.82 2.26
C CYS A 266 21.18 41.26 3.70
N LYS A 267 20.76 40.45 4.67
CA LYS A 267 21.16 40.71 6.05
C LYS A 267 22.51 40.06 6.37
N ALA A 268 22.69 38.79 5.98
CA ALA A 268 23.81 37.97 6.42
C ALA A 268 25.14 38.33 5.79
N LEU A 269 25.16 39.08 4.70
CA LEU A 269 26.44 39.47 4.11
C LEU A 269 26.68 40.97 4.28
N LYS A 270 25.61 41.74 4.49
CA LYS A 270 25.80 43.14 4.85
C LYS A 270 26.10 43.30 6.34
N ILE A 271 25.89 42.25 7.12
CA ILE A 271 26.29 42.30 8.53
C ILE A 271 27.80 42.17 8.67
N LEU A 272 28.47 41.58 7.67
CA LEU A 272 29.92 41.41 7.68
C LEU A 272 30.48 41.70 6.28
N ASN A 273 30.97 42.92 6.11
CA ASN A 273 31.63 43.33 4.88
C ASN A 273 33.12 43.59 5.07
N GLU A 274 33.66 43.26 6.25
CA GLU A 274 35.06 43.56 6.54
C GLU A 274 35.99 42.61 5.79
N TRP A 275 35.56 41.36 5.59
CA TRP A 275 36.44 40.35 5.03
C TRP A 275 36.51 40.49 3.51
N SER A 276 37.65 40.04 2.96
CA SER A 276 37.89 40.09 1.53
C SER A 276 37.54 38.78 0.82
N GLU A 277 37.04 37.79 1.56
CA GLU A 277 36.74 36.46 1.01
C GLU A 277 35.23 36.35 0.82
N ALA A 278 34.56 37.51 0.78
CA ALA A 278 33.11 37.54 0.65
C ALA A 278 32.67 38.78 -0.13
N PRO A 279 31.70 38.65 -1.05
CA PRO A 279 31.40 39.76 -1.97
C PRO A 279 30.63 40.93 -1.37
N LYS A 280 30.24 41.87 -2.23
CA LYS A 280 29.54 43.09 -1.86
C LYS A 280 28.12 43.03 -2.40
N ILE A 281 27.14 43.39 -1.59
CA ILE A 281 25.75 43.24 -1.99
C ILE A 281 25.28 44.46 -2.77
N TYR A 282 24.81 44.22 -3.99
CA TYR A 282 24.16 45.25 -4.80
C TYR A 282 22.74 44.84 -5.19
N TRP A 283 21.72 45.22 -4.41
CA TRP A 283 20.36 45.14 -4.92
C TRP A 283 20.14 46.39 -5.77
N HIS A 284 19.94 46.16 -7.06
CA HIS A 284 19.94 47.25 -8.02
C HIS A 284 18.55 47.81 -8.24
N GLY A 285 17.52 46.95 -8.21
CA GLY A 285 16.18 47.39 -8.48
C GLY A 285 15.21 46.25 -8.66
N LYS A 286 13.97 46.43 -8.20
CA LYS A 286 12.91 45.45 -8.40
C LYS A 286 12.11 45.84 -9.64
N ILE A 287 12.68 45.50 -10.80
CA ILE A 287 12.06 45.85 -12.08
C ILE A 287 10.95 44.82 -12.35
N TRP A 288 9.80 45.30 -12.86
CA TRP A 288 8.47 44.71 -12.57
C TRP A 288 8.38 44.63 -11.05
N GLU A 289 8.19 43.44 -10.47
CA GLU A 289 8.42 43.22 -9.05
C GLU A 289 9.19 41.91 -8.93
N HIS A 290 10.51 41.98 -9.04
CA HIS A 290 11.38 40.82 -9.03
C HIS A 290 12.55 41.09 -8.09
N THR A 291 12.75 40.20 -7.11
CA THR A 291 13.83 40.37 -6.16
C THR A 291 15.15 39.93 -6.76
N PHE A 292 16.12 40.85 -6.80
CA PHE A 292 17.42 40.61 -7.39
C PHE A 292 18.52 40.73 -6.34
N LEU A 293 19.57 39.95 -6.49
CA LEU A 293 20.77 40.06 -5.67
C LEU A 293 21.96 39.73 -6.56
N GLY A 294 22.81 40.71 -6.78
CA GLY A 294 23.95 40.53 -7.68
C GLY A 294 25.27 40.74 -6.96
N ILE A 295 26.12 39.72 -7.03
CA ILE A 295 27.43 39.74 -6.39
C ILE A 295 28.48 39.46 -7.46
N GLU A 296 29.69 39.99 -7.26
CA GLU A 296 30.74 39.89 -8.25
C GLU A 296 31.31 38.48 -8.32
N HIS A 297 32.01 38.18 -9.41
CA HIS A 297 32.61 36.87 -9.62
C HIS A 297 33.90 36.74 -8.79
N MET A 298 33.91 35.82 -7.84
CA MET A 298 35.10 35.56 -7.05
C MET A 298 36.07 34.70 -7.85
N LYS A 299 37.32 34.63 -7.40
CA LYS A 299 38.35 33.86 -8.08
C LYS A 299 38.77 32.69 -7.21
N GLY A 300 38.85 31.51 -7.82
CA GLY A 300 39.26 30.32 -7.10
C GLY A 300 38.87 29.08 -7.88
N VAL A 301 39.26 27.93 -7.34
CA VAL A 301 38.90 26.64 -7.93
C VAL A 301 38.11 25.85 -6.90
N PRO A 302 37.19 24.96 -7.32
CA PRO A 302 36.55 24.05 -6.36
C PRO A 302 37.59 23.12 -5.75
N LEU A 303 37.34 22.73 -4.50
CA LEU A 303 38.36 22.00 -3.76
C LEU A 303 38.44 20.55 -4.24
N ASN A 304 37.37 20.05 -4.87
CA ASN A 304 37.38 18.71 -5.46
C ASN A 304 38.41 18.60 -6.58
N ARG A 305 38.44 19.60 -7.48
CA ARG A 305 39.40 19.59 -8.57
C ARG A 305 40.83 19.79 -8.05
N TRP A 306 40.99 20.54 -6.96
CA TRP A 306 42.29 20.68 -6.32
C TRP A 306 42.77 19.36 -5.71
N VAL A 307 41.85 18.58 -5.11
CA VAL A 307 42.22 17.28 -4.57
C VAL A 307 42.59 16.31 -5.68
N THR A 308 41.77 16.20 -6.73
CA THR A 308 42.08 15.24 -7.80
C THR A 308 43.23 15.70 -8.67
N ASN A 309 43.60 16.99 -8.61
CA ASN A 309 44.82 17.43 -9.28
C ASN A 309 46.02 17.43 -8.35
N ASN A 310 45.85 17.17 -7.06
CA ASN A 310 46.99 17.29 -6.15
C ASN A 310 47.16 16.14 -5.16
N PHE A 311 46.21 15.18 -5.08
CA PHE A 311 46.42 14.03 -4.21
C PHE A 311 47.50 13.12 -4.80
N PRO A 312 48.31 12.47 -3.95
CA PRO A 312 49.32 11.52 -4.44
C PRO A 312 48.70 10.21 -4.95
N LEU A 313 48.07 10.28 -6.12
CA LEU A 313 47.53 9.07 -6.75
C LEU A 313 48.66 8.19 -7.25
N TYR A 314 49.49 8.73 -8.13
CA TYR A 314 50.72 8.07 -8.57
C TYR A 314 51.77 8.38 -7.51
N GLU A 315 52.66 7.42 -7.24
CA GLU A 315 53.44 7.50 -6.01
C GLU A 315 54.62 8.46 -6.08
N VAL A 316 54.90 9.06 -7.24
CA VAL A 316 56.08 9.91 -7.34
C VAL A 316 55.69 11.34 -7.73
N VAL A 317 54.38 11.64 -7.77
CA VAL A 317 53.93 12.94 -8.23
C VAL A 317 54.19 14.01 -7.17
N ASP A 318 54.38 13.58 -5.92
CA ASP A 318 54.67 14.53 -4.84
C ASP A 318 56.07 15.12 -4.99
N LYS A 319 56.25 16.31 -4.43
CA LYS A 319 57.48 17.08 -4.55
C LYS A 319 58.40 16.80 -3.36
N THR A 320 58.65 15.50 -3.13
CA THR A 320 59.41 14.97 -1.99
C THR A 320 58.83 15.49 -0.67
N LYS A 321 57.62 15.00 -0.38
CA LYS A 321 56.73 15.37 0.72
C LYS A 321 56.19 16.77 0.53
N ASP A 322 55.90 17.45 1.65
CA ASP A 322 55.30 18.80 1.69
C ASP A 322 53.94 18.84 0.97
N TYR A 323 53.04 17.98 1.40
CA TYR A 323 51.62 18.05 1.07
C TYR A 323 50.73 17.93 2.29
N LEU A 324 51.12 17.15 3.28
CA LEU A 324 50.38 17.13 4.53
C LEU A 324 50.63 18.41 5.32
N LEU A 325 51.72 19.11 5.01
CA LEU A 325 51.88 20.49 5.49
C LEU A 325 51.00 21.45 4.70
N ARG A 326 50.75 21.15 3.41
CA ARG A 326 49.81 21.96 2.64
C ARG A 326 48.37 21.75 3.10
N VAL A 327 48.08 20.60 3.72
CA VAL A 327 46.82 20.40 4.43
C VAL A 327 46.65 21.38 5.57
N SER A 328 47.75 21.75 6.24
CA SER A 328 47.68 22.62 7.40
C SER A 328 47.32 24.06 7.04
N LYS A 329 47.40 24.44 5.76
CA LYS A 329 46.86 25.74 5.38
C LYS A 329 45.33 25.75 5.42
N ILE A 330 44.71 24.74 4.81
CA ILE A 330 43.26 24.59 4.80
C ILE A 330 42.71 24.27 6.20
N VAL A 331 43.42 23.51 7.01
CA VAL A 331 42.92 23.08 8.31
C VAL A 331 43.34 24.08 9.41
N GLU A 332 43.91 25.22 9.01
CA GLU A 332 44.07 26.33 9.93
C GLU A 332 43.26 27.55 9.53
N LYS A 333 43.20 27.87 8.24
CA LYS A 333 42.46 29.03 7.77
C LYS A 333 40.96 28.87 8.02
N LEU A 334 40.43 27.67 7.77
CA LEU A 334 39.00 27.43 7.95
C LEU A 334 38.61 27.45 9.42
N ILE A 335 39.45 26.92 10.30
CA ILE A 335 39.16 26.98 11.73
C ILE A 335 39.29 28.42 12.25
N ASP A 336 40.31 29.14 11.81
CA ASP A 336 40.53 30.52 12.23
C ASP A 336 39.50 31.49 11.65
N LEU A 337 38.77 31.09 10.61
CA LEU A 337 37.72 31.92 10.04
C LEU A 337 36.33 31.55 10.59
N THR A 338 36.11 30.29 10.98
CA THR A 338 34.76 29.86 11.32
C THR A 338 34.34 30.31 12.71
N ASN A 339 35.30 30.64 13.58
CA ASN A 339 34.94 31.10 14.91
C ASN A 339 34.71 32.59 14.95
N LYS A 340 34.98 33.30 13.86
CA LYS A 340 34.92 34.75 13.89
C LYS A 340 33.58 35.28 13.36
N PHE A 341 32.83 34.48 12.59
CA PHE A 341 31.45 34.85 12.29
C PHE A 341 30.45 34.22 13.25
N HIS A 342 30.91 33.45 14.23
CA HIS A 342 30.08 33.03 15.34
C HIS A 342 30.00 34.08 16.44
N SER A 343 30.76 35.16 16.30
CA SER A 343 30.65 36.32 17.19
C SER A 343 29.88 37.45 16.54
N GLU A 344 29.20 37.19 15.43
CA GLU A 344 28.39 38.19 14.74
C GLU A 344 26.93 37.73 14.63
N ASN A 345 26.57 36.72 15.41
CA ASN A 345 25.23 36.13 15.53
C ASN A 345 24.71 35.65 14.18
N VAL A 346 25.59 35.11 13.35
CA VAL A 346 25.25 34.62 12.01
C VAL A 346 25.77 33.20 11.88
N TYR A 347 24.94 32.29 11.36
CA TYR A 347 25.33 30.90 11.16
C TYR A 347 24.98 30.51 9.73
N HIS A 348 25.96 29.98 9.01
CA HIS A 348 25.86 29.79 7.57
C HIS A 348 25.07 28.55 7.16
N GLN A 349 25.19 27.45 7.92
CA GLN A 349 24.31 26.28 7.87
C GLN A 349 24.34 25.48 6.57
N ASP A 350 25.17 25.85 5.61
CA ASP A 350 25.25 25.15 4.32
C ASP A 350 26.72 25.00 3.93
N LEU A 351 27.37 23.95 4.41
CA LEU A 351 28.82 23.86 4.26
C LEU A 351 29.17 22.57 3.53
N HIS A 352 29.42 22.69 2.22
CA HIS A 352 29.87 21.60 1.38
C HIS A 352 30.97 22.09 0.45
N LEU A 353 31.40 21.21 -0.45
CA LEU A 353 32.62 21.42 -1.23
C LEU A 353 32.41 22.27 -2.48
N GLY A 354 31.17 22.67 -2.76
CA GLY A 354 30.93 23.64 -3.81
C GLY A 354 30.96 25.06 -3.31
N ASN A 355 31.30 25.29 -2.04
CA ASN A 355 31.35 26.61 -1.44
C ASN A 355 32.78 27.08 -1.22
N ILE A 356 33.64 26.22 -0.68
CA ILE A 356 35.02 26.62 -0.43
C ILE A 356 35.78 26.64 -1.74
N LEU A 357 36.14 27.83 -2.20
CA LEU A 357 36.87 27.99 -3.44
C LEU A 357 38.27 28.48 -3.11
N VAL A 358 39.28 27.74 -3.59
CA VAL A 358 40.67 28.00 -3.24
C VAL A 358 41.30 28.82 -4.36
N LYS A 359 41.78 30.01 -4.02
CA LYS A 359 42.44 30.90 -4.96
C LYS A 359 43.87 30.43 -5.22
N ASP A 360 44.54 31.11 -6.14
CA ASP A 360 45.97 30.90 -6.32
C ASP A 360 46.73 31.36 -5.09
N GLU A 361 47.79 30.61 -4.76
CA GLU A 361 48.53 30.69 -3.50
C GLU A 361 47.53 30.50 -2.36
N ASP A 362 46.78 29.39 -2.45
CA ASP A 362 45.91 28.74 -1.44
C ASP A 362 45.15 29.71 -0.52
N GLU A 363 44.38 30.59 -1.14
CA GLU A 363 43.52 31.52 -0.42
C GLU A 363 42.07 31.05 -0.54
N ILE A 364 41.38 30.96 0.60
CA ILE A 364 40.05 30.35 0.62
C ILE A 364 38.98 31.41 0.38
N SER A 365 37.78 30.96 0.01
CA SER A 365 36.65 31.85 -0.28
C SER A 365 35.37 31.05 -0.10
N ILE A 366 34.39 31.63 0.61
CA ILE A 366 33.12 30.95 0.87
C ILE A 366 32.02 31.63 0.06
N ILE A 367 31.01 30.88 -0.35
CA ILE A 367 29.92 31.39 -1.18
C ILE A 367 28.63 30.71 -0.74
N ASP A 368 27.50 31.13 -1.33
CA ASP A 368 26.16 30.57 -1.12
C ASP A 368 25.66 30.65 0.33
N TRP A 369 25.35 31.85 0.79
CA TRP A 369 24.86 32.11 2.15
C TRP A 369 23.32 32.13 2.20
N GLU A 370 22.68 31.29 1.38
CA GLU A 370 21.22 31.28 1.24
C GLU A 370 20.49 30.70 2.44
N GLN A 371 21.18 30.05 3.36
CA GLN A 371 20.49 29.32 4.43
C GLN A 371 20.95 29.82 5.80
N ALA A 372 21.06 31.14 5.94
CA ALA A 372 21.57 31.74 7.17
C ALA A 372 20.42 32.06 8.12
N VAL A 373 20.47 31.49 9.32
CA VAL A 373 19.49 31.78 10.36
C VAL A 373 20.15 32.70 11.39
N PHE A 374 19.44 33.75 11.78
CA PHE A 374 19.98 34.76 12.68
C PHE A 374 19.50 34.50 14.11
N SER A 375 19.71 33.26 14.55
CA SER A 375 19.27 32.88 15.89
C SER A 375 20.13 31.73 16.38
N ASN A 376 20.14 31.56 17.70
CA ASN A 376 21.02 30.54 18.28
C ASN A 376 20.23 29.59 19.17
N ASP A 377 19.20 30.08 19.86
CA ASP A 377 18.45 29.28 20.82
C ASP A 377 17.36 28.43 20.16
N GLU A 378 17.08 28.68 18.88
CA GLU A 378 16.13 27.86 18.15
C GLU A 378 16.84 26.59 17.67
N LYS A 379 16.09 25.64 17.11
CA LYS A 379 16.70 24.42 16.61
C LYS A 379 16.07 24.10 15.26
N VAL A 380 16.93 23.94 14.25
CA VAL A 380 16.49 23.72 12.88
C VAL A 380 17.07 22.39 12.41
N VAL A 381 16.22 21.55 11.85
CA VAL A 381 16.65 20.33 11.18
C VAL A 381 16.92 20.69 9.71
N HIS A 382 18.07 20.21 9.21
CA HIS A 382 18.63 20.59 7.93
C HIS A 382 17.70 20.16 6.78
N LYS A 383 17.52 21.07 5.82
CA LYS A 383 16.48 20.87 4.81
C LYS A 383 17.07 20.68 3.42
N VAL A 384 17.92 21.59 2.96
CA VAL A 384 18.56 21.48 1.65
C VAL A 384 20.06 21.56 1.84
N ALA A 385 20.78 20.58 1.27
CA ALA A 385 22.23 20.57 1.27
C ALA A 385 22.70 19.80 0.03
N ALA A 386 24.01 19.59 -0.05
CA ALA A 386 24.63 18.74 -1.04
C ALA A 386 24.68 17.32 -0.51
N PRO A 387 24.83 16.31 -1.41
CA PRO A 387 24.98 14.92 -0.92
C PRO A 387 26.24 14.71 -0.07
N GLY A 388 26.07 14.46 1.22
CA GLY A 388 27.16 14.05 2.07
C GLY A 388 27.19 14.66 3.47
N PHE A 389 26.60 15.84 3.68
CA PHE A 389 26.85 16.60 4.89
C PHE A 389 25.59 17.04 5.61
N ARG A 390 24.49 16.32 5.45
CA ARG A 390 23.26 16.67 6.15
C ARG A 390 23.33 16.20 7.60
N ALA A 391 22.82 17.02 8.52
CA ALA A 391 22.84 16.71 9.93
C ALA A 391 21.83 15.60 10.25
N TRP A 392 21.90 15.13 11.48
CA TRP A 392 21.15 13.93 11.90
C TRP A 392 20.36 14.24 13.16
N ARG A 393 19.04 14.39 13.02
CA ARG A 393 18.06 14.47 14.10
C ARG A 393 18.32 15.60 15.09
N GLU A 394 18.28 16.85 14.62
CA GLU A 394 18.08 18.08 15.41
C GLU A 394 19.27 18.47 16.29
N THR A 395 19.74 19.71 16.14
CA THR A 395 20.83 20.22 16.95
C THR A 395 20.79 21.74 16.89
N LEU A 396 21.54 22.37 17.79
CA LEU A 396 21.65 23.82 17.82
C LEU A 396 22.43 24.29 16.60
N PRO A 397 22.07 25.43 16.00
CA PRO A 397 22.63 25.79 14.69
C PRO A 397 24.09 26.23 14.70
N SER A 398 24.76 26.26 15.86
CA SER A 398 26.21 26.36 15.84
C SER A 398 26.83 25.06 15.34
N GLU A 399 26.19 23.92 15.64
CA GLU A 399 26.70 22.63 15.23
C GLU A 399 26.53 22.36 13.73
N ILE A 400 25.65 23.07 13.05
CA ILE A 400 25.36 22.82 11.64
C ILE A 400 26.34 23.64 10.79
N ASP A 401 27.30 24.28 11.46
CA ASP A 401 28.45 24.86 10.79
C ASP A 401 29.76 24.25 11.24
N TRP A 402 29.82 23.62 12.42
CA TRP A 402 30.98 22.86 12.83
C TRP A 402 31.00 21.45 12.27
N TYR A 403 29.83 20.87 11.95
CA TYR A 403 29.77 19.58 11.28
C TYR A 403 30.40 19.66 9.89
N GLY A 404 30.19 20.79 9.21
CA GLY A 404 30.84 20.99 7.92
C GLY A 404 32.35 21.09 8.02
N ILE A 405 32.86 21.84 9.00
CA ILE A 405 34.30 21.95 9.20
C ILE A 405 34.91 20.63 9.65
N ARG A 406 34.14 19.79 10.35
CA ARG A 406 34.59 18.43 10.62
C ARG A 406 34.71 17.62 9.33
N GLN A 407 33.62 17.49 8.58
CA GLN A 407 33.59 16.55 7.47
C GLN A 407 34.14 17.13 6.16
N ILE A 408 34.72 18.34 6.21
CA ILE A 408 35.56 18.81 5.11
C ILE A 408 37.04 18.71 5.45
N ALA A 409 37.41 18.94 6.72
CA ALA A 409 38.79 18.68 7.12
C ALA A 409 39.10 17.18 7.18
N HIS A 410 38.09 16.31 7.33
CA HIS A 410 38.31 14.89 7.06
C HIS A 410 38.32 14.55 5.57
N TYR A 411 37.74 15.41 4.73
CA TYR A 411 37.68 15.10 3.29
C TYR A 411 39.06 15.21 2.63
N LEU A 412 39.94 16.04 3.16
CA LEU A 412 41.27 16.20 2.59
C LEU A 412 42.16 14.99 2.83
N TYR A 413 41.80 14.14 3.78
CA TYR A 413 42.70 13.10 4.25
C TYR A 413 42.58 11.89 3.32
N MET A 414 41.36 11.37 3.12
CA MET A 414 41.02 10.67 1.88
C MET A 414 39.72 11.20 1.30
N PRO A 415 39.58 11.20 -0.03
CA PRO A 415 38.30 11.63 -0.63
C PRO A 415 37.20 10.59 -0.50
N LEU A 416 36.69 10.36 0.70
CA LEU A 416 35.60 9.41 0.92
C LEU A 416 34.65 9.96 1.96
N VAL A 417 33.62 10.70 1.52
CA VAL A 417 32.57 11.18 2.41
C VAL A 417 31.19 10.98 1.80
N THR A 418 31.14 10.37 0.61
CA THR A 418 29.87 10.29 -0.12
C THR A 418 28.89 9.33 0.55
N THR A 419 29.41 8.26 1.15
CA THR A 419 28.61 7.25 1.83
C THR A 419 27.96 7.79 3.12
N SER A 420 28.49 8.91 3.65
CA SER A 420 28.14 9.40 4.98
C SER A 420 26.69 9.89 5.10
N ASP A 421 25.96 10.06 4.00
CA ASP A 421 24.53 10.30 4.09
C ASP A 421 23.76 9.11 4.61
N LEU A 422 24.26 7.90 4.41
CA LEU A 422 23.62 6.69 4.90
C LEU A 422 24.29 6.20 6.18
N THR A 423 25.61 6.17 6.20
CA THR A 423 26.34 5.77 7.40
C THR A 423 26.71 6.99 8.23
N TYR A 424 26.27 6.99 9.49
CA TYR A 424 26.62 8.07 10.41
C TYR A 424 27.91 7.74 11.12
N ASN A 425 28.67 8.80 11.46
CA ASN A 425 30.05 8.75 11.96
C ASN A 425 30.90 7.95 10.99
N TYR A 426 30.77 8.26 9.69
CA TYR A 426 31.40 7.45 8.65
C TYR A 426 32.91 7.59 8.68
N VAL A 427 33.42 8.79 8.94
CA VAL A 427 34.86 8.95 8.90
C VAL A 427 35.41 8.56 10.27
N SER A 428 35.58 7.25 10.45
CA SER A 428 36.54 6.70 11.39
C SER A 428 37.43 5.71 10.63
N GLN A 429 36.83 4.89 9.76
CA GLN A 429 37.58 3.87 9.06
C GLN A 429 38.42 4.44 7.92
N THR A 430 38.01 5.57 7.34
CA THR A 430 38.81 6.19 6.29
C THR A 430 39.80 7.19 6.86
N ARG A 431 39.79 7.39 8.17
CA ARG A 431 40.84 8.14 8.83
C ARG A 431 41.87 7.23 9.49
N ILE A 432 41.44 6.06 9.97
CA ILE A 432 42.38 5.09 10.53
C ILE A 432 43.34 4.57 9.47
N GLU A 433 42.82 4.25 8.28
CA GLU A 433 43.65 3.71 7.21
C GLU A 433 44.56 4.74 6.59
N GLY A 434 44.32 6.04 6.83
CA GLY A 434 45.14 7.07 6.21
C GLY A 434 46.56 7.11 6.75
N LYS A 435 46.72 6.96 8.07
CA LYS A 435 48.05 6.91 8.66
C LYS A 435 48.81 5.69 8.16
N LYS A 436 48.10 4.56 7.99
CA LYS A 436 48.70 3.38 7.37
C LYS A 436 49.08 3.63 5.92
N LEU A 437 48.33 4.48 5.22
CA LEU A 437 48.67 4.82 3.84
C LEU A 437 49.94 5.66 3.76
N PHE A 438 50.03 6.70 4.59
CA PHE A 438 51.21 7.58 4.52
C PHE A 438 52.45 6.93 5.12
N GLU A 439 52.31 5.99 6.06
CA GLU A 439 53.52 5.30 6.53
C GLU A 439 53.98 4.26 5.51
N SER A 440 53.05 3.73 4.71
CA SER A 440 53.43 2.79 3.67
C SER A 440 54.08 3.51 2.50
N LEU A 441 53.53 4.66 2.12
CA LEU A 441 54.17 5.46 1.07
C LEU A 441 55.47 6.07 1.60
N GLY A 442 55.48 6.46 2.86
CA GLY A 442 56.68 6.90 3.56
C GLY A 442 56.79 8.40 3.69
N TYR A 443 56.31 8.92 4.82
CA TYR A 443 56.37 10.33 5.18
C TYR A 443 56.96 10.44 6.58
N THR A 444 57.47 11.62 6.90
CA THR A 444 58.03 11.87 8.23
C THR A 444 56.91 11.99 9.26
N ARG A 445 57.12 11.35 10.42
CA ARG A 445 56.12 11.35 11.47
C ARG A 445 55.97 12.72 12.13
N GLU A 446 57.02 13.54 12.05
CA GLU A 446 57.01 14.85 12.69
C GLU A 446 56.01 15.79 12.02
N HIS A 447 55.89 15.71 10.70
CA HIS A 447 54.83 16.44 10.02
C HIS A 447 53.47 15.81 10.30
N ILE A 448 53.41 14.49 10.38
CA ILE A 448 52.13 13.77 10.47
C ILE A 448 51.43 14.06 11.79
N ASP A 449 52.18 14.02 12.90
CA ASP A 449 51.59 14.32 14.19
C ASP A 449 51.35 15.83 14.32
N TYR A 450 50.18 16.26 13.84
CA TYR A 450 49.83 17.66 13.65
C TYR A 450 48.37 17.75 13.20
N VAL A 451 48.10 17.24 11.98
CA VAL A 451 46.74 17.18 11.48
C VAL A 451 45.91 16.19 12.29
N GLU A 452 46.55 15.16 12.85
CA GLU A 452 45.84 14.20 13.70
C GLU A 452 45.37 14.83 15.00
N SER A 453 46.10 15.84 15.49
CA SER A 453 45.64 16.63 16.63
C SER A 453 44.65 17.70 16.23
N LEU A 454 44.78 18.28 15.03
CA LEU A 454 43.82 19.27 14.55
C LEU A 454 42.44 18.65 14.34
N LEU A 455 42.40 17.41 13.83
CA LEU A 455 41.14 16.70 13.69
C LEU A 455 40.61 16.24 15.04
N SER A 456 41.52 15.98 15.99
CA SER A 456 41.09 15.61 17.34
C SER A 456 40.47 16.80 18.06
N TYR A 457 40.90 18.02 17.72
CA TYR A 457 40.32 19.22 18.28
C TYR A 457 38.87 19.41 17.81
N LEU A 458 38.56 18.98 16.58
CA LEU A 458 37.23 19.17 16.02
C LEU A 458 36.20 18.25 16.64
N ASP A 459 36.63 17.22 17.38
CA ASP A 459 35.69 16.38 18.12
C ASP A 459 35.10 17.10 19.32
N SER A 460 35.72 18.18 19.78
CA SER A 460 35.23 18.89 20.96
C SER A 460 33.98 19.72 20.63
N LYS A 461 33.88 20.20 19.39
CA LYS A 461 32.79 21.12 19.07
C LYS A 461 31.47 20.39 18.87
N CYS A 462 31.38 19.54 17.85
CA CYS A 462 30.15 18.82 17.56
C CYS A 462 30.03 17.60 18.47
N PRO A 463 28.98 17.48 19.27
CA PRO A 463 28.86 16.34 20.17
C PRO A 463 28.33 15.09 19.46
N GLN A 464 28.32 13.96 20.16
CA GLN A 464 27.70 12.76 19.63
C GLN A 464 26.19 12.93 19.59
N ILE A 465 25.58 12.47 18.49
CA ILE A 465 24.14 12.58 18.30
C ILE A 465 23.64 11.15 18.14
N GLU A 466 22.33 10.94 18.19
CA GLU A 466 21.75 9.62 18.05
C GLU A 466 21.45 9.37 16.58
N ASN A 467 21.54 8.10 16.18
CA ASN A 467 21.24 7.68 14.82
C ASN A 467 19.84 7.06 14.75
N ILE A 468 18.90 7.78 14.14
CA ILE A 468 17.52 7.34 14.02
C ILE A 468 17.28 7.32 12.52
N SER A 469 16.02 7.10 12.09
CA SER A 469 15.50 7.06 10.72
C SER A 469 15.97 5.80 9.99
N ARG A 470 16.38 4.80 10.77
CA ARG A 470 16.62 3.40 10.38
C ARG A 470 17.56 3.25 9.19
N LYS A 471 18.48 4.20 9.07
CA LYS A 471 19.67 4.07 8.27
C LYS A 471 20.80 3.82 9.26
N LYS A 472 20.41 3.36 10.45
CA LYS A 472 21.26 3.31 11.62
C LYS A 472 21.98 1.97 11.80
N VAL A 473 21.68 0.95 11.00
CA VAL A 473 22.38 -0.31 11.16
C VAL A 473 23.74 -0.27 10.47
N LEU A 474 23.89 0.59 9.46
CA LEU A 474 25.13 0.64 8.71
C LEU A 474 26.21 1.32 9.53
N LYS A 475 27.04 0.50 10.14
CA LYS A 475 28.00 0.77 11.19
C LYS A 475 29.43 0.65 10.67
N PRO A 476 30.23 1.70 10.70
CA PRO A 476 31.63 1.57 10.25
C PRO A 476 32.47 0.81 11.27
N MET A 477 33.54 0.17 10.79
CA MET A 477 34.40 -0.61 11.66
C MET A 477 35.42 0.30 12.36
N HIS A 478 35.84 -0.12 13.55
CA HIS A 478 36.83 0.62 14.34
C HIS A 478 38.18 -0.09 14.41
N GLU A 479 38.20 -1.40 14.22
CA GLU A 479 39.45 -2.15 14.27
C GLU A 479 39.70 -2.82 12.91
N ILE A 480 40.94 -2.71 12.44
CA ILE A 480 41.38 -3.29 11.18
C ILE A 480 42.72 -3.98 11.42
N ARG A 481 42.80 -5.25 11.04
CA ARG A 481 44.01 -6.03 11.23
C ARG A 481 44.62 -6.39 9.88
N THR A 482 45.92 -6.67 9.90
CA THR A 482 46.66 -6.95 8.69
C THR A 482 46.44 -8.38 8.21
N ILE A 483 47.10 -8.74 7.12
CA ILE A 483 46.95 -10.04 6.48
C ILE A 483 48.27 -10.81 6.64
N GLU A 484 48.20 -11.99 7.24
CA GLU A 484 49.39 -12.79 7.51
C GLU A 484 49.31 -14.23 7.02
N SER A 485 48.14 -14.73 6.62
CA SER A 485 48.00 -16.11 6.19
C SER A 485 46.79 -16.25 5.28
N GLU A 486 46.61 -17.47 4.75
CA GLU A 486 45.43 -17.76 3.93
C GLU A 486 44.15 -17.81 4.74
N GLN A 487 44.25 -17.95 6.07
CA GLN A 487 43.07 -17.97 6.92
C GLN A 487 42.36 -16.61 6.96
N ASP A 488 43.08 -15.53 6.67
CA ASP A 488 42.45 -14.21 6.52
C ASP A 488 41.48 -14.21 5.35
N ILE A 489 41.91 -14.78 4.22
CA ILE A 489 41.03 -14.98 3.07
C ILE A 489 39.93 -15.99 3.37
N GLN A 490 40.21 -16.98 4.23
CA GLN A 490 39.19 -17.94 4.67
C GLN A 490 38.05 -17.26 5.41
N ASP A 491 38.35 -16.39 6.38
CA ASP A 491 37.29 -15.67 7.09
C ASP A 491 36.70 -14.49 6.31
N PHE A 492 37.43 -13.91 5.36
CA PHE A 492 36.88 -12.81 4.55
C PHE A 492 35.68 -13.29 3.73
N ILE A 493 35.77 -14.49 3.17
CA ILE A 493 34.68 -15.04 2.37
C ILE A 493 33.48 -15.37 3.25
N ILE A 494 33.73 -15.93 4.44
CA ILE A 494 32.65 -16.25 5.37
C ILE A 494 31.94 -15.00 5.86
N LYS A 495 32.67 -13.92 6.12
CA LYS A 495 32.05 -12.66 6.49
C LYS A 495 31.55 -11.85 5.29
N LEU A 496 31.79 -12.31 4.06
CA LEU A 496 31.17 -11.65 2.93
C LEU A 496 29.86 -12.33 2.51
N LEU A 497 29.79 -13.66 2.61
CA LEU A 497 28.61 -14.38 2.14
C LEU A 497 27.40 -14.18 3.07
N ARG A 498 27.63 -13.80 4.32
CA ARG A 498 26.52 -13.65 5.25
C ARG A 498 25.73 -12.38 4.95
N GLY A 499 26.42 -11.35 4.46
CA GLY A 499 25.85 -10.12 3.96
C GLY A 499 25.19 -10.22 2.60
N PHE A 500 24.94 -11.42 2.09
CA PHE A 500 23.97 -11.64 1.04
C PHE A 500 22.64 -12.19 1.55
N THR A 501 22.66 -13.04 2.57
CA THR A 501 21.44 -13.45 3.23
C THR A 501 20.78 -12.26 3.95
N LEU A 502 21.61 -11.39 4.55
CA LEU A 502 21.08 -10.22 5.23
C LEU A 502 20.38 -9.24 4.31
N THR A 503 20.97 -8.95 3.15
CA THR A 503 20.35 -7.99 2.25
C THR A 503 19.20 -8.57 1.44
N TYR A 504 19.05 -9.90 1.41
CA TYR A 504 17.85 -10.55 0.90
C TYR A 504 16.73 -10.54 1.94
N GLY A 505 17.08 -10.67 3.22
CA GLY A 505 16.08 -10.67 4.27
C GLY A 505 15.47 -9.32 4.56
N GLN A 506 16.06 -8.24 4.03
CA GLN A 506 15.47 -6.91 4.13
C GLN A 506 14.88 -6.44 2.81
N TRP A 507 14.93 -7.27 1.77
CA TRP A 507 14.30 -6.98 0.50
C TRP A 507 13.06 -7.81 0.24
N ARG A 508 13.05 -9.07 0.64
CA ARG A 508 11.91 -9.94 0.33
C ARG A 508 10.70 -9.59 1.19
N LYS A 509 10.91 -9.01 2.37
CA LYS A 509 9.79 -8.74 3.26
C LYS A 509 8.97 -7.53 2.84
N GLU A 510 9.53 -6.63 2.01
CA GLU A 510 8.83 -5.40 1.64
C GLU A 510 8.38 -5.39 0.20
N PHE A 511 9.01 -6.18 -0.68
CA PHE A 511 8.70 -6.09 -2.10
C PHE A 511 8.66 -7.49 -2.70
N GLN A 512 7.99 -7.59 -3.85
CA GLN A 512 7.88 -8.86 -4.55
C GLN A 512 8.01 -8.75 -6.07
N SER A 513 8.33 -7.59 -6.63
CA SER A 513 8.43 -7.47 -8.08
C SER A 513 9.67 -8.17 -8.61
N ARG A 514 10.84 -7.74 -8.15
CA ARG A 514 12.05 -8.53 -8.32
C ARG A 514 12.19 -9.49 -7.15
N PHE A 515 13.38 -10.05 -7.00
CA PHE A 515 13.58 -11.01 -5.94
C PHE A 515 14.87 -10.77 -5.16
N PHE A 516 15.84 -10.03 -5.71
CA PHE A 516 17.04 -9.59 -5.02
C PHE A 516 17.23 -8.09 -5.21
N PRO A 517 17.75 -7.37 -4.20
CA PRO A 517 17.98 -5.93 -4.38
C PRO A 517 19.12 -5.67 -5.35
N VAL A 518 19.07 -4.50 -6.00
CA VAL A 518 19.95 -4.21 -7.12
C VAL A 518 20.09 -2.70 -7.24
N HIS A 519 21.16 -2.26 -7.91
CA HIS A 519 21.45 -0.86 -8.18
C HIS A 519 20.37 -0.28 -9.10
N TYR A 520 20.10 1.03 -8.97
CA TYR A 520 18.87 1.65 -9.44
C TYR A 520 18.69 1.63 -10.95
N TYR A 521 19.76 1.55 -11.74
CA TYR A 521 19.55 1.53 -13.19
C TYR A 521 19.09 0.17 -13.68
N GLY A 522 19.49 -0.90 -13.00
CA GLY A 522 19.04 -2.22 -13.40
C GLY A 522 17.90 -2.72 -12.54
N LEU A 523 16.98 -1.82 -12.20
CA LEU A 523 15.95 -2.10 -11.21
C LEU A 523 14.76 -2.87 -11.80
N ASN A 524 14.67 -3.01 -13.14
CA ASN A 524 13.78 -4.02 -13.70
C ASN A 524 14.47 -4.78 -14.86
N PHE A 525 15.39 -5.68 -14.51
CA PHE A 525 16.06 -6.64 -15.38
C PHE A 525 16.03 -7.99 -14.68
N ASN A 526 15.98 -9.07 -15.46
CA ASN A 526 15.92 -10.41 -14.89
C ASN A 526 16.78 -11.45 -15.59
N GLN A 527 17.61 -11.07 -16.57
CA GLN A 527 18.29 -12.05 -17.43
C GLN A 527 19.75 -11.68 -17.63
N GLY A 528 20.64 -12.63 -17.38
CA GLY A 528 22.00 -12.57 -17.87
C GLY A 528 22.98 -12.24 -16.75
N ILE A 529 24.25 -12.13 -17.14
CA ILE A 529 25.33 -11.76 -16.23
C ILE A 529 25.38 -10.23 -16.19
N ALA A 530 24.52 -9.65 -15.36
CA ALA A 530 24.35 -8.21 -15.23
C ALA A 530 23.58 -7.96 -13.95
N PHE A 531 22.96 -6.78 -13.88
CA PHE A 531 21.91 -6.53 -12.91
C PHE A 531 20.85 -7.62 -13.10
N SER A 532 20.76 -8.56 -12.16
CA SER A 532 20.05 -9.79 -12.47
C SER A 532 19.37 -10.34 -11.22
N ASP A 533 18.89 -11.57 -11.35
CA ASP A 533 18.14 -12.26 -10.31
C ASP A 533 18.75 -13.62 -9.97
N LEU A 534 19.33 -14.31 -10.94
CA LEU A 534 19.96 -15.61 -10.68
C LEU A 534 21.44 -15.67 -11.02
N ALA A 535 21.97 -14.67 -11.72
CA ALA A 535 23.43 -14.55 -11.87
C ALA A 535 24.09 -14.34 -10.52
N ILE A 536 23.46 -13.53 -9.68
CA ILE A 536 23.97 -13.28 -8.33
C ILE A 536 23.84 -14.55 -7.49
N LEU A 537 22.81 -15.36 -7.73
CA LEU A 537 22.69 -16.63 -7.03
C LEU A 537 23.75 -17.64 -7.49
N TRP A 538 24.13 -17.63 -8.77
CA TRP A 538 25.24 -18.44 -9.22
C TRP A 538 26.56 -17.98 -8.60
N SER A 539 26.73 -16.66 -8.47
CA SER A 539 27.92 -16.14 -7.80
C SER A 539 27.90 -16.48 -6.31
N TYR A 540 26.70 -16.62 -5.72
CA TYR A 540 26.55 -17.02 -4.33
C TYR A 540 27.03 -18.44 -4.06
N GLN A 541 26.77 -19.38 -4.97
CA GLN A 541 27.13 -20.78 -4.79
C GLN A 541 28.51 -21.15 -5.30
N GLN A 542 29.03 -20.41 -6.29
CA GLN A 542 30.34 -20.74 -6.84
C GLN A 542 31.45 -20.48 -5.81
N LEU A 543 31.37 -19.34 -5.11
CA LEU A 543 32.33 -19.10 -4.04
C LEU A 543 32.01 -19.93 -2.80
N ALA A 544 30.74 -20.30 -2.61
CA ALA A 544 30.40 -21.18 -1.49
C ALA A 544 30.92 -22.60 -1.70
N LYS A 545 31.09 -23.02 -2.96
CA LYS A 545 31.80 -24.25 -3.26
C LYS A 545 33.31 -24.04 -3.31
N LYS A 546 33.76 -22.81 -3.56
CA LYS A 546 35.18 -22.48 -3.44
C LYS A 546 35.66 -22.49 -2.00
N VAL A 547 34.76 -22.27 -1.04
CA VAL A 547 35.11 -22.35 0.37
C VAL A 547 34.52 -23.67 0.85
N LYS A 548 34.93 -24.16 2.01
CA LYS A 548 34.39 -25.40 2.55
C LYS A 548 33.49 -25.07 3.73
N ASN A 549 32.43 -25.87 3.87
CA ASN A 549 31.34 -25.76 4.87
C ASN A 549 30.81 -24.34 5.08
N ASP A 553 21.60 -22.63 4.41
CA ASP A 553 20.32 -22.49 5.10
C ASP A 553 19.18 -22.96 4.20
N ASP A 554 18.77 -22.09 3.27
CA ASP A 554 17.64 -22.35 2.40
C ASP A 554 18.02 -22.13 0.95
N TYR A 555 19.14 -22.70 0.51
CA TYR A 555 19.61 -22.49 -0.85
C TYR A 555 18.70 -23.16 -1.87
N TYR A 556 18.11 -24.30 -1.50
CA TYR A 556 17.48 -25.16 -2.51
C TYR A 556 16.06 -24.72 -2.85
N GLU A 557 15.31 -24.20 -1.88
CA GLU A 557 13.93 -23.80 -2.19
C GLU A 557 13.90 -22.51 -3.02
N ILE A 558 14.71 -21.52 -2.65
CA ILE A 558 14.94 -20.34 -3.49
C ILE A 558 15.58 -20.72 -4.83
N ARG A 559 16.44 -21.75 -4.83
CA ARG A 559 16.98 -22.27 -6.08
C ARG A 559 15.88 -22.77 -7.01
N THR A 560 14.98 -23.61 -6.49
CA THR A 560 13.88 -24.16 -7.27
C THR A 560 12.92 -23.06 -7.74
N GLN A 561 12.64 -22.09 -6.87
CA GLN A 561 11.75 -21.00 -7.23
C GLN A 561 12.32 -20.14 -8.35
N VAL A 562 13.61 -19.80 -8.31
CA VAL A 562 14.14 -18.95 -9.37
C VAL A 562 14.36 -19.75 -10.65
N ILE A 563 14.60 -21.06 -10.56
CA ILE A 563 14.73 -21.86 -11.78
C ILE A 563 13.38 -21.99 -12.48
N ASN A 564 12.31 -22.21 -11.71
CA ASN A 564 10.98 -22.27 -12.29
C ASN A 564 10.54 -20.90 -12.82
N GLU A 565 10.89 -19.82 -12.10
CA GLU A 565 10.55 -18.48 -12.53
C GLU A 565 11.26 -18.09 -13.82
N ALA A 566 12.53 -18.51 -14.00
CA ALA A 566 13.27 -18.17 -15.21
C ALA A 566 12.70 -18.87 -16.44
N VAL A 567 12.35 -20.14 -16.31
CA VAL A 567 11.80 -20.89 -17.43
C VAL A 567 10.35 -20.53 -17.70
N ASN A 568 9.63 -20.00 -16.70
CA ASN A 568 8.28 -19.51 -16.94
C ASN A 568 8.28 -18.26 -17.82
N ASN A 569 9.18 -17.32 -17.54
CA ASN A 569 9.22 -16.06 -18.29
C ASN A 569 10.33 -16.03 -19.34
N PHE A 570 10.68 -17.20 -19.89
CA PHE A 570 11.75 -17.24 -20.88
C PHE A 570 11.30 -16.61 -22.19
N LYS A 571 10.02 -16.72 -22.51
CA LYS A 571 9.42 -15.95 -23.60
C LYS A 571 9.03 -14.57 -23.09
N LYS A 572 8.38 -13.80 -23.98
CA LYS A 572 7.82 -12.45 -23.76
C LYS A 572 8.85 -11.40 -23.31
N SER A 573 10.14 -11.73 -23.41
CA SER A 573 11.23 -10.76 -23.29
C SER A 573 11.77 -10.45 -24.68
N SER A 574 11.93 -9.16 -24.96
CA SER A 574 12.24 -8.70 -26.31
C SER A 574 13.69 -8.25 -26.48
N LEU A 575 14.64 -8.90 -25.79
CA LEU A 575 16.05 -8.58 -25.91
C LEU A 575 16.85 -9.87 -26.01
N SER A 576 17.99 -9.78 -26.71
CA SER A 576 18.86 -10.93 -26.93
C SER A 576 20.30 -10.52 -26.66
N GLY A 577 21.10 -11.45 -26.17
CA GLY A 577 22.44 -11.15 -25.73
C GLY A 577 22.88 -12.15 -24.69
N LEU A 578 24.10 -11.94 -24.20
CA LEU A 578 24.68 -12.83 -23.20
C LEU A 578 24.60 -12.25 -21.80
N PHE A 579 24.95 -10.97 -21.63
CA PHE A 579 24.88 -10.35 -20.31
C PHE A 579 23.48 -9.83 -19.99
N ASP A 580 22.70 -9.47 -21.00
CA ASP A 580 21.36 -8.98 -20.73
C ASP A 580 20.26 -9.82 -21.36
N GLY A 581 20.59 -10.65 -22.34
CA GLY A 581 19.61 -11.27 -23.20
C GLY A 581 19.22 -12.69 -22.79
N LYS A 582 18.88 -13.48 -23.81
CA LYS A 582 18.15 -14.72 -23.57
C LYS A 582 19.10 -15.90 -23.40
N ILE A 583 20.27 -15.89 -24.05
CA ILE A 583 21.11 -17.07 -23.99
C ILE A 583 22.00 -17.04 -22.75
N GLY A 584 22.03 -15.91 -22.05
CA GLY A 584 22.69 -15.87 -20.75
C GLY A 584 22.04 -16.80 -19.74
N THR A 585 20.72 -16.74 -19.66
CA THR A 585 20.05 -17.68 -18.76
C THR A 585 20.09 -19.11 -19.29
N ILE A 586 20.33 -19.31 -20.60
CA ILE A 586 20.64 -20.65 -21.10
C ILE A 586 21.97 -21.14 -20.53
N TRP A 587 22.97 -20.24 -20.47
CA TRP A 587 24.25 -20.59 -19.85
C TRP A 587 24.07 -20.97 -18.38
N LEU A 588 23.25 -20.23 -17.63
CA LEU A 588 23.15 -20.60 -16.21
C LEU A 588 22.13 -21.72 -15.93
N ILE A 589 21.25 -22.05 -16.89
CA ILE A 589 20.53 -23.33 -16.77
C ILE A 589 21.49 -24.48 -17.11
N TYR A 590 22.60 -24.19 -17.78
CA TYR A 590 23.61 -25.25 -17.89
C TYR A 590 24.50 -25.31 -16.66
N GLU A 591 25.04 -24.16 -16.23
CA GLU A 591 26.12 -24.16 -15.25
C GLU A 591 25.59 -24.22 -13.82
N PHE A 592 24.32 -23.89 -13.62
CA PHE A 592 23.78 -23.80 -12.26
C PHE A 592 23.41 -25.18 -11.73
N GLY A 593 23.45 -26.18 -12.59
CA GLY A 593 22.92 -27.51 -12.41
C GLY A 593 22.18 -27.88 -13.69
N GLU A 594 21.37 -28.93 -13.59
CA GLU A 594 20.32 -29.27 -14.58
C GLU A 594 20.86 -29.37 -16.01
N ILE A 595 21.73 -30.38 -16.22
CA ILE A 595 22.44 -30.50 -17.49
C ILE A 595 21.49 -30.82 -18.63
N ASP A 596 20.52 -31.72 -18.40
CA ASP A 596 19.63 -32.14 -19.47
C ASP A 596 18.65 -31.03 -19.87
N ARG A 597 18.02 -30.37 -18.88
CA ARG A 597 17.03 -29.33 -19.14
C ARG A 597 17.63 -28.19 -19.96
N ALA A 598 18.92 -27.93 -19.74
CA ALA A 598 19.68 -27.00 -20.57
C ALA A 598 19.71 -27.45 -22.03
N VAL A 599 19.83 -28.75 -22.30
CA VAL A 599 20.04 -29.11 -23.71
C VAL A 599 18.71 -29.20 -24.45
N GLU A 600 17.59 -29.56 -23.78
CA GLU A 600 16.35 -29.41 -24.57
C GLU A 600 15.93 -27.95 -24.70
N LEU A 601 16.23 -27.11 -23.70
CA LEU A 601 16.00 -25.68 -23.85
C LEU A 601 16.86 -25.09 -24.97
N PHE A 602 18.11 -25.54 -25.10
CA PHE A 602 18.99 -25.06 -26.14
C PHE A 602 18.51 -25.50 -27.52
N THR A 603 18.19 -26.80 -27.67
CA THR A 603 17.74 -27.31 -28.97
C THR A 603 16.39 -26.74 -29.36
N THR A 604 15.56 -26.36 -28.38
CA THR A 604 14.29 -25.76 -28.70
C THR A 604 14.46 -24.28 -29.09
N HIS A 605 15.33 -23.55 -28.39
CA HIS A 605 15.23 -22.10 -28.42
C HIS A 605 16.43 -21.37 -29.03
N PHE A 606 17.54 -22.06 -29.31
CA PHE A 606 18.76 -21.38 -29.72
C PHE A 606 18.63 -20.73 -31.09
N ILE A 607 17.90 -21.38 -32.01
CA ILE A 607 17.80 -20.85 -33.37
C ILE A 607 16.96 -19.58 -33.41
N GLU A 608 15.87 -19.53 -32.62
CA GLU A 608 15.02 -18.34 -32.65
C GLU A 608 15.55 -17.27 -31.71
N ILE A 609 16.51 -17.62 -30.84
CA ILE A 609 17.33 -16.59 -30.22
C ILE A 609 18.28 -16.00 -31.26
N PHE A 610 18.82 -16.84 -32.14
CA PHE A 610 19.97 -16.45 -32.95
C PHE A 610 19.61 -15.60 -34.16
N GLU A 611 18.61 -16.01 -34.97
CA GLU A 611 18.70 -15.75 -36.41
C GLU A 611 18.46 -14.28 -36.74
N ASN A 612 17.87 -13.52 -35.81
CA ASN A 612 17.19 -12.27 -36.14
C ASN A 612 18.11 -11.04 -36.03
N SER A 613 19.26 -11.14 -36.71
CA SER A 613 20.14 -10.01 -37.08
C SER A 613 20.61 -9.27 -35.83
N GLN A 614 20.18 -8.01 -35.62
CA GLN A 614 20.20 -7.21 -34.39
C GLN A 614 21.55 -6.55 -34.20
N ASN A 615 22.27 -6.91 -33.14
CA ASN A 615 23.53 -6.27 -32.79
C ASN A 615 24.64 -7.31 -32.73
N LYS A 616 25.85 -6.85 -32.42
CA LYS A 616 27.05 -7.67 -32.51
C LYS A 616 27.92 -7.69 -31.27
N ASN A 617 27.68 -6.82 -30.30
CA ASN A 617 28.56 -6.66 -29.14
C ASN A 617 28.36 -7.81 -28.15
N LEU A 618 29.37 -8.05 -27.32
CA LEU A 618 29.32 -9.15 -26.36
C LEU A 618 28.33 -8.88 -25.23
N TYR A 619 28.06 -7.61 -24.92
CA TYR A 619 27.03 -7.31 -23.93
C TYR A 619 25.64 -7.68 -24.45
N SER A 620 25.32 -7.25 -25.66
CA SER A 620 24.05 -7.58 -26.27
C SER A 620 24.20 -7.70 -27.78
N GLY A 621 24.41 -8.91 -28.27
CA GLY A 621 24.57 -9.10 -29.69
C GLY A 621 25.15 -10.46 -30.01
N GLN A 622 25.33 -10.67 -31.32
CA GLN A 622 25.48 -12.01 -31.90
C GLN A 622 26.73 -12.73 -31.42
N ALA A 623 27.78 -11.97 -31.08
CA ALA A 623 28.99 -12.58 -30.52
C ALA A 623 28.73 -13.13 -29.12
N GLY A 624 27.78 -12.54 -28.40
CA GLY A 624 27.41 -13.09 -27.11
C GLY A 624 26.65 -14.40 -27.22
N ILE A 625 25.74 -14.50 -28.20
CA ILE A 625 24.98 -15.73 -28.40
C ILE A 625 25.88 -16.84 -28.94
N LEU A 626 26.77 -16.49 -29.86
CA LEU A 626 27.50 -17.50 -30.63
C LEU A 626 28.61 -18.19 -29.81
N LEU A 627 29.23 -17.46 -28.89
CA LEU A 627 30.39 -18.00 -28.19
C LEU A 627 29.99 -19.01 -27.12
N VAL A 628 28.86 -18.79 -26.45
CA VAL A 628 28.37 -19.81 -25.51
C VAL A 628 27.83 -21.02 -26.28
N GLY A 629 27.43 -20.81 -27.55
CA GLY A 629 27.10 -21.93 -28.40
C GLY A 629 28.30 -22.80 -28.73
N LEU A 630 29.43 -22.17 -29.05
CA LEU A 630 30.65 -22.97 -29.25
C LEU A 630 31.19 -23.53 -27.94
N TYR A 631 30.88 -22.89 -26.81
CA TYR A 631 31.15 -23.51 -25.51
C TYR A 631 30.36 -24.80 -25.35
N PHE A 632 29.09 -24.78 -25.76
CA PHE A 632 28.26 -25.99 -25.75
C PHE A 632 28.79 -27.05 -26.71
N LEU A 633 29.29 -26.63 -27.87
CA LEU A 633 29.84 -27.57 -28.84
C LEU A 633 31.11 -28.23 -28.32
N SER A 634 31.98 -27.44 -27.67
CA SER A 634 33.25 -27.99 -27.19
C SER A 634 33.08 -28.73 -25.88
N LYS A 635 31.94 -28.57 -25.21
CA LYS A 635 31.71 -29.30 -23.97
C LYS A 635 31.53 -30.79 -24.24
N GLY A 636 30.76 -31.14 -25.25
CA GLY A 636 30.68 -32.54 -25.66
C GLY A 636 29.29 -33.14 -25.63
N GLU A 637 28.28 -32.34 -25.29
CA GLU A 637 26.90 -32.81 -25.20
C GLU A 637 26.07 -32.04 -26.23
N ILE A 638 26.11 -32.52 -27.47
CA ILE A 638 25.38 -31.92 -28.58
C ILE A 638 25.30 -32.95 -29.69
N ASP A 639 24.24 -32.86 -30.51
CA ASP A 639 24.15 -33.71 -31.68
C ASP A 639 25.04 -33.19 -32.80
N ASN A 640 25.23 -34.03 -33.82
CA ASN A 640 26.19 -33.72 -34.88
C ASN A 640 25.70 -32.60 -35.80
N LYS A 641 24.38 -32.49 -35.98
CA LYS A 641 23.83 -31.49 -36.89
C LYS A 641 24.04 -30.07 -36.34
N LEU A 642 23.75 -29.88 -35.05
CA LEU A 642 24.00 -28.60 -34.40
C LEU A 642 25.49 -28.27 -34.35
N GLY A 643 26.33 -29.28 -34.07
CA GLY A 643 27.76 -29.08 -34.12
C GLY A 643 28.27 -28.77 -35.52
N GLU A 644 27.49 -29.09 -36.54
CA GLU A 644 27.82 -28.65 -37.88
C GLU A 644 27.46 -27.17 -38.06
N GLU A 645 26.18 -26.80 -37.93
CA GLU A 645 25.89 -25.49 -38.53
C GLU A 645 26.18 -24.37 -37.54
N ILE A 646 26.37 -24.66 -36.24
CA ILE A 646 26.79 -23.59 -35.32
C ILE A 646 28.23 -23.17 -35.62
N LEU A 647 29.09 -24.15 -35.92
CA LEU A 647 30.42 -23.85 -36.42
C LEU A 647 30.35 -23.14 -37.76
N ILE A 648 29.34 -23.46 -38.57
CA ILE A 648 29.12 -22.71 -39.82
C ILE A 648 28.74 -21.26 -39.53
N ARG A 649 27.95 -21.01 -38.46
CA ARG A 649 27.59 -19.64 -38.10
C ARG A 649 28.81 -18.83 -37.64
N LEU A 650 29.70 -19.45 -36.86
CA LEU A 650 30.87 -18.67 -36.44
C LEU A 650 31.87 -18.50 -37.59
N ARG A 651 31.95 -19.50 -38.48
CA ARG A 651 32.74 -19.35 -39.70
C ARG A 651 32.19 -18.25 -40.59
N GLU A 652 30.86 -18.07 -40.59
CA GLU A 652 30.25 -16.99 -41.33
C GLU A 652 30.52 -15.64 -40.67
N TYR A 653 30.40 -15.58 -39.34
CA TYR A 653 30.51 -14.31 -38.61
C TYR A 653 31.93 -13.77 -38.66
N THR A 654 32.93 -14.65 -38.58
CA THR A 654 34.31 -14.19 -38.69
C THR A 654 34.63 -13.74 -40.12
N LEU A 655 33.92 -14.29 -41.11
CA LEU A 655 34.10 -13.81 -42.47
C LEU A 655 33.32 -12.52 -42.73
N ASN A 656 32.27 -12.26 -41.96
CA ASN A 656 31.60 -10.96 -42.07
C ASN A 656 32.34 -9.89 -41.27
N TYR A 657 33.22 -10.31 -40.35
CA TYR A 657 34.16 -9.36 -39.75
C TYR A 657 35.08 -8.74 -40.78
N ILE A 658 35.74 -9.59 -41.59
CA ILE A 658 36.77 -9.35 -42.61
C ILE A 658 37.58 -8.06 -42.46
N GLU A 659 37.07 -6.89 -42.90
CA GLU A 659 37.85 -5.67 -42.80
C GLU A 659 37.19 -4.56 -42.00
N ASN A 660 35.92 -4.69 -41.62
CA ASN A 660 35.16 -3.56 -41.09
C ASN A 660 34.93 -3.70 -39.59
N PRO A 661 35.59 -2.87 -38.77
CA PRO A 661 35.46 -3.01 -37.32
C PRO A 661 34.45 -2.07 -36.67
N GLU A 662 33.89 -1.11 -37.43
CA GLU A 662 32.98 -0.15 -36.82
C GLU A 662 31.56 -0.68 -36.74
N THR A 663 31.34 -1.91 -37.23
CA THR A 663 30.00 -2.49 -37.23
C THR A 663 29.55 -2.81 -35.80
N PHE A 664 30.43 -3.39 -34.99
CA PHE A 664 30.01 -3.82 -33.66
C PHE A 664 30.08 -2.68 -32.65
N CYS A 665 31.17 -1.93 -32.63
CA CYS A 665 31.38 -0.95 -31.57
C CYS A 665 32.10 0.27 -32.15
N LYS A 666 31.95 1.39 -31.44
CA LYS A 666 32.65 2.61 -31.80
C LYS A 666 34.12 2.51 -31.43
N VAL A 667 34.97 2.95 -32.36
CA VAL A 667 36.41 2.96 -32.15
C VAL A 667 36.82 3.97 -31.09
N VAL A 672 32.10 13.22 -22.43
CA VAL A 672 30.95 12.57 -21.83
C VAL A 672 31.43 11.56 -20.78
N GLN A 673 30.69 11.46 -19.68
CA GLN A 673 31.02 10.48 -18.64
C GLN A 673 29.75 9.87 -18.07
N SER A 674 29.84 8.62 -17.61
CA SER A 674 28.69 7.91 -17.06
C SER A 674 29.11 6.74 -16.19
N ASN A 675 28.18 6.20 -15.41
CA ASN A 675 28.43 4.93 -14.74
C ASN A 675 27.28 3.94 -14.95
N ASP A 676 26.48 4.12 -16.00
CA ASP A 676 25.42 3.20 -16.38
C ASP A 676 25.85 2.51 -17.68
N PRO A 677 25.41 1.27 -17.91
CA PRO A 677 26.06 0.47 -18.98
C PRO A 677 25.72 0.86 -20.40
N TYR A 678 24.46 1.21 -20.69
CA TYR A 678 24.02 1.24 -22.09
C TYR A 678 24.52 2.45 -22.87
N GLU A 679 24.97 3.50 -22.21
CA GLU A 679 25.48 4.65 -22.95
C GLU A 679 27.00 4.64 -23.11
N ASN A 680 27.68 3.59 -22.66
CA ASN A 680 29.11 3.45 -22.92
C ASN A 680 29.33 2.77 -24.27
N PHE A 681 30.47 3.07 -24.89
CA PHE A 681 30.75 2.57 -26.24
C PHE A 681 32.20 2.11 -26.37
N GLY A 682 32.71 1.38 -25.39
CA GLY A 682 34.06 0.88 -25.50
C GLY A 682 34.45 0.06 -24.28
N GLY A 683 35.63 -0.54 -24.38
CA GLY A 683 36.18 -1.36 -23.32
C GLY A 683 36.23 -2.83 -23.66
N LEU A 684 36.32 -3.65 -22.60
CA LEU A 684 36.26 -5.09 -22.80
C LEU A 684 34.83 -5.57 -23.01
N LEU A 685 33.96 -5.28 -22.04
CA LEU A 685 32.58 -5.77 -22.09
C LEU A 685 31.74 -4.96 -23.07
N TYR A 686 32.00 -3.66 -23.19
CA TYR A 686 31.16 -2.77 -23.98
C TYR A 686 31.82 -2.40 -25.31
N GLY A 687 32.92 -3.05 -25.67
CA GLY A 687 33.70 -2.57 -26.79
C GLY A 687 34.39 -3.62 -27.66
N HIS A 688 35.59 -3.30 -28.13
CA HIS A 688 36.28 -4.14 -29.11
C HIS A 688 36.83 -5.42 -28.50
N ALA A 689 37.23 -5.36 -27.23
CA ALA A 689 38.02 -6.45 -26.65
C ALA A 689 37.14 -7.65 -26.30
N GLY A 690 35.81 -7.48 -26.33
CA GLY A 690 34.94 -8.64 -26.20
C GLY A 690 35.02 -9.58 -27.37
N VAL A 691 35.15 -9.04 -28.57
CA VAL A 691 35.32 -9.84 -29.78
C VAL A 691 36.68 -10.54 -29.78
N ALA A 692 37.69 -9.93 -29.13
CA ALA A 692 38.99 -10.56 -28.96
C ALA A 692 38.91 -11.82 -28.10
N TRP A 693 37.97 -11.87 -27.15
CA TRP A 693 37.77 -13.08 -26.36
C TRP A 693 37.28 -14.23 -27.24
N LEU A 694 36.36 -13.94 -28.17
CA LEU A 694 35.86 -14.95 -29.09
C LEU A 694 36.95 -15.39 -30.07
N PHE A 695 37.73 -14.44 -30.58
CA PHE A 695 38.78 -14.79 -31.55
C PHE A 695 39.93 -15.55 -30.89
N GLY A 696 40.20 -15.29 -29.60
CA GLY A 696 41.17 -16.11 -28.90
C GLY A 696 40.60 -17.43 -28.46
N GLU A 697 39.26 -17.49 -28.31
CA GLU A 697 38.62 -18.72 -27.86
C GLU A 697 38.55 -19.75 -28.98
N ALA A 698 38.31 -19.30 -30.20
CA ALA A 698 38.13 -20.23 -31.32
C ALA A 698 39.44 -20.86 -31.80
N TYR A 699 40.58 -20.22 -31.55
CA TYR A 699 41.86 -20.71 -32.05
C TYR A 699 42.22 -22.06 -31.46
N LYS A 700 42.09 -22.22 -30.15
CA LYS A 700 42.00 -23.57 -29.64
C LYS A 700 40.63 -24.12 -30.01
N LEU A 701 40.62 -25.38 -30.45
CA LEU A 701 39.64 -26.22 -31.17
C LEU A 701 39.59 -25.90 -32.66
N THR A 702 40.21 -24.82 -33.14
CA THR A 702 40.35 -24.75 -34.59
C THR A 702 41.80 -24.80 -35.06
N GLY A 703 42.64 -23.90 -34.56
CA GLY A 703 44.03 -23.87 -34.95
C GLY A 703 44.32 -23.29 -36.32
N GLU A 704 43.36 -22.62 -36.94
CA GLU A 704 43.56 -22.16 -38.30
C GLU A 704 43.91 -20.67 -38.33
N SER A 705 44.36 -20.22 -39.50
CA SER A 705 45.07 -18.94 -39.65
C SER A 705 44.19 -17.71 -39.52
N ILE A 706 42.96 -17.73 -40.05
CA ILE A 706 42.09 -16.55 -40.04
C ILE A 706 41.70 -16.14 -38.63
N TYR A 707 41.49 -17.09 -37.72
CA TYR A 707 41.20 -16.76 -36.33
C TYR A 707 42.42 -16.23 -35.58
N LYS A 708 43.63 -16.46 -36.09
CA LYS A 708 44.83 -15.77 -35.64
C LYS A 708 44.91 -14.36 -36.20
N ASN A 709 44.51 -14.18 -37.47
CA ASN A 709 44.52 -12.84 -38.06
C ASN A 709 43.53 -11.90 -37.38
N GLY A 710 42.36 -12.41 -36.99
CA GLY A 710 41.35 -11.54 -36.38
C GLY A 710 41.71 -11.10 -34.98
N LEU A 711 42.49 -11.93 -34.27
CA LEU A 711 42.78 -11.68 -32.85
C LEU A 711 43.63 -10.43 -32.66
N GLU A 712 44.67 -10.26 -33.48
CA GLU A 712 45.60 -9.16 -33.24
C GLU A 712 45.01 -7.84 -33.70
N LEU A 713 44.15 -7.85 -34.73
CA LEU A 713 43.33 -6.66 -35.01
C LEU A 713 42.35 -6.37 -33.89
N ALA A 714 41.75 -7.39 -33.29
CA ALA A 714 40.78 -7.16 -32.21
C ALA A 714 41.45 -6.60 -30.96
N VAL A 715 42.72 -6.95 -30.74
CA VAL A 715 43.47 -6.35 -29.65
C VAL A 715 43.95 -4.95 -30.03
N ASP A 716 44.36 -4.76 -31.28
CA ASP A 716 44.99 -3.50 -31.67
C ASP A 716 43.99 -2.36 -31.80
N LYS A 717 42.80 -2.65 -32.31
CA LYS A 717 41.81 -1.59 -32.47
C LYS A 717 41.11 -1.23 -31.16
N GLU A 718 41.32 -2.01 -30.10
CA GLU A 718 40.88 -1.60 -28.77
C GLU A 718 41.78 -0.50 -28.21
N LEU A 719 43.04 -0.47 -28.63
CA LEU A 719 44.05 0.43 -28.08
C LEU A 719 44.14 1.74 -28.85
N VAL A 720 43.20 2.02 -29.75
CA VAL A 720 43.20 3.29 -30.47
C VAL A 720 42.88 4.44 -29.53
N ALA A 721 41.95 4.25 -28.60
CA ALA A 721 41.50 5.31 -27.72
C ALA A 721 42.31 5.44 -26.44
N TYR A 722 43.57 5.01 -26.44
CA TYR A 722 44.43 5.10 -25.26
C TYR A 722 45.50 6.15 -25.50
N LYS A 723 45.73 6.99 -24.49
CA LYS A 723 46.70 8.08 -24.56
C LYS A 723 47.76 7.86 -23.51
N VAL A 724 48.99 8.28 -23.83
CA VAL A 724 50.10 8.17 -22.89
C VAL A 724 49.86 9.08 -21.70
N ASP A 725 49.93 8.50 -20.51
CA ASP A 725 49.66 9.21 -19.26
C ASP A 725 50.84 10.12 -18.93
N SER A 726 50.72 10.88 -17.83
CA SER A 726 51.76 11.82 -17.42
C SER A 726 53.04 11.10 -16.99
N ASN A 727 52.92 9.90 -16.42
CA ASN A 727 54.08 9.12 -16.03
C ASN A 727 53.97 7.70 -16.59
N ASN A 728 54.36 7.54 -17.86
CA ASN A 728 54.68 6.27 -18.50
C ASN A 728 53.56 5.23 -18.47
N SER A 729 52.29 5.64 -18.53
CA SER A 729 51.19 4.71 -18.40
C SER A 729 50.19 4.91 -19.54
N LEU A 730 49.23 3.99 -19.62
CA LEU A 730 48.17 4.02 -20.61
C LEU A 730 46.82 3.90 -19.92
N GLN A 731 45.89 4.78 -20.30
CA GLN A 731 44.56 4.82 -19.72
C GLN A 731 43.55 5.02 -20.83
N TYR A 732 42.28 4.77 -20.51
CA TYR A 732 41.17 5.05 -21.42
C TYR A 732 40.68 6.48 -21.16
N SER A 733 40.66 7.29 -22.21
CA SER A 733 40.30 8.70 -22.11
C SER A 733 38.88 8.90 -22.62
N GLN A 734 37.94 9.04 -21.68
CA GLN A 734 36.55 9.38 -21.98
C GLN A 734 36.23 10.70 -21.30
N GLY A 735 36.25 11.79 -22.06
CA GLY A 735 36.03 13.11 -21.51
C GLY A 735 37.21 13.54 -20.65
N HIS A 736 36.89 14.35 -19.62
CA HIS A 736 37.93 14.79 -18.70
C HIS A 736 38.33 13.67 -17.74
N ARG A 737 37.46 12.68 -17.55
CA ARG A 737 37.74 11.61 -16.60
C ARG A 737 38.76 10.64 -17.16
N LEU A 738 39.47 9.97 -16.25
CA LEU A 738 40.47 8.98 -16.58
C LEU A 738 39.96 7.62 -16.13
N LEU A 739 40.13 6.60 -16.96
CA LEU A 739 39.48 5.31 -16.73
C LEU A 739 40.48 4.18 -16.49
N PRO A 740 40.65 3.77 -15.23
CA PRO A 740 41.24 2.46 -14.92
C PRO A 740 40.24 1.32 -15.10
N TYR A 741 40.53 0.19 -14.48
CA TYR A 741 39.61 -0.93 -14.19
C TYR A 741 39.10 -1.69 -15.41
N LEU A 742 38.36 -2.77 -15.12
CA LEU A 742 38.26 -3.89 -16.05
C LEU A 742 37.33 -3.60 -17.23
N ALA A 743 36.19 -2.96 -16.96
CA ALA A 743 35.12 -2.93 -17.96
C ALA A 743 35.45 -2.01 -19.13
N THR A 744 35.92 -0.79 -18.84
CA THR A 744 36.20 0.20 -19.88
C THR A 744 37.53 0.86 -19.50
N GLY A 745 38.57 0.04 -19.41
CA GLY A 745 39.89 0.57 -19.11
C GLY A 745 41.04 -0.31 -19.55
N SER A 746 42.21 -0.08 -18.96
CA SER A 746 43.41 -0.81 -19.36
C SER A 746 43.42 -2.23 -18.82
N ALA A 747 42.66 -2.49 -17.76
CA ALA A 747 42.77 -3.74 -17.03
C ALA A 747 42.22 -4.93 -17.83
N GLY A 748 41.14 -4.70 -18.58
CA GLY A 748 40.57 -5.78 -19.38
C GLY A 748 41.51 -6.24 -20.50
N LEU A 749 42.13 -5.29 -21.20
CA LEU A 749 43.10 -5.65 -22.23
C LEU A 749 44.35 -6.26 -21.63
N LEU A 750 44.77 -5.77 -20.45
CA LEU A 750 45.90 -6.38 -19.74
C LEU A 750 45.63 -7.84 -19.40
N LEU A 751 44.42 -8.13 -18.91
CA LEU A 751 44.02 -9.50 -18.61
C LEU A 751 43.96 -10.36 -19.86
N LEU A 752 43.45 -9.79 -20.96
CA LEU A 752 43.32 -10.55 -22.20
C LEU A 752 44.69 -10.87 -22.81
N ILE A 753 45.65 -9.96 -22.67
CA ILE A 753 47.02 -10.26 -23.09
C ILE A 753 47.64 -11.28 -22.15
N ASN A 754 47.34 -11.18 -20.85
CA ASN A 754 47.98 -12.04 -19.85
C ASN A 754 47.50 -13.48 -20.00
N ARG A 755 46.27 -13.68 -20.49
CA ARG A 755 45.83 -15.04 -20.78
C ARG A 755 46.53 -15.61 -22.01
N ASN A 756 46.38 -14.97 -23.15
CA ASN A 756 46.85 -15.54 -24.42
C ASN A 756 48.34 -15.27 -24.62
N LYS A 757 49.18 -15.97 -23.87
CA LYS A 757 50.61 -15.72 -23.94
C LYS A 757 51.24 -16.35 -25.18
N GLU A 758 50.75 -17.53 -25.58
CA GLU A 758 51.45 -18.33 -26.58
C GLU A 758 51.22 -17.79 -27.99
N ILE A 759 49.98 -17.42 -28.32
CA ILE A 759 49.66 -17.00 -29.68
C ILE A 759 50.16 -15.59 -29.95
N LEU A 760 50.19 -14.74 -28.93
CA LEU A 760 50.61 -13.36 -29.11
C LEU A 760 52.12 -13.27 -29.32
N SER A 761 52.53 -12.32 -30.16
CA SER A 761 53.93 -12.16 -30.52
C SER A 761 54.66 -11.32 -29.47
N SER A 762 55.94 -11.06 -29.72
CA SER A 762 56.76 -10.32 -28.77
C SER A 762 56.43 -8.83 -28.80
N LYS A 763 55.86 -8.35 -29.90
CA LYS A 763 55.53 -6.93 -30.02
C LYS A 763 54.34 -6.56 -29.14
N TYR A 764 53.45 -7.52 -28.88
CA TYR A 764 52.27 -7.24 -28.08
C TYR A 764 52.42 -7.75 -26.66
N LEU A 765 53.34 -8.68 -26.43
CA LEU A 765 53.59 -9.16 -25.07
C LEU A 765 54.42 -8.17 -24.26
N LYS A 766 55.06 -7.19 -24.92
CA LYS A 766 55.87 -6.23 -24.20
C LYS A 766 55.06 -5.07 -23.64
N TYR A 767 53.74 -5.06 -23.85
CA TYR A 767 52.90 -3.99 -23.34
C TYR A 767 52.47 -4.23 -21.90
N LEU A 768 52.92 -5.32 -21.29
CA LEU A 768 52.66 -5.56 -19.88
C LEU A 768 53.37 -4.54 -18.99
N THR A 769 54.52 -4.03 -19.44
CA THR A 769 55.33 -3.11 -18.64
C THR A 769 54.62 -1.78 -18.45
N SER A 770 54.04 -1.23 -19.53
CA SER A 770 53.35 0.04 -19.44
C SER A 770 52.04 -0.08 -18.66
N LEU A 771 51.33 -1.20 -18.84
CA LEU A 771 50.04 -1.36 -18.20
C LEU A 771 50.17 -1.71 -16.72
N GLU A 772 51.28 -2.35 -16.33
CA GLU A 772 51.52 -2.63 -14.93
C GLU A 772 51.87 -1.37 -14.15
N ARG A 773 52.46 -0.36 -14.81
CA ARG A 773 52.65 0.93 -14.18
C ARG A 773 51.34 1.71 -14.10
N ALA A 774 50.36 1.32 -14.92
CA ALA A 774 49.05 1.97 -14.85
C ALA A 774 48.19 1.36 -13.75
N THR A 775 48.14 0.03 -13.68
CA THR A 775 47.19 -0.66 -12.81
C THR A 775 47.78 -0.97 -11.43
N ASP A 776 48.35 0.03 -10.77
CA ASP A 776 48.86 -0.14 -9.42
C ASP A 776 48.63 1.10 -8.57
N VAL A 777 47.55 1.84 -8.82
CA VAL A 777 47.31 3.08 -8.11
C VAL A 777 46.84 2.79 -6.69
N VAL A 778 46.93 3.80 -5.83
CA VAL A 778 46.63 3.60 -4.43
C VAL A 778 45.17 3.94 -4.10
N PHE A 779 44.46 4.57 -5.04
CA PHE A 779 43.14 5.10 -4.75
C PHE A 779 42.27 5.07 -6.00
N CYS A 780 41.06 4.49 -5.86
CA CYS A 780 40.05 4.47 -6.92
C CYS A 780 38.70 4.29 -6.24
N VAL A 781 37.78 5.22 -6.49
CA VAL A 781 36.65 5.44 -5.58
C VAL A 781 35.66 4.28 -5.60
N LEU A 782 35.38 3.71 -6.76
CA LEU A 782 34.34 2.70 -6.86
C LEU A 782 34.89 1.33 -6.51
N PRO A 783 34.11 0.46 -5.85
CA PRO A 783 34.67 -0.82 -5.37
C PRO A 783 34.42 -2.01 -6.29
N GLY A 784 33.62 -1.88 -7.33
CA GLY A 784 33.10 -3.07 -8.00
C GLY A 784 34.09 -3.68 -8.97
N LEU A 785 33.76 -4.88 -9.47
CA LEU A 785 34.56 -5.49 -10.53
C LEU A 785 34.38 -4.74 -11.84
N PHE A 786 33.13 -4.39 -12.17
CA PHE A 786 32.85 -3.61 -13.37
C PHE A 786 33.27 -2.16 -13.22
N ASN A 787 33.51 -1.68 -11.98
CA ASN A 787 33.87 -0.29 -11.72
C ASN A 787 34.83 -0.26 -10.53
N GLY A 788 36.13 -0.22 -10.81
CA GLY A 788 37.05 0.18 -9.75
C GLY A 788 38.07 -0.90 -9.41
N PHE A 789 38.44 -0.91 -8.13
CA PHE A 789 39.73 -1.45 -7.68
C PHE A 789 39.82 -2.97 -7.83
N CYS A 790 38.69 -3.67 -7.68
CA CYS A 790 38.71 -5.12 -7.84
C CYS A 790 39.07 -5.53 -9.26
N GLY A 791 38.57 -4.78 -10.25
CA GLY A 791 39.02 -4.93 -11.62
C GLY A 791 40.47 -4.56 -11.86
N LEU A 792 41.02 -3.64 -11.05
CA LEU A 792 42.45 -3.37 -11.11
C LEU A 792 43.30 -4.52 -10.59
N GLU A 793 42.86 -5.21 -9.54
CA GLU A 793 43.70 -6.26 -8.97
C GLU A 793 43.49 -7.61 -9.66
N VAL A 794 42.29 -7.85 -10.21
CA VAL A 794 42.03 -9.15 -10.81
C VAL A 794 42.71 -9.25 -12.17
N ALA A 795 43.05 -8.11 -12.78
CA ALA A 795 43.83 -8.11 -14.00
C ALA A 795 45.31 -8.38 -13.76
N ASN A 796 45.85 -7.89 -12.64
CA ASN A 796 47.24 -8.10 -12.29
C ASN A 796 47.50 -9.50 -11.76
N ASN A 797 46.75 -9.92 -10.75
CA ASN A 797 47.08 -11.16 -10.05
C ASN A 797 46.28 -12.35 -10.53
N ILE A 798 46.33 -12.69 -11.81
CA ILE A 798 45.55 -13.82 -12.29
C ILE A 798 46.38 -14.91 -12.96
N TYR A 799 47.14 -14.60 -14.01
CA TYR A 799 47.76 -15.68 -14.76
C TYR A 799 49.23 -15.86 -14.42
N SER A 800 50.12 -15.02 -14.93
CA SER A 800 51.49 -14.77 -14.46
C SER A 800 52.44 -15.97 -14.53
N ASP A 801 51.94 -17.14 -14.96
CA ASP A 801 52.63 -18.44 -15.03
C ASP A 801 53.16 -18.94 -13.69
N ILE A 802 52.76 -18.33 -12.57
CA ILE A 802 53.31 -18.65 -11.26
C ILE A 802 52.14 -18.99 -10.34
N ASP A 803 52.34 -20.02 -9.50
CA ASP A 803 51.32 -20.46 -8.55
C ASP A 803 51.31 -19.65 -7.25
N ASP A 804 51.86 -18.45 -7.24
CA ASP A 804 51.82 -17.59 -6.06
C ASP A 804 50.46 -16.93 -5.97
N ASN A 805 49.74 -17.18 -4.88
CA ASN A 805 48.38 -16.70 -4.70
C ASN A 805 48.20 -15.77 -3.52
N PHE A 806 49.03 -15.92 -2.48
CA PHE A 806 48.86 -15.16 -1.26
C PHE A 806 49.18 -13.68 -1.47
N SER A 807 50.28 -13.38 -2.16
CA SER A 807 50.58 -12.01 -2.53
C SER A 807 49.62 -11.52 -3.60
N GLY A 808 48.99 -12.43 -4.33
CA GLY A 808 47.97 -12.04 -5.28
C GLY A 808 46.67 -11.60 -4.63
N GLN A 809 46.38 -12.13 -3.44
CA GLN A 809 45.15 -11.77 -2.75
C GLN A 809 45.33 -10.67 -1.71
N LYS A 810 46.54 -10.56 -1.14
CA LYS A 810 46.76 -9.69 0.01
C LYS A 810 46.55 -8.22 -0.33
N LYS A 811 47.00 -7.77 -1.50
CA LYS A 811 46.90 -6.37 -1.87
C LYS A 811 45.45 -5.94 -2.07
N LEU A 812 44.67 -6.76 -2.78
CA LEU A 812 43.24 -6.47 -2.97
C LEU A 812 42.48 -6.50 -1.66
N ILE A 813 42.82 -7.46 -0.78
CA ILE A 813 42.15 -7.52 0.51
C ILE A 813 42.48 -6.29 1.37
N GLU A 814 43.76 -5.91 1.47
CA GLU A 814 44.12 -4.82 2.37
C GLU A 814 43.69 -3.46 1.82
N GLN A 815 43.54 -3.32 0.51
CA GLN A 815 43.07 -2.06 -0.01
C GLN A 815 41.63 -2.13 -0.52
N LEU A 816 40.84 -3.11 -0.08
CA LEU A 816 39.40 -3.04 -0.26
C LEU A 816 38.68 -2.85 1.09
N TYR A 817 39.44 -2.78 2.19
CA TYR A 817 38.85 -2.53 3.50
C TYR A 817 38.26 -1.12 3.67
N ARG A 818 38.57 -0.17 2.80
CA ARG A 818 38.07 1.18 2.97
C ARG A 818 36.75 1.44 2.27
N TYR A 819 36.11 0.41 1.70
CA TYR A 819 34.87 0.55 0.93
C TYR A 819 33.72 -0.23 1.54
N LEU A 820 33.89 -0.76 2.74
CA LEU A 820 32.96 -1.72 3.31
C LEU A 820 32.22 -1.12 4.50
N CYS A 821 30.92 -1.40 4.57
CA CYS A 821 30.15 -1.13 5.78
C CYS A 821 30.11 -2.42 6.61
N VAL A 822 29.50 -2.39 7.78
CA VAL A 822 29.32 -3.59 8.58
C VAL A 822 27.88 -3.66 9.06
N ILE A 823 27.21 -4.75 8.66
CA ILE A 823 25.84 -5.01 9.09
C ILE A 823 25.85 -6.41 9.69
N GLU A 824 25.72 -6.50 11.02
CA GLU A 824 25.77 -7.76 11.79
C GLU A 824 27.15 -8.38 11.55
N GLU A 825 27.33 -9.70 11.69
CA GLU A 825 28.62 -10.32 11.36
C GLU A 825 28.67 -10.50 9.85
N GLY A 826 28.98 -9.43 9.13
CA GLY A 826 28.98 -9.50 7.69
C GLY A 826 29.34 -8.15 7.08
N PHE A 827 29.60 -8.18 5.78
CA PHE A 827 29.95 -6.99 5.03
C PHE A 827 28.98 -6.85 3.87
N VAL A 828 28.77 -5.62 3.43
CA VAL A 828 28.03 -5.29 2.24
C VAL A 828 28.87 -4.29 1.46
N ILE A 829 28.53 -4.05 0.21
CA ILE A 829 29.21 -3.04 -0.60
C ILE A 829 28.17 -2.11 -1.20
N ALA A 830 28.33 -0.82 -0.96
CA ALA A 830 27.54 0.21 -1.62
C ALA A 830 28.01 0.34 -3.06
N GLY A 831 27.07 0.50 -3.98
CA GLY A 831 27.38 0.59 -5.40
C GLY A 831 27.96 1.93 -5.77
N ASP A 832 28.08 2.14 -7.08
CA ASP A 832 28.48 3.45 -7.58
C ASP A 832 27.39 4.48 -7.30
N ASN A 833 27.82 5.74 -7.10
CA ASN A 833 27.04 6.82 -6.47
C ASN A 833 26.50 6.36 -5.13
N GLY A 834 27.37 5.88 -4.26
CA GLY A 834 26.99 5.10 -3.09
C GLY A 834 26.17 5.77 -2.01
N LEU A 835 24.88 5.44 -1.97
CA LEU A 835 23.99 5.75 -0.85
C LEU A 835 23.09 4.56 -0.54
N LYS A 836 23.59 3.34 -0.73
CA LYS A 836 22.74 2.17 -0.87
C LYS A 836 23.47 0.94 -0.33
N ILE A 837 22.81 -0.22 -0.43
CA ILE A 837 23.47 -1.51 -0.41
C ILE A 837 22.95 -2.31 -1.60
N THR A 838 23.86 -2.94 -2.34
CA THR A 838 23.48 -3.63 -3.58
C THR A 838 24.10 -5.01 -3.65
N THR A 839 23.47 -5.86 -4.46
CA THR A 839 24.03 -7.12 -4.90
C THR A 839 23.87 -7.25 -6.40
N ASP A 840 24.99 -7.25 -7.11
CA ASP A 840 25.07 -7.35 -8.56
C ASP A 840 26.52 -7.65 -8.94
N ILE A 841 26.76 -7.78 -10.25
CA ILE A 841 28.10 -8.03 -10.75
C ILE A 841 28.56 -6.69 -11.32
N ALA A 842 27.75 -5.66 -11.09
CA ALA A 842 28.02 -4.33 -11.65
C ALA A 842 28.08 -3.29 -10.53
N SER A 843 28.61 -3.72 -9.37
CA SER A 843 29.36 -3.03 -8.30
C SER A 843 28.71 -3.37 -6.96
N GLY A 844 28.77 -4.63 -6.56
CA GLY A 844 28.10 -5.03 -5.34
C GLY A 844 28.76 -6.25 -4.74
N PHE A 845 27.93 -7.08 -4.09
CA PHE A 845 28.41 -8.29 -3.43
C PHE A 845 28.98 -9.29 -4.42
N ALA A 846 28.30 -9.48 -5.55
CA ALA A 846 28.68 -10.58 -6.43
C ALA A 846 29.93 -10.27 -7.22
N GLY A 847 30.23 -8.98 -7.43
CA GLY A 847 31.40 -8.61 -8.22
C GLY A 847 32.71 -9.01 -7.56
N VAL A 848 32.88 -8.66 -6.29
CA VAL A 848 34.04 -9.10 -5.54
C VAL A 848 34.03 -10.61 -5.30
N ALA A 849 32.85 -11.24 -5.24
CA ALA A 849 32.76 -12.68 -5.13
C ALA A 849 33.18 -13.42 -6.38
N ILE A 850 33.05 -12.80 -7.55
CA ILE A 850 33.63 -13.36 -8.79
C ILE A 850 35.12 -13.06 -8.88
N GLY A 851 35.53 -11.85 -8.51
CA GLY A 851 36.94 -11.49 -8.60
C GLY A 851 37.83 -12.30 -7.68
N LEU A 852 37.33 -12.62 -6.49
CA LEU A 852 38.13 -13.40 -5.54
C LEU A 852 38.23 -14.86 -5.97
N VAL A 853 37.21 -15.38 -6.66
CA VAL A 853 37.36 -16.67 -7.32
C VAL A 853 38.39 -16.59 -8.43
N SER A 854 38.32 -15.53 -9.24
CA SER A 854 39.13 -15.47 -10.46
C SER A 854 40.60 -15.22 -10.15
N ILE A 855 40.90 -14.74 -8.94
CA ILE A 855 42.31 -14.69 -8.50
C ILE A 855 42.91 -16.09 -8.42
N MET A 856 42.22 -17.01 -7.73
CA MET A 856 42.83 -18.31 -7.46
C MET A 856 42.53 -19.33 -8.54
N ASP A 857 41.42 -19.19 -9.25
CA ASP A 857 40.95 -20.21 -10.17
C ASP A 857 41.37 -19.95 -11.61
N ASN A 858 41.84 -18.74 -11.90
CA ASN A 858 42.65 -18.38 -13.08
C ASN A 858 41.87 -18.52 -14.39
N LYS A 859 40.54 -18.51 -14.37
CA LYS A 859 39.75 -18.63 -15.59
C LYS A 859 38.94 -17.38 -15.93
N LEU A 860 38.65 -16.53 -14.93
CA LEU A 860 37.62 -15.48 -15.01
C LEU A 860 36.28 -16.13 -15.32
N THR A 861 35.70 -16.80 -14.33
CA THR A 861 34.62 -17.76 -14.51
C THR A 861 33.29 -17.21 -15.04
N ILE A 862 33.19 -15.90 -15.29
CA ILE A 862 31.97 -15.34 -15.87
C ILE A 862 32.22 -14.90 -17.31
N LEU A 863 33.21 -15.50 -17.95
CA LEU A 863 33.43 -15.22 -19.35
C LEU A 863 33.81 -16.55 -19.98
N PRO A 864 33.18 -16.93 -21.11
CA PRO A 864 33.26 -18.33 -21.58
C PRO A 864 34.61 -18.83 -22.11
N GLN A 865 35.25 -19.68 -21.33
CA GLN A 865 36.53 -20.27 -21.72
C GLN A 865 36.45 -21.79 -21.67
N ILE A 866 36.83 -22.42 -22.77
CA ILE A 866 36.88 -23.88 -22.85
C ILE A 866 37.94 -24.31 -23.87
N ASN B 1 -16.42 -13.00 9.43
CA ASN B 1 -15.68 -13.12 8.17
C ASN B 1 -14.63 -12.02 8.04
N PHE B 2 -14.83 -11.11 7.10
CA PHE B 2 -13.84 -10.06 6.86
C PHE B 2 -14.51 -8.71 6.65
N ASN B 3 -14.71 -7.94 7.73
CA ASN B 3 -15.34 -6.64 7.60
C ASN B 3 -14.36 -5.52 7.93
N LEU B 4 -14.40 -4.45 7.12
CA LEU B 4 -13.56 -3.28 7.33
C LEU B 4 -14.25 -2.10 6.64
N GLU B 5 -14.24 -0.95 7.30
CA GLU B 5 -14.98 0.21 6.83
C GLU B 5 -14.13 1.08 5.90
N HIS B 6 -14.82 1.70 4.96
CA HIS B 6 -14.25 2.42 3.84
C HIS B 6 -15.33 3.36 3.32
N PRO B 7 -14.97 4.56 2.86
CA PRO B 7 -15.99 5.46 2.33
C PRO B 7 -16.50 5.04 0.95
N PHE B 8 -17.51 4.13 0.99
CA PHE B 8 -18.34 3.42 -0.01
C PHE B 8 -18.42 1.94 0.34
N PHE B 9 -17.71 1.11 -0.44
CA PHE B 9 -17.79 -0.35 -0.36
C PHE B 9 -17.17 -0.89 0.91
N PHE B 10 -17.36 -2.18 1.18
CA PHE B 10 -16.54 -2.87 2.17
C PHE B 10 -15.40 -3.60 1.48
N THR B 11 -14.41 -4.01 2.27
CA THR B 11 -13.26 -4.75 1.79
C THR B 11 -12.68 -5.53 2.97
N ASN B 12 -11.79 -6.46 2.65
CA ASN B 12 -11.12 -7.31 3.63
C ASN B 12 -9.96 -6.58 4.29
N ASN B 13 -9.25 -7.28 5.18
CA ASN B 13 -8.18 -6.65 5.96
C ASN B 13 -6.90 -6.47 5.16
N ASP B 14 -6.98 -5.71 4.06
CA ASP B 14 -5.81 -5.35 3.27
C ASP B 14 -5.67 -3.84 3.21
N TYR B 15 -6.77 -3.16 2.91
CA TYR B 15 -6.77 -1.71 2.79
C TYR B 15 -6.82 -1.08 4.17
N SER B 16 -5.67 -0.96 4.83
CA SER B 16 -5.62 -0.27 6.12
C SER B 16 -4.51 0.78 6.12
N THR B 17 -3.37 0.43 5.51
CA THR B 17 -2.14 1.23 5.39
C THR B 17 -1.70 1.51 6.84
N ASP B 18 -1.03 2.63 7.14
CA ASP B 18 -0.64 3.06 8.47
C ASP B 18 -0.14 4.50 8.45
N THR B 19 -0.51 5.28 9.47
CA THR B 19 0.13 6.56 9.73
C THR B 19 0.12 6.84 11.23
N SER B 20 1.26 7.25 11.77
CA SER B 20 1.42 7.51 13.20
C SER B 20 2.65 8.37 13.42
N ILE B 21 3.00 8.55 14.68
CA ILE B 21 4.30 9.09 15.06
C ILE B 21 5.17 7.91 15.48
N LYS B 22 6.34 7.81 14.88
CA LYS B 22 7.16 6.60 15.01
C LYS B 22 7.96 6.58 16.30
N TYR B 23 9.00 5.74 16.32
CA TYR B 23 9.73 5.34 17.52
C TYR B 23 11.23 5.25 17.27
N GLN B 24 11.90 4.37 17.99
CA GLN B 24 13.17 3.70 17.72
C GLN B 24 14.34 4.41 18.40
N ALA B 25 15.18 3.61 19.05
CA ALA B 25 16.34 4.03 19.83
C ALA B 25 17.64 4.00 19.03
N SER B 26 18.77 4.09 19.75
CA SER B 26 20.10 4.10 19.16
C SER B 26 20.75 2.72 19.31
N LEU B 27 21.94 2.58 18.72
CA LEU B 27 22.72 1.35 18.81
C LEU B 27 24.22 1.65 18.71
N PRO B 28 24.95 1.67 19.81
CA PRO B 28 26.40 1.79 19.70
C PRO B 28 27.16 0.48 19.46
N PHE B 29 27.55 0.29 18.20
CA PHE B 29 28.68 -0.52 17.73
C PHE B 29 28.54 -2.04 17.87
N ASN B 30 27.52 -2.57 18.57
CA ASN B 30 27.35 -4.03 18.63
C ASN B 30 25.86 -4.42 18.66
N TRP B 31 25.18 -4.32 17.52
CA TRP B 31 23.72 -4.52 17.38
C TRP B 31 23.28 -4.54 15.93
N HIS B 32 21.98 -4.82 15.75
CA HIS B 32 21.31 -5.01 14.47
C HIS B 32 19.81 -4.76 14.64
N GLU B 33 19.15 -4.35 13.56
CA GLU B 33 17.69 -4.15 13.54
C GLU B 33 17.09 -4.98 12.42
N VAL B 34 15.97 -5.64 12.69
CA VAL B 34 15.22 -6.39 11.68
C VAL B 34 13.74 -6.02 11.77
N MET B 35 13.07 -6.04 10.62
CA MET B 35 11.62 -5.81 10.53
C MET B 35 10.92 -7.16 10.46
N ASN B 36 10.53 -7.70 11.62
CA ASN B 36 9.99 -9.05 11.69
C ASN B 36 8.65 -9.26 11.00
N ASN B 37 7.56 -8.71 11.56
CA ASN B 37 6.22 -8.94 11.02
C ASN B 37 5.37 -7.67 11.10
N ASP B 38 6.01 -6.54 10.79
CA ASP B 38 5.40 -5.22 10.63
C ASP B 38 4.69 -4.68 11.88
N GLU B 39 4.97 -5.24 13.06
CA GLU B 39 4.48 -4.64 14.30
C GLU B 39 5.52 -4.72 15.39
N TRP B 40 6.77 -5.03 15.01
CA TRP B 40 7.88 -5.03 15.95
C TRP B 40 9.14 -4.57 15.23
N VAL B 41 10.02 -3.93 15.99
CA VAL B 41 11.42 -3.74 15.59
C VAL B 41 12.27 -4.34 16.70
N TYR B 42 13.35 -5.01 16.31
CA TYR B 42 14.03 -5.94 17.19
C TYR B 42 15.53 -5.70 17.18
N GLN B 43 16.13 -5.59 18.36
CA GLN B 43 17.55 -5.31 18.50
C GLN B 43 18.20 -6.36 19.39
N TYR B 44 19.38 -6.83 18.98
CA TYR B 44 20.03 -7.98 19.58
C TYR B 44 21.52 -7.87 19.28
N PRO B 45 22.38 -8.48 20.11
CA PRO B 45 23.83 -8.37 19.87
C PRO B 45 24.26 -9.12 18.62
N ILE B 46 25.40 -8.74 18.06
CA ILE B 46 25.85 -9.38 16.84
C ILE B 46 26.59 -10.68 17.19
N GLY B 47 25.81 -11.72 17.43
CA GLY B 47 26.31 -13.04 17.70
C GLY B 47 26.36 -13.37 19.18
N LYS B 48 25.35 -14.09 19.67
CA LYS B 48 25.28 -14.53 21.06
C LYS B 48 24.20 -15.60 21.19
N PHE B 49 24.55 -16.70 21.84
CA PHE B 49 23.59 -17.72 22.19
C PHE B 49 23.12 -17.52 23.63
N VAL B 50 21.81 -17.33 23.80
CA VAL B 50 21.31 -16.84 25.08
C VAL B 50 20.58 -17.88 25.93
N GLU B 51 19.41 -18.35 25.49
CA GLU B 51 18.46 -19.02 26.39
C GLU B 51 17.27 -19.57 25.60
N ARG B 52 16.59 -20.58 26.13
CA ARG B 52 15.29 -21.01 25.64
C ARG B 52 14.31 -21.11 26.81
N GLN B 53 13.11 -20.54 26.60
CA GLN B 53 11.88 -20.78 27.38
C GLN B 53 11.89 -20.15 28.79
N GLY B 54 13.03 -19.60 29.22
CA GLY B 54 13.19 -19.28 30.64
C GLY B 54 12.36 -18.09 31.10
N TRP B 55 12.74 -16.87 30.70
CA TRP B 55 12.12 -15.67 31.23
C TRP B 55 12.36 -14.49 30.31
N LYS B 56 11.35 -13.63 30.18
CA LYS B 56 11.45 -12.40 29.41
C LYS B 56 10.80 -11.29 30.23
N ILE B 57 10.91 -10.05 29.76
CA ILE B 57 10.37 -8.90 30.48
C ILE B 57 9.54 -8.04 29.54
N HIS B 58 8.29 -7.75 29.92
CA HIS B 58 7.39 -6.91 29.15
C HIS B 58 7.28 -5.54 29.78
N ILE B 59 7.41 -4.50 28.97
CA ILE B 59 7.31 -3.11 29.41
C ILE B 59 6.20 -2.42 28.63
N SER B 60 5.23 -1.86 29.35
CA SER B 60 4.19 -1.02 28.77
C SER B 60 4.52 0.44 29.00
N SER B 61 3.71 1.33 28.42
CA SER B 61 3.98 2.76 28.53
C SER B 61 2.65 3.50 28.54
N GLU B 62 2.67 4.82 28.43
CA GLU B 62 1.49 5.66 28.44
C GLU B 62 1.57 6.61 27.26
N TYR B 63 0.43 7.03 26.72
CA TYR B 63 0.42 7.73 25.44
C TYR B 63 0.98 9.15 25.53
N ASN B 64 0.91 9.81 26.68
CA ASN B 64 1.48 11.13 26.81
C ASN B 64 3.01 11.09 26.84
N SER B 65 3.59 10.34 27.76
CA SER B 65 5.04 10.13 27.79
C SER B 65 5.34 8.72 27.29
N SER B 66 5.39 8.59 25.97
CA SER B 66 5.75 7.32 25.33
C SER B 66 7.20 7.36 24.86
N HIS B 67 7.58 8.42 24.15
CA HIS B 67 8.92 8.58 23.64
C HIS B 67 9.93 8.78 24.77
N GLU B 68 9.47 9.33 25.89
CA GLU B 68 10.35 9.69 26.99
C GLU B 68 10.59 8.50 27.92
N LEU B 69 10.01 7.35 27.60
CA LEU B 69 10.38 6.10 28.24
C LEU B 69 11.28 5.24 27.36
N LEU B 70 11.18 5.39 26.03
CA LEU B 70 12.06 4.67 25.12
C LEU B 70 13.50 5.16 25.26
N GLN B 71 13.69 6.48 25.36
CA GLN B 71 15.03 7.03 25.52
C GLN B 71 15.39 7.12 27.00
N ASP B 72 14.56 6.53 27.85
CA ASP B 72 14.92 6.28 29.24
C ASP B 72 15.34 4.84 29.51
N VAL B 73 14.67 3.85 28.92
CA VAL B 73 15.30 2.55 28.75
C VAL B 73 15.54 2.37 27.25
N ALA B 74 16.61 3.02 26.79
CA ALA B 74 17.46 2.58 25.70
C ALA B 74 18.90 2.50 26.23
N LYS B 75 19.35 3.60 26.81
CA LYS B 75 20.76 3.73 27.18
C LYS B 75 21.03 3.14 28.55
N ILE B 76 20.00 2.74 29.27
CA ILE B 76 20.18 2.11 30.57
C ILE B 76 20.29 0.60 30.36
N CYS B 77 20.01 0.15 29.13
CA CYS B 77 20.10 -1.28 28.85
C CYS B 77 21.01 -1.58 27.66
N HIS B 78 21.51 -0.54 26.97
CA HIS B 78 22.63 -0.76 26.06
C HIS B 78 23.86 -1.22 26.82
N GLU B 79 24.12 -0.62 27.97
CA GLU B 79 25.13 -1.11 28.89
C GLU B 79 24.67 -2.43 29.49
N MET B 80 25.64 -3.19 30.03
CA MET B 80 25.50 -4.58 30.42
C MET B 80 24.96 -5.38 29.23
N ARG B 81 24.03 -6.30 29.45
CA ARG B 81 23.49 -7.03 28.30
C ARG B 81 21.99 -7.20 28.39
N ILE B 82 21.25 -6.44 27.58
CA ILE B 82 19.80 -6.58 27.40
C ILE B 82 19.46 -6.43 25.92
N PRO B 83 19.04 -7.49 25.22
CA PRO B 83 18.37 -7.29 23.92
C PRO B 83 16.85 -7.20 24.06
N PHE B 84 16.20 -6.38 23.23
CA PHE B 84 14.80 -6.06 23.44
C PHE B 84 14.10 -5.85 22.09
N LYS B 85 12.78 -5.71 22.15
CA LYS B 85 11.97 -5.33 21.00
C LYS B 85 10.75 -4.54 21.48
N HIS B 86 10.14 -3.78 20.57
CA HIS B 86 9.03 -2.91 20.91
C HIS B 86 8.18 -2.61 19.69
N LEU B 87 7.01 -2.01 19.92
CA LEU B 87 6.05 -1.69 18.86
C LEU B 87 6.61 -0.57 17.98
N SER B 88 6.03 -0.39 16.81
CA SER B 88 6.67 0.44 15.79
C SER B 88 5.83 1.68 15.48
N THR B 89 4.51 1.58 15.63
CA THR B 89 3.66 2.73 15.36
C THR B 89 2.71 3.00 16.53
N GLU B 90 2.26 4.26 16.64
CA GLU B 90 1.38 4.63 17.74
C GLU B 90 -0.03 4.09 17.56
N ASP B 91 -0.49 3.94 16.30
CA ASP B 91 -1.84 3.45 16.08
C ASP B 91 -2.00 1.99 16.48
N LYS B 92 -0.90 1.23 16.49
CA LYS B 92 -0.92 -0.10 17.09
C LYS B 92 -0.82 -0.06 18.60
N PHE B 93 -0.35 1.04 19.18
CA PHE B 93 -0.48 1.23 20.61
C PHE B 93 -1.90 1.58 21.02
N ILE B 94 -2.65 2.26 20.13
CA ILE B 94 -4.10 2.40 20.30
C ILE B 94 -4.82 1.06 20.24
N MET B 95 -4.31 0.10 19.47
CA MET B 95 -4.95 -1.20 19.35
C MET B 95 -4.56 -2.20 20.43
N ARG B 96 -3.28 -2.27 20.81
CA ARG B 96 -2.85 -3.23 21.82
C ARG B 96 -3.41 -2.92 23.20
N ASN B 97 -3.46 -1.64 23.57
CA ASN B 97 -4.30 -1.21 24.68
C ASN B 97 -5.51 -0.46 24.13
N GLY B 98 -6.67 -1.11 24.16
CA GLY B 98 -7.83 -0.54 23.52
C GLY B 98 -9.12 -1.12 24.06
N LYS B 99 -10.05 -1.36 23.16
CA LYS B 99 -11.40 -1.76 23.54
C LYS B 99 -11.88 -3.03 22.84
N LEU B 100 -11.38 -3.32 21.64
CA LEU B 100 -11.87 -4.43 20.83
C LEU B 100 -10.90 -5.60 20.82
N VAL B 101 -9.60 -5.34 20.93
CA VAL B 101 -8.59 -6.40 20.99
C VAL B 101 -8.66 -7.05 22.36
N SER B 102 -8.58 -8.37 22.40
CA SER B 102 -8.97 -9.17 23.55
C SER B 102 -7.93 -9.12 24.67
N ARG B 103 -8.13 -9.98 25.67
CA ARG B 103 -7.30 -9.98 26.87
C ARG B 103 -5.87 -10.45 26.58
N GLY B 104 -5.72 -11.38 25.64
CA GLY B 104 -4.44 -12.00 25.34
C GLY B 104 -3.35 -11.06 24.86
N PHE B 105 -3.74 -10.04 24.10
CA PHE B 105 -2.79 -9.07 23.58
C PHE B 105 -3.12 -7.71 24.20
N SER B 106 -2.66 -7.48 25.43
CA SER B 106 -2.93 -6.24 26.14
C SER B 106 -1.81 -5.95 27.12
N GLY B 107 -1.51 -4.65 27.29
CA GLY B 107 -0.43 -4.23 28.16
C GLY B 107 0.94 -4.64 27.67
N LYS B 108 1.19 -4.47 26.37
CA LYS B 108 2.46 -4.89 25.78
C LYS B 108 2.92 -3.79 24.83
N PHE B 109 4.00 -3.11 25.22
CA PHE B 109 4.64 -2.09 24.39
C PHE B 109 6.10 -2.39 24.09
N ILE B 110 6.87 -2.83 25.08
CA ILE B 110 8.28 -3.19 24.91
C ILE B 110 8.46 -4.59 25.48
N THR B 111 9.11 -5.46 24.71
CA THR B 111 9.45 -6.81 25.16
C THR B 111 10.95 -6.95 25.25
N CYS B 112 11.45 -7.41 26.40
CA CYS B 112 12.87 -7.54 26.65
C CYS B 112 13.25 -9.01 26.87
N TYR B 113 14.46 -9.37 26.44
CA TYR B 113 14.99 -10.74 26.60
C TYR B 113 16.35 -10.73 27.30
N PRO B 114 16.36 -10.62 28.63
CA PRO B 114 17.64 -10.78 29.34
C PRO B 114 18.11 -12.22 29.40
N ASN B 115 19.36 -12.43 29.80
CA ASN B 115 19.91 -13.77 29.95
C ASN B 115 19.67 -14.27 31.36
N GLN B 116 19.64 -15.60 31.52
CA GLN B 116 19.21 -16.27 32.75
C GLN B 116 20.10 -15.97 33.96
N ASN B 117 21.37 -15.63 33.76
CA ASN B 117 22.26 -15.32 34.88
C ASN B 117 22.27 -13.85 35.24
N GLU B 118 21.42 -13.03 34.61
CA GLU B 118 21.46 -11.59 34.77
C GLU B 118 20.11 -10.99 35.16
N LEU B 119 19.11 -11.83 35.48
CA LEU B 119 17.73 -11.36 35.64
C LEU B 119 17.58 -10.40 36.81
N GLU B 120 18.36 -10.61 37.87
CA GLU B 120 18.43 -9.61 38.92
C GLU B 120 19.18 -8.37 38.46
N SER B 121 20.23 -8.57 37.64
CA SER B 121 21.14 -7.48 37.32
C SER B 121 20.53 -6.51 36.30
N VAL B 122 19.73 -7.03 35.36
CA VAL B 122 19.30 -6.24 34.21
C VAL B 122 18.30 -5.15 34.59
N LEU B 123 17.64 -5.28 35.74
CA LEU B 123 16.61 -4.34 36.12
C LEU B 123 16.96 -3.48 37.33
N GLN B 124 18.05 -3.77 38.04
CA GLN B 124 18.32 -3.09 39.30
C GLN B 124 18.76 -1.64 39.07
N ARG B 125 19.36 -1.35 37.92
CA ARG B 125 19.63 0.03 37.53
C ARG B 125 18.73 0.50 36.40
N LEU B 126 18.01 -0.42 35.77
CA LEU B 126 17.03 -0.05 34.75
C LEU B 126 15.78 0.55 35.38
N GLU B 127 15.42 0.09 36.59
CA GLU B 127 14.19 0.54 37.24
C GLU B 127 14.35 1.95 37.80
N SER B 128 15.57 2.31 38.21
CA SER B 128 15.79 3.54 38.98
C SER B 128 15.57 4.78 38.14
N ALA B 129 15.69 4.68 36.82
CA ALA B 129 15.33 5.80 35.97
C ALA B 129 13.83 5.86 35.73
N LEU B 130 13.11 4.77 36.00
CA LEU B 130 11.71 4.68 35.58
C LEU B 130 10.75 5.01 36.71
N LYS B 131 11.23 5.50 37.85
CA LYS B 131 10.37 5.65 39.02
C LYS B 131 9.35 6.77 38.88
N GLN B 132 9.48 7.65 37.89
CA GLN B 132 8.48 8.68 37.61
C GLN B 132 7.63 8.37 36.38
N TYR B 133 7.36 7.09 36.12
CA TYR B 133 6.45 6.67 35.06
C TYR B 133 5.45 5.67 35.60
N ASN B 134 4.31 5.57 34.92
CA ASN B 134 3.26 4.61 35.25
C ASN B 134 2.49 4.21 33.98
N GLY B 135 1.81 3.06 34.06
CA GLY B 135 1.20 2.48 32.88
C GLY B 135 0.03 1.55 33.18
N PRO B 136 -0.49 0.86 32.12
CA PRO B 136 -1.69 0.04 32.27
C PRO B 136 -1.58 -1.16 33.20
N TYR B 137 -2.73 -1.77 33.47
CA TYR B 137 -2.86 -2.86 34.42
C TYR B 137 -2.32 -4.14 33.77
N ILE B 138 -2.07 -5.15 34.59
CA ILE B 138 -1.33 -6.35 34.18
C ILE B 138 -2.29 -7.46 33.72
N LEU B 139 -2.45 -7.60 32.41
CA LEU B 139 -3.21 -8.70 31.85
C LEU B 139 -2.36 -9.46 30.86
N SER B 140 -2.58 -10.79 30.79
CA SER B 140 -1.82 -11.73 29.96
C SER B 140 -0.33 -11.67 30.26
N ASP B 141 0.03 -11.43 31.52
CA ASP B 141 1.40 -11.14 31.91
C ASP B 141 1.44 -11.33 33.43
N LYS B 142 2.57 -11.08 34.08
CA LYS B 142 2.69 -11.29 35.52
C LYS B 142 3.21 -9.98 36.15
N ARG B 143 3.01 -9.84 37.46
CA ARG B 143 3.48 -8.68 38.20
C ARG B 143 4.92 -8.90 38.63
N TRP B 144 5.75 -7.86 38.50
CA TRP B 144 7.06 -7.90 39.14
C TRP B 144 7.22 -6.83 40.22
N ASP B 145 7.08 -5.55 39.85
CA ASP B 145 7.42 -4.49 40.78
C ASP B 145 6.80 -3.18 40.25
N GLU B 146 6.87 -2.14 41.09
CA GLU B 146 6.48 -0.79 40.71
C GLU B 146 7.39 -0.27 39.60
N ALA B 147 6.86 0.72 38.83
CA ALA B 147 7.29 1.40 37.60
C ALA B 147 6.94 0.49 36.42
N PRO B 148 6.85 1.01 35.16
CA PRO B 148 6.40 0.14 34.06
C PRO B 148 7.36 -0.96 33.62
N ILE B 149 7.77 -1.84 34.53
CA ILE B 149 8.37 -3.13 34.18
C ILE B 149 7.59 -4.21 34.92
N TYR B 150 7.36 -5.33 34.24
CA TYR B 150 6.46 -6.34 34.79
C TYR B 150 7.00 -7.75 34.55
N GLY B 154 7.97 -16.51 27.97
CA GLY B 154 7.68 -17.27 26.76
C GLY B 154 8.93 -17.79 26.07
N VAL B 155 8.92 -17.79 24.74
CA VAL B 155 10.00 -18.35 23.94
C VAL B 155 10.74 -17.20 23.25
N PHE B 156 11.97 -17.46 22.84
CA PHE B 156 12.81 -16.45 22.21
C PHE B 156 12.98 -16.68 20.71
N ARG B 157 13.44 -17.87 20.33
CA ARG B 157 13.73 -18.19 18.93
C ARG B 157 12.79 -19.28 18.42
N ASP B 196 18.69 -17.58 38.46
CA ASP B 196 17.67 -16.54 38.44
C ASP B 196 17.22 -16.20 39.86
N PHE B 197 16.90 -14.92 40.07
CA PHE B 197 16.54 -14.40 41.38
C PHE B 197 15.03 -14.17 41.51
N LEU B 198 14.30 -14.19 40.39
CA LEU B 198 12.93 -13.71 40.37
C LEU B 198 11.93 -14.72 40.95
N ASN B 199 12.42 -15.77 41.60
CA ASN B 199 11.59 -16.83 42.17
C ASN B 199 10.76 -16.35 43.36
N LYS B 200 11.22 -15.29 44.03
CA LYS B 200 10.70 -14.90 45.34
C LYS B 200 9.26 -14.37 45.34
N TRP B 201 8.89 -13.63 44.30
CA TRP B 201 7.62 -12.90 44.31
C TRP B 201 6.41 -13.83 44.21
N LEU B 202 6.61 -15.04 43.69
CA LEU B 202 5.54 -16.02 43.63
C LEU B 202 5.18 -16.55 45.01
N ASP B 217 -25.80 -8.89 39.27
CA ASP B 217 -26.97 -9.54 38.72
C ASP B 217 -26.61 -10.38 37.49
N ASN B 218 -26.17 -9.70 36.44
CA ASN B 218 -25.79 -10.37 35.18
C ASN B 218 -24.85 -9.46 34.42
N ALA B 219 -24.28 -9.99 33.35
CA ALA B 219 -23.39 -9.23 32.48
C ALA B 219 -23.92 -9.31 31.05
N ILE B 220 -23.82 -8.19 30.33
CA ILE B 220 -24.39 -8.12 28.99
C ILE B 220 -23.33 -7.81 27.95
N ARG B 221 -22.26 -7.12 28.35
CA ARG B 221 -21.15 -6.86 27.42
C ARG B 221 -19.81 -7.20 28.05
N PHE B 222 -18.94 -7.83 27.26
CA PHE B 222 -17.53 -7.99 27.60
C PHE B 222 -16.70 -7.20 26.62
N SER B 223 -15.71 -6.46 27.11
CA SER B 223 -14.82 -5.72 26.23
C SER B 223 -13.47 -5.58 26.95
N ASN B 224 -12.55 -4.83 26.35
CA ASN B 224 -11.26 -4.58 26.97
C ASN B 224 -11.31 -3.37 27.90
N SER B 225 -12.35 -2.55 27.78
CA SER B 225 -12.56 -1.41 28.67
C SER B 225 -12.82 -1.87 30.10
N GLY B 226 -13.61 -2.93 30.27
CA GLY B 226 -13.83 -3.50 31.58
C GLY B 226 -15.21 -4.05 31.84
N GLY B 227 -16.22 -3.59 31.11
CA GLY B 227 -17.56 -4.14 31.25
C GLY B 227 -18.61 -3.05 31.27
N ILE B 228 -19.81 -3.43 30.85
CA ILE B 228 -21.00 -2.57 30.84
C ILE B 228 -22.01 -3.29 31.74
N TYR B 229 -21.51 -3.85 32.83
CA TYR B 229 -22.20 -4.85 33.65
C TYR B 229 -23.47 -4.32 34.34
N ASN B 230 -24.14 -5.21 35.07
CA ASN B 230 -25.42 -4.89 35.70
C ASN B 230 -25.52 -5.59 37.05
N ALA B 231 -25.78 -4.82 38.11
CA ALA B 231 -25.84 -5.40 39.45
C ALA B 231 -26.74 -4.59 40.37
N ARG B 232 -26.69 -4.89 41.67
CA ARG B 232 -27.53 -4.24 42.67
C ARG B 232 -26.65 -3.73 43.80
N LEU B 233 -27.17 -2.74 44.53
CA LEU B 233 -26.45 -2.12 45.64
C LEU B 233 -26.35 -3.09 46.81
N LYS B 234 -25.27 -2.93 47.59
CA LYS B 234 -25.07 -3.71 48.79
C LYS B 234 -26.08 -3.34 49.88
N GLY B 237 -30.19 -2.28 47.32
CA GLY B 237 -30.65 -2.80 46.04
C GLY B 237 -30.97 -1.70 45.04
N LYS B 238 -32.26 -1.48 44.81
CA LYS B 238 -32.85 -0.40 44.02
C LYS B 238 -32.52 -0.42 42.52
N LYS B 239 -31.76 -1.45 42.09
CA LYS B 239 -31.35 -1.76 40.71
C LYS B 239 -30.40 -0.72 40.13
N ILE B 240 -29.26 -1.16 39.60
CA ILE B 240 -28.18 -0.25 39.20
C ILE B 240 -27.64 -0.70 37.84
N ILE B 241 -27.55 0.24 36.90
CA ILE B 241 -26.85 0.03 35.64
C ILE B 241 -25.42 0.55 35.78
N LEU B 242 -24.43 -0.33 35.71
CA LEU B 242 -23.06 0.07 35.95
C LEU B 242 -22.28 0.40 34.67
N LYS B 243 -21.17 1.10 34.83
CA LYS B 243 -20.11 1.16 33.85
C LYS B 243 -18.81 0.85 34.57
N GLU B 244 -17.72 0.67 33.81
CA GLU B 244 -16.45 0.32 34.44
C GLU B 244 -15.27 0.76 33.58
N ALA B 245 -14.09 0.86 34.19
CA ALA B 245 -12.86 1.19 33.50
C ALA B 245 -11.67 0.61 34.24
N ARG B 246 -10.47 0.82 33.71
CA ARG B 246 -9.23 0.24 34.23
C ARG B 246 -8.10 1.15 33.74
N PRO B 247 -6.85 1.13 34.36
CA PRO B 247 -5.89 2.23 34.14
C PRO B 247 -5.43 2.47 32.70
N TYR B 248 -5.75 3.66 32.19
CA TYR B 248 -5.15 4.26 30.99
C TYR B 248 -5.48 3.44 29.73
N THR B 249 -6.73 3.00 29.65
CA THR B 249 -7.17 2.09 28.59
C THR B 249 -8.35 2.69 27.81
N GLY B 250 -8.40 2.37 26.53
CA GLY B 250 -9.51 2.74 25.68
C GLY B 250 -9.26 4.09 25.02
N LEU B 251 -8.93 4.02 23.73
CA LEU B 251 -8.49 5.21 23.02
C LEU B 251 -9.07 5.25 21.63
N GLY B 252 -9.13 6.44 21.03
CA GLY B 252 -9.52 6.59 19.64
C GLY B 252 -8.43 7.33 18.92
N PHE B 253 -8.81 7.94 17.79
CA PHE B 253 -7.86 8.73 17.01
C PHE B 253 -7.95 10.19 17.44
N ASP B 254 -8.82 10.45 18.42
CA ASP B 254 -8.95 11.69 19.16
C ASP B 254 -8.85 11.27 20.63
N GLY B 255 -7.87 10.43 20.89
CA GLY B 255 -7.77 9.57 22.07
C GLY B 255 -7.93 10.16 23.45
N THR B 256 -9.05 9.83 24.08
CA THR B 256 -9.30 10.14 25.49
C THR B 256 -9.72 8.84 26.18
N TYR B 257 -9.46 8.73 27.47
CA TYR B 257 -9.52 7.45 28.17
C TYR B 257 -10.93 7.16 28.64
N SER B 258 -11.12 5.93 29.11
CA SER B 258 -12.40 5.45 29.62
C SER B 258 -12.80 6.18 30.89
N SER B 259 -11.83 6.45 31.76
CA SER B 259 -12.10 7.10 33.03
C SER B 259 -12.20 8.61 32.87
N GLU B 260 -12.05 9.09 31.64
CA GLU B 260 -12.32 10.48 31.30
C GLU B 260 -13.76 10.65 30.82
N LYS B 261 -14.19 9.81 29.87
CA LYS B 261 -15.58 9.85 29.42
C LYS B 261 -16.54 9.42 30.51
N LEU B 262 -16.10 8.50 31.38
CA LEU B 262 -16.97 8.02 32.45
C LEU B 262 -17.10 9.07 33.55
N ALA B 263 -16.07 9.89 33.74
CA ALA B 263 -16.10 10.95 34.74
C ALA B 263 -16.61 12.23 34.11
N SER B 264 -16.87 12.18 32.80
CA SER B 264 -17.48 13.31 32.10
C SER B 264 -19.00 13.22 32.09
N GLU B 265 -19.58 12.49 33.04
CA GLU B 265 -21.03 12.49 33.21
C GLU B 265 -21.40 12.64 34.68
N CYS B 266 -20.40 12.67 35.55
CA CYS B 266 -20.62 12.91 36.98
C CYS B 266 -21.13 14.30 37.26
N LYS B 267 -20.93 15.24 36.34
CA LYS B 267 -21.50 16.59 36.48
C LYS B 267 -22.80 16.70 35.69
N ALA B 268 -22.90 16.00 34.56
CA ALA B 268 -24.09 16.05 33.72
C ALA B 268 -25.28 15.31 34.31
N LEU B 269 -25.06 14.30 35.15
CA LEU B 269 -26.14 13.63 35.86
C LEU B 269 -26.37 14.22 37.24
N LYS B 270 -25.57 15.22 37.63
CA LYS B 270 -25.77 15.91 38.90
C LYS B 270 -26.41 17.27 38.68
N ILE B 271 -26.24 17.88 37.50
CA ILE B 271 -26.92 19.11 37.14
C ILE B 271 -28.42 18.82 37.00
N LEU B 272 -28.77 17.75 36.28
CA LEU B 272 -30.18 17.44 36.07
C LEU B 272 -30.81 16.86 37.32
N ASN B 273 -30.36 15.67 37.73
CA ASN B 273 -30.70 14.96 38.97
C ASN B 273 -32.19 14.92 39.36
N GLU B 274 -32.76 16.10 39.62
CA GLU B 274 -34.10 16.22 40.19
C GLU B 274 -35.19 15.77 39.23
N TRP B 275 -34.93 15.78 37.93
CA TRP B 275 -35.95 15.53 36.91
C TRP B 275 -36.40 14.08 36.94
N SER B 276 -37.56 13.81 36.32
CA SER B 276 -38.17 12.49 36.34
C SER B 276 -37.85 11.67 35.10
N GLU B 277 -37.19 12.27 34.09
CA GLU B 277 -36.77 11.54 32.91
C GLU B 277 -35.26 11.79 32.68
N ALA B 278 -34.46 11.05 33.46
CA ALA B 278 -33.00 11.03 33.53
C ALA B 278 -32.62 9.95 34.52
N PRO B 279 -31.43 9.36 34.40
CA PRO B 279 -30.96 8.46 35.46
C PRO B 279 -30.57 9.23 36.71
N LYS B 280 -30.51 8.53 37.85
CA LYS B 280 -30.07 9.11 39.12
C LYS B 280 -28.88 8.30 39.60
N ILE B 281 -27.75 8.97 39.84
CA ILE B 281 -26.55 8.28 40.28
C ILE B 281 -26.72 7.89 41.74
N TYR B 282 -26.63 6.59 42.02
CA TYR B 282 -26.77 6.10 43.38
C TYR B 282 -25.42 5.90 44.07
N TRP B 283 -24.44 5.32 43.35
CA TRP B 283 -23.13 5.06 43.92
C TRP B 283 -22.08 5.51 42.92
N HIS B 284 -20.99 6.06 43.44
CA HIS B 284 -19.87 6.55 42.64
C HIS B 284 -18.67 6.63 43.57
N GLY B 285 -17.52 6.16 43.09
CA GLY B 285 -16.33 6.17 43.92
C GLY B 285 -15.22 5.32 43.34
N LYS B 286 -14.19 5.10 44.16
CA LYS B 286 -13.01 4.38 43.72
C LYS B 286 -12.69 3.22 44.68
N ILE B 287 -13.22 2.03 44.39
CA ILE B 287 -12.83 0.84 45.16
C ILE B 287 -11.37 0.50 44.88
N TRP B 288 -10.95 0.66 43.63
CA TRP B 288 -9.57 0.52 43.20
C TRP B 288 -9.31 1.73 42.32
N GLU B 289 -8.25 1.68 41.49
CA GLU B 289 -8.18 2.65 40.41
C GLU B 289 -9.33 2.46 39.44
N HIS B 290 -9.83 1.22 39.32
CA HIS B 290 -11.05 0.92 38.58
C HIS B 290 -12.21 1.79 39.06
N THR B 291 -12.92 2.37 38.10
CA THR B 291 -13.95 3.36 38.39
C THR B 291 -15.31 2.72 38.21
N PHE B 292 -16.13 2.79 39.26
CA PHE B 292 -17.48 2.26 39.25
C PHE B 292 -18.45 3.42 39.28
N LEU B 293 -19.26 3.55 38.22
CA LEU B 293 -20.33 4.54 38.16
C LEU B 293 -21.64 3.76 38.07
N GLY B 294 -22.58 4.10 38.94
CA GLY B 294 -23.86 3.42 38.96
C GLY B 294 -25.03 4.36 38.77
N ILE B 295 -25.88 4.05 37.81
CA ILE B 295 -27.12 4.76 37.57
C ILE B 295 -28.27 3.77 37.72
N GLU B 296 -29.43 4.25 38.16
CA GLU B 296 -30.56 3.38 38.49
C GLU B 296 -31.20 2.77 37.26
N HIS B 297 -31.49 1.48 37.33
CA HIS B 297 -32.16 0.78 36.23
C HIS B 297 -33.65 1.09 36.25
N MET B 298 -34.21 1.29 35.07
CA MET B 298 -35.65 1.52 34.93
C MET B 298 -36.20 0.59 33.85
N LYS B 299 -37.52 0.38 33.90
CA LYS B 299 -38.21 -0.49 32.98
C LYS B 299 -38.62 0.28 31.72
N GLY B 300 -38.78 -0.45 30.64
CA GLY B 300 -39.18 0.13 29.37
C GLY B 300 -38.81 -0.80 28.24
N VAL B 301 -39.06 -0.32 27.01
CA VAL B 301 -38.74 -1.07 25.81
C VAL B 301 -37.93 -0.14 24.90
N PRO B 302 -36.92 -0.63 24.18
CA PRO B 302 -36.23 0.22 23.20
C PRO B 302 -37.18 0.63 22.08
N LEU B 303 -36.92 1.82 21.53
CA LEU B 303 -37.84 2.40 20.56
C LEU B 303 -37.78 1.66 19.23
N ASN B 304 -36.61 1.07 18.90
CA ASN B 304 -36.48 0.33 17.65
C ASN B 304 -37.31 -0.96 17.68
N ARG B 305 -37.43 -1.59 18.84
CA ARG B 305 -38.33 -2.73 18.98
C ARG B 305 -39.78 -2.28 19.09
N TRP B 306 -40.01 -1.10 19.68
CA TRP B 306 -41.37 -0.59 19.86
C TRP B 306 -42.01 -0.25 18.54
N VAL B 307 -41.22 0.27 17.59
CA VAL B 307 -41.72 0.57 16.26
C VAL B 307 -42.21 -0.68 15.53
N THR B 308 -41.41 -1.74 15.48
CA THR B 308 -41.85 -3.00 14.91
C THR B 308 -42.94 -3.70 15.71
N ASN B 309 -43.06 -3.40 17.01
CA ASN B 309 -44.14 -3.98 17.79
C ASN B 309 -45.47 -3.31 17.51
N ASN B 310 -45.45 -2.00 17.21
CA ASN B 310 -46.69 -1.26 17.07
C ASN B 310 -46.78 -0.50 15.75
N PHE B 311 -46.32 -1.10 14.66
CA PHE B 311 -46.58 -0.59 13.32
C PHE B 311 -47.61 -1.48 12.63
N PRO B 312 -48.44 -0.91 11.76
CA PRO B 312 -49.30 -1.77 10.94
C PRO B 312 -48.49 -2.50 9.87
N LEU B 313 -48.23 -3.79 10.09
CA LEU B 313 -47.46 -4.56 9.11
C LEU B 313 -48.38 -5.14 8.05
N TYR B 314 -49.65 -5.35 8.39
CA TYR B 314 -50.71 -5.68 7.46
C TYR B 314 -51.78 -4.60 7.54
N GLU B 315 -52.83 -4.77 6.74
CA GLU B 315 -53.97 -3.87 6.83
C GLU B 315 -54.90 -4.27 7.98
N VAL B 316 -54.72 -5.47 8.53
CA VAL B 316 -55.64 -5.99 9.54
C VAL B 316 -54.94 -6.22 10.87
N VAL B 317 -53.82 -5.54 11.13
CA VAL B 317 -53.08 -5.77 12.36
C VAL B 317 -53.79 -5.12 13.55
N ASP B 318 -54.10 -3.82 13.44
CA ASP B 318 -54.67 -3.08 14.55
C ASP B 318 -55.93 -2.35 14.09
N LYS B 319 -56.98 -2.46 14.90
CA LYS B 319 -58.19 -1.67 14.74
C LYS B 319 -58.03 -0.38 15.52
N THR B 320 -59.13 0.40 15.58
CA THR B 320 -59.31 1.70 16.26
C THR B 320 -58.57 2.82 15.46
N LYS B 321 -57.78 2.45 14.45
CA LYS B 321 -56.89 3.30 13.64
C LYS B 321 -55.90 3.94 14.62
N ASP B 322 -55.71 5.27 14.61
CA ASP B 322 -55.14 6.04 15.71
C ASP B 322 -53.69 5.62 16.03
N TYR B 323 -52.81 5.87 15.06
CA TYR B 323 -51.38 5.65 15.30
C TYR B 323 -50.61 6.96 15.12
N LEU B 324 -51.11 7.86 14.28
CA LEU B 324 -50.50 9.19 14.19
C LEU B 324 -50.86 10.05 15.40
N LEU B 325 -51.96 9.74 16.07
CA LEU B 325 -52.19 10.34 17.38
C LEU B 325 -51.30 9.69 18.43
N ARG B 326 -50.95 8.41 18.24
CA ARG B 326 -49.98 7.78 19.12
C ARG B 326 -48.60 8.38 18.97
N VAL B 327 -48.14 8.67 17.76
CA VAL B 327 -46.89 9.40 17.63
C VAL B 327 -47.28 10.88 17.64
N SER B 328 -47.57 11.39 18.83
CA SER B 328 -47.66 12.81 19.10
C SER B 328 -46.92 13.10 20.40
N LYS B 329 -47.04 12.17 21.34
CA LYS B 329 -46.48 12.33 22.68
C LYS B 329 -45.01 11.92 22.69
N ILE B 330 -44.54 11.34 21.59
CA ILE B 330 -43.15 10.95 21.43
C ILE B 330 -42.39 12.00 20.61
N VAL B 331 -43.11 12.98 20.07
CA VAL B 331 -42.48 14.00 19.24
C VAL B 331 -42.84 15.39 19.80
N GLU B 332 -43.35 15.42 21.04
CA GLU B 332 -43.45 16.67 21.78
C GLU B 332 -42.58 16.62 23.03
N LYS B 333 -42.57 15.48 23.71
CA LYS B 333 -41.73 15.32 24.89
C LYS B 333 -40.25 15.38 24.54
N LEU B 334 -39.85 14.83 23.40
CA LEU B 334 -38.47 15.02 22.95
C LEU B 334 -38.15 16.48 22.64
N ILE B 335 -39.06 17.20 21.99
CA ILE B 335 -38.72 18.54 21.50
C ILE B 335 -38.74 19.56 22.64
N ASP B 336 -39.53 19.35 23.69
CA ASP B 336 -39.35 20.27 24.82
C ASP B 336 -38.30 19.79 25.81
N LEU B 337 -38.00 18.49 25.84
CA LEU B 337 -36.89 18.00 26.65
C LEU B 337 -35.55 18.48 26.10
N THR B 338 -35.40 18.58 24.78
CA THR B 338 -34.16 19.04 24.16
C THR B 338 -34.05 20.56 24.16
N ASN B 339 -34.95 21.25 24.84
CA ASN B 339 -34.76 22.67 25.14
C ASN B 339 -34.71 22.87 26.64
N LYS B 340 -35.16 21.87 27.41
CA LYS B 340 -35.14 22.03 28.86
C LYS B 340 -33.74 21.89 29.44
N PHE B 341 -32.87 21.03 28.89
CA PHE B 341 -31.53 20.88 29.44
C PHE B 341 -30.43 21.45 28.53
N HIS B 342 -30.79 22.30 27.58
CA HIS B 342 -29.80 23.01 26.77
C HIS B 342 -29.81 24.49 27.16
N SER B 343 -29.99 24.73 28.46
CA SER B 343 -29.81 26.05 29.02
C SER B 343 -28.84 26.00 30.18
N GLU B 344 -28.93 24.94 30.99
CA GLU B 344 -28.01 24.77 32.11
C GLU B 344 -26.79 23.92 31.76
N ASN B 345 -26.15 24.26 30.64
CA ASN B 345 -24.82 23.80 30.23
C ASN B 345 -24.63 22.28 30.18
N VAL B 346 -25.63 21.56 29.65
CA VAL B 346 -25.49 20.11 29.46
C VAL B 346 -25.75 19.81 28.00
N TYR B 347 -24.82 19.12 27.34
CA TYR B 347 -24.88 18.89 25.89
C TYR B 347 -24.58 17.42 25.62
N HIS B 348 -25.62 16.67 25.27
CA HIS B 348 -25.53 15.23 25.11
C HIS B 348 -25.29 14.84 23.66
N GLN B 349 -24.05 14.48 23.33
CA GLN B 349 -23.66 14.27 21.94
C GLN B 349 -24.24 13.00 21.32
N ASP B 350 -24.45 11.95 22.11
CA ASP B 350 -24.88 10.66 21.60
C ASP B 350 -26.36 10.44 21.86
N LEU B 351 -27.12 10.19 20.80
CA LEU B 351 -28.56 9.92 20.90
C LEU B 351 -28.95 8.98 19.76
N HIS B 352 -29.51 7.81 20.10
CA HIS B 352 -29.87 6.81 19.10
C HIS B 352 -31.02 5.96 19.61
N LEU B 353 -31.53 5.08 18.73
CA LEU B 353 -32.70 4.21 19.01
C LEU B 353 -32.49 3.25 20.13
N GLY B 354 -31.29 2.79 20.43
CA GLY B 354 -31.07 1.91 21.57
C GLY B 354 -30.87 2.63 22.88
N ASN B 355 -31.16 3.93 22.92
CA ASN B 355 -30.94 4.73 24.11
C ASN B 355 -32.26 5.06 24.80
N ILE B 356 -33.25 5.50 24.02
CA ILE B 356 -34.53 5.93 24.57
C ILE B 356 -35.42 4.73 24.87
N LEU B 357 -35.78 4.57 26.14
CA LEU B 357 -36.59 3.44 26.59
C LEU B 357 -38.01 3.92 26.89
N VAL B 358 -38.90 3.70 25.93
CA VAL B 358 -40.30 4.11 26.07
C VAL B 358 -40.98 3.23 27.12
N LYS B 359 -41.57 3.88 28.11
CA LYS B 359 -42.24 3.21 29.22
C LYS B 359 -43.72 3.03 28.90
N ASP B 360 -44.50 2.64 29.91
CA ASP B 360 -45.93 2.42 29.73
C ASP B 360 -46.66 3.73 29.49
N GLU B 361 -47.47 3.75 28.42
CA GLU B 361 -48.28 4.88 27.97
C GLU B 361 -47.36 6.07 27.69
N ASP B 362 -46.49 5.90 26.69
CA ASP B 362 -45.77 6.97 25.98
C ASP B 362 -44.91 7.86 26.86
N GLU B 363 -43.92 7.29 27.55
CA GLU B 363 -43.07 8.06 28.47
C GLU B 363 -41.60 7.78 28.15
N ILE B 364 -40.89 8.81 27.70
CA ILE B 364 -39.50 8.70 27.28
C ILE B 364 -38.57 8.69 28.49
N SER B 365 -37.49 7.93 28.40
CA SER B 365 -36.57 7.72 29.53
C SER B 365 -35.10 7.73 29.13
N ILE B 366 -34.64 8.78 28.45
CA ILE B 366 -33.27 8.90 27.91
C ILE B 366 -32.19 8.68 28.96
N ILE B 367 -31.24 7.78 28.68
CA ILE B 367 -30.19 7.39 29.61
C ILE B 367 -28.82 7.54 28.95
N ASP B 368 -27.78 7.12 29.69
CA ASP B 368 -26.40 6.96 29.21
C ASP B 368 -25.79 8.22 28.62
N TRP B 369 -25.53 9.21 29.46
CA TRP B 369 -25.06 10.53 29.02
C TRP B 369 -23.54 10.57 29.13
N GLU B 370 -22.86 9.57 28.58
CA GLU B 370 -21.42 9.44 28.80
C GLU B 370 -20.65 10.01 27.61
N GLN B 371 -21.17 11.07 27.01
CA GLN B 371 -20.44 11.82 26.00
C GLN B 371 -20.60 13.32 26.22
N ALA B 372 -20.85 13.73 27.46
CA ALA B 372 -21.28 15.09 27.75
C ALA B 372 -20.14 16.08 27.64
N VAL B 373 -20.41 17.18 26.94
CA VAL B 373 -19.52 18.33 26.85
C VAL B 373 -20.22 19.47 27.58
N PHE B 374 -19.47 20.25 28.36
CA PHE B 374 -20.12 21.20 29.24
C PHE B 374 -20.01 22.66 28.79
N SER B 375 -19.53 22.92 27.58
CA SER B 375 -19.44 24.30 27.09
C SER B 375 -19.46 24.27 25.57
N ASN B 376 -20.04 25.31 24.99
CA ASN B 376 -20.23 25.38 23.54
C ASN B 376 -19.70 26.69 22.96
N ASP B 377 -18.38 26.86 22.96
CA ASP B 377 -17.79 28.00 22.26
C ASP B 377 -16.72 27.57 21.27
N GLU B 378 -16.74 26.32 20.82
CA GLU B 378 -15.80 25.83 19.83
C GLU B 378 -16.55 24.83 18.96
N LYS B 379 -16.04 24.56 17.76
CA LYS B 379 -16.65 23.55 16.91
C LYS B 379 -15.80 22.27 16.93
N VAL B 380 -16.42 21.17 17.34
CA VAL B 380 -15.73 19.89 17.40
C VAL B 380 -16.38 18.93 16.40
N VAL B 381 -15.69 17.83 16.11
CA VAL B 381 -16.24 16.79 15.25
C VAL B 381 -16.77 15.68 16.14
N HIS B 382 -17.68 14.89 15.59
CA HIS B 382 -18.24 13.79 16.34
C HIS B 382 -17.23 12.65 16.41
N LYS B 383 -16.99 12.17 17.64
CA LYS B 383 -15.89 11.22 17.85
C LYS B 383 -16.36 9.78 17.82
N VAL B 384 -17.33 9.41 18.65
CA VAL B 384 -17.88 8.06 18.61
C VAL B 384 -19.27 8.11 18.00
N ALA B 385 -19.53 7.23 17.05
CA ALA B 385 -20.77 7.27 16.29
C ALA B 385 -21.81 6.32 16.86
N ALA B 386 -22.92 6.18 16.14
CA ALA B 386 -23.94 5.18 16.39
C ALA B 386 -24.21 4.49 15.07
N PRO B 387 -24.77 3.28 15.04
CA PRO B 387 -25.08 2.65 13.74
C PRO B 387 -26.20 3.36 12.97
N GLY B 388 -25.87 4.49 12.39
CA GLY B 388 -26.83 5.30 11.67
C GLY B 388 -26.84 6.77 12.04
N PHE B 389 -26.32 7.12 13.23
CA PHE B 389 -26.36 8.50 13.72
C PHE B 389 -24.97 8.97 14.08
N ARG B 390 -24.47 9.95 13.32
CA ARG B 390 -23.26 10.68 13.68
C ARG B 390 -23.33 12.05 13.05
N ALA B 391 -22.64 13.01 13.65
CA ALA B 391 -22.66 14.37 13.14
C ALA B 391 -21.76 14.49 11.91
N TRP B 392 -21.73 15.69 11.34
CA TRP B 392 -21.06 15.91 10.06
C TRP B 392 -20.32 17.25 10.13
N ARG B 393 -18.99 17.18 10.13
CA ARG B 393 -18.11 18.30 9.80
C ARG B 393 -18.23 19.52 10.73
N GLU B 394 -17.75 19.38 11.97
CA GLU B 394 -17.42 20.51 12.86
C GLU B 394 -18.60 21.39 13.27
N THR B 395 -19.52 20.87 14.06
CA THR B 395 -20.58 21.72 14.62
C THR B 395 -20.40 21.83 16.12
N LEU B 396 -21.09 22.80 16.72
CA LEU B 396 -21.06 23.03 18.15
C LEU B 396 -21.74 21.89 18.89
N PRO B 397 -21.38 21.66 20.17
CA PRO B 397 -22.02 20.56 20.93
C PRO B 397 -23.50 20.74 21.26
N SER B 398 -24.11 21.87 20.91
CA SER B 398 -25.55 22.01 20.99
C SER B 398 -26.27 21.58 19.72
N GLU B 399 -25.62 21.69 18.57
CA GLU B 399 -26.21 21.22 17.31
C GLU B 399 -25.69 19.84 16.93
N ILE B 400 -25.30 19.06 17.93
CA ILE B 400 -25.17 17.61 17.78
C ILE B 400 -26.30 17.06 18.65
N ASP B 401 -27.37 17.84 18.73
CA ASP B 401 -28.67 17.37 19.18
C ASP B 401 -29.76 17.89 18.25
N TRP B 402 -29.39 18.25 17.03
CA TRP B 402 -30.34 18.52 15.96
C TRP B 402 -30.06 17.67 14.74
N TYR B 403 -28.91 17.00 14.69
CA TYR B 403 -28.68 15.87 13.79
C TYR B 403 -28.61 14.67 14.73
N GLY B 404 -29.32 14.78 15.84
CA GLY B 404 -29.43 13.75 16.84
C GLY B 404 -30.86 13.31 16.97
N ILE B 405 -31.55 13.90 17.95
CA ILE B 405 -32.92 13.60 18.36
C ILE B 405 -33.92 13.88 17.23
N ARG B 406 -33.50 14.65 16.22
CA ARG B 406 -34.31 14.83 15.00
C ARG B 406 -34.58 13.51 14.30
N GLN B 407 -33.54 12.74 14.00
CA GLN B 407 -33.73 11.52 13.23
C GLN B 407 -34.23 10.35 14.07
N ILE B 408 -34.26 10.50 15.39
CA ILE B 408 -34.90 9.47 16.22
C ILE B 408 -36.41 9.48 16.03
N ALA B 409 -37.02 10.66 15.97
CA ALA B 409 -38.46 10.80 15.82
C ALA B 409 -38.89 10.70 14.37
N HIS B 410 -37.93 10.49 13.46
CA HIS B 410 -38.21 10.19 12.07
C HIS B 410 -38.18 8.69 11.80
N TYR B 411 -37.92 7.88 12.82
CA TYR B 411 -37.95 6.43 12.78
C TYR B 411 -39.35 5.93 13.14
N LEU B 412 -40.23 6.87 13.52
CA LEU B 412 -41.57 6.54 13.99
C LEU B 412 -42.54 6.59 12.82
N TYR B 413 -42.02 6.85 11.63
CA TYR B 413 -42.91 7.13 10.50
C TYR B 413 -42.71 6.06 9.44
N MET B 414 -41.45 5.84 9.02
CA MET B 414 -40.97 4.73 8.20
C MET B 414 -39.58 4.32 8.68
N PRO B 415 -39.47 3.19 9.38
CA PRO B 415 -38.24 2.90 10.13
C PRO B 415 -37.01 2.49 9.31
N LEU B 416 -36.51 3.39 8.46
CA LEU B 416 -35.28 3.16 7.69
C LEU B 416 -34.39 4.39 7.81
N VAL B 417 -33.43 4.36 8.75
CA VAL B 417 -32.51 5.48 8.93
C VAL B 417 -31.07 4.97 8.88
N THR B 418 -30.90 3.68 8.60
CA THR B 418 -29.63 2.99 8.75
C THR B 418 -28.57 3.47 7.75
N THR B 419 -28.97 3.79 6.52
CA THR B 419 -28.02 4.18 5.49
C THR B 419 -27.70 5.68 5.52
N SER B 420 -28.05 6.36 6.61
CA SER B 420 -27.70 7.77 6.77
C SER B 420 -26.21 7.98 7.03
N ASP B 421 -25.48 6.93 7.42
CA ASP B 421 -24.03 7.01 7.55
C ASP B 421 -23.37 7.04 6.18
N LEU B 422 -24.07 6.56 5.15
CA LEU B 422 -23.54 6.56 3.80
C LEU B 422 -24.17 7.64 2.93
N THR B 423 -25.40 8.06 3.21
CA THR B 423 -26.04 9.14 2.49
C THR B 423 -26.37 10.24 3.47
N TYR B 424 -25.85 11.44 3.21
CA TYR B 424 -26.12 12.61 4.06
C TYR B 424 -27.59 12.95 3.95
N ASN B 425 -28.22 13.24 5.10
CA ASN B 425 -29.64 13.53 5.37
C ASN B 425 -30.37 12.20 5.53
N TYR B 426 -31.11 11.82 4.49
CA TYR B 426 -31.94 10.61 4.43
C TYR B 426 -32.99 10.59 5.54
N VAL B 427 -33.62 11.74 5.75
CA VAL B 427 -35.06 11.72 6.00
C VAL B 427 -35.65 12.68 5.00
N SER B 428 -35.90 12.17 3.80
CA SER B 428 -36.84 12.77 2.88
C SER B 428 -37.72 11.63 2.41
N GLN B 429 -37.08 10.47 2.21
CA GLN B 429 -37.77 9.32 1.66
C GLN B 429 -38.62 8.63 2.71
N THR B 430 -38.20 8.69 3.97
CA THR B 430 -38.96 8.03 5.03
C THR B 430 -39.91 9.01 5.70
N ARG B 431 -40.18 10.13 5.04
CA ARG B 431 -41.19 11.06 5.52
C ARG B 431 -42.18 11.36 4.39
N ILE B 432 -41.70 11.45 3.16
CA ILE B 432 -42.55 11.65 1.99
C ILE B 432 -43.39 10.40 1.77
N GLU B 433 -42.73 9.25 1.76
CA GLU B 433 -43.43 7.98 1.58
C GLU B 433 -43.80 7.34 2.92
N GLY B 434 -44.36 8.16 3.80
CA GLY B 434 -45.13 7.67 4.93
C GLY B 434 -46.52 8.27 4.85
N LYS B 435 -46.57 9.49 4.31
CA LYS B 435 -47.84 10.15 4.06
C LYS B 435 -48.64 9.39 3.00
N LYS B 436 -47.94 8.88 1.97
CA LYS B 436 -48.59 8.07 0.95
C LYS B 436 -49.13 6.76 1.54
N LEU B 437 -48.35 6.15 2.45
CA LEU B 437 -48.75 4.91 3.12
C LEU B 437 -49.98 5.12 3.98
N PHE B 438 -50.02 6.21 4.76
CA PHE B 438 -51.19 6.42 5.61
C PHE B 438 -52.32 7.15 4.91
N GLU B 439 -52.15 7.58 3.65
CA GLU B 439 -53.30 7.99 2.85
C GLU B 439 -53.92 6.78 2.15
N SER B 440 -53.08 5.85 1.71
CA SER B 440 -53.59 4.61 1.12
C SER B 440 -54.23 3.72 2.18
N LEU B 441 -53.67 3.72 3.39
CA LEU B 441 -54.28 2.98 4.49
C LEU B 441 -55.39 3.78 5.17
N GLY B 442 -55.27 5.11 5.21
CA GLY B 442 -56.37 5.96 5.59
C GLY B 442 -56.77 5.97 7.05
N TYR B 443 -55.95 6.55 7.93
CA TYR B 443 -56.36 6.64 9.33
C TYR B 443 -57.15 7.92 9.58
N THR B 444 -56.47 9.07 9.49
CA THR B 444 -57.08 10.40 9.68
C THR B 444 -56.21 11.37 8.89
N ARG B 445 -56.86 12.28 8.15
CA ARG B 445 -56.08 13.29 7.43
C ARG B 445 -55.62 14.42 8.35
N GLU B 446 -56.37 14.69 9.42
CA GLU B 446 -56.09 15.86 10.25
C GLU B 446 -54.84 15.66 11.10
N HIS B 447 -54.42 14.41 11.31
CA HIS B 447 -53.18 14.17 12.06
C HIS B 447 -51.95 14.32 11.18
N ILE B 448 -52.12 14.21 9.85
CA ILE B 448 -50.98 14.16 8.93
C ILE B 448 -50.28 15.50 8.88
N ASP B 449 -51.05 16.59 8.73
CA ASP B 449 -50.45 17.92 8.70
C ASP B 449 -49.88 18.32 10.04
N TYR B 450 -50.50 17.86 11.14
CA TYR B 450 -49.98 18.12 12.48
C TYR B 450 -48.60 17.49 12.68
N VAL B 451 -48.48 16.21 12.35
CA VAL B 451 -47.21 15.51 12.51
C VAL B 451 -46.17 16.04 11.54
N GLU B 452 -46.58 16.40 10.32
CA GLU B 452 -45.65 16.95 9.34
C GLU B 452 -45.11 18.31 9.76
N SER B 453 -45.97 19.19 10.30
CA SER B 453 -45.49 20.47 10.82
C SER B 453 -44.63 20.30 12.07
N LEU B 454 -44.97 19.36 12.94
CA LEU B 454 -44.20 19.16 14.16
C LEU B 454 -42.84 18.52 13.86
N LEU B 455 -42.74 17.80 12.74
CA LEU B 455 -41.44 17.32 12.27
C LEU B 455 -40.68 18.43 11.54
N SER B 456 -41.41 19.34 10.90
CA SER B 456 -40.78 20.47 10.21
C SER B 456 -40.18 21.45 11.22
N TYR B 457 -40.72 21.47 12.44
CA TYR B 457 -40.11 22.27 13.50
C TYR B 457 -38.76 21.69 13.94
N LEU B 458 -38.66 20.36 14.01
CA LEU B 458 -37.37 19.70 14.20
C LEU B 458 -36.41 20.01 13.05
N ASP B 459 -36.94 20.03 11.83
CA ASP B 459 -36.15 20.46 10.67
C ASP B 459 -35.77 21.93 10.79
N SER B 460 -36.64 22.75 11.38
CA SER B 460 -36.38 24.18 11.51
C SER B 460 -35.27 24.44 12.52
N LYS B 461 -35.22 23.68 13.61
CA LYS B 461 -34.19 23.91 14.62
C LYS B 461 -32.84 23.38 14.18
N CYS B 462 -32.81 22.49 13.19
CA CYS B 462 -31.58 21.92 12.67
C CYS B 462 -30.83 22.92 11.82
N PRO B 463 -29.50 22.97 11.90
CA PRO B 463 -28.73 23.79 10.96
C PRO B 463 -28.40 23.04 9.69
N GLN B 464 -28.19 23.78 8.59
CA GLN B 464 -27.83 23.17 7.32
C GLN B 464 -26.32 23.16 7.20
N ILE B 465 -25.73 22.02 7.58
CA ILE B 465 -24.29 21.85 7.47
C ILE B 465 -23.92 21.69 6.00
N GLU B 466 -22.86 22.38 5.57
CA GLU B 466 -22.30 22.10 4.26
C GLU B 466 -21.76 20.68 4.23
N ASN B 467 -22.21 19.94 3.21
CA ASN B 467 -21.86 18.53 3.04
C ASN B 467 -20.49 18.45 2.37
N ILE B 468 -19.51 17.90 3.07
CA ILE B 468 -18.20 17.71 2.48
C ILE B 468 -17.53 16.45 3.03
N SER B 469 -17.27 15.50 2.12
CA SER B 469 -16.44 14.32 2.25
C SER B 469 -16.32 13.78 0.84
N ARG B 470 -15.91 12.53 0.67
CA ARG B 470 -16.28 11.82 -0.54
C ARG B 470 -17.48 10.90 -0.33
N LYS B 471 -18.12 10.96 0.85
CA LYS B 471 -19.45 10.40 1.07
C LYS B 471 -20.52 11.46 0.82
N LYS B 472 -20.40 12.16 -0.32
CA LYS B 472 -21.31 13.27 -0.58
C LYS B 472 -21.73 13.32 -2.04
N VAL B 473 -21.32 12.30 -2.80
CA VAL B 473 -21.96 12.04 -4.09
C VAL B 473 -23.42 11.65 -3.87
N LEU B 474 -23.68 10.95 -2.77
CA LEU B 474 -24.96 10.33 -2.50
C LEU B 474 -25.95 11.30 -1.87
N LYS B 475 -26.89 11.80 -2.65
CA LYS B 475 -28.01 12.54 -2.10
C LYS B 475 -29.21 11.61 -1.93
N PRO B 476 -30.13 11.91 -1.01
CA PRO B 476 -31.40 11.18 -1.02
C PRO B 476 -32.31 11.72 -2.10
N MET B 477 -33.22 10.89 -2.60
CA MET B 477 -34.03 11.26 -3.75
C MET B 477 -35.22 12.11 -3.33
N HIS B 478 -35.64 12.99 -4.24
CA HIS B 478 -36.59 14.04 -3.88
C HIS B 478 -37.85 14.07 -4.74
N GLU B 479 -37.97 13.20 -5.75
CA GLU B 479 -39.19 13.16 -6.53
C GLU B 479 -39.57 11.71 -6.79
N ILE B 480 -40.87 11.43 -6.64
CA ILE B 480 -41.39 10.07 -6.79
C ILE B 480 -42.66 10.13 -7.62
N ARG B 481 -42.69 9.39 -8.73
CA ARG B 481 -43.87 9.31 -9.55
C ARG B 481 -44.69 8.08 -9.17
N THR B 482 -45.85 7.93 -9.82
CA THR B 482 -46.69 6.76 -9.65
C THR B 482 -46.96 6.18 -11.03
N ILE B 483 -46.77 4.86 -11.15
CA ILE B 483 -46.77 4.21 -12.45
C ILE B 483 -48.13 3.60 -12.73
N GLU B 484 -48.60 3.81 -13.97
CA GLU B 484 -49.78 3.14 -14.49
C GLU B 484 -49.49 2.61 -15.89
N SER B 485 -48.57 3.25 -16.59
CA SER B 485 -48.33 2.93 -17.99
C SER B 485 -47.21 1.90 -18.14
N GLU B 486 -46.95 1.52 -19.39
CA GLU B 486 -45.91 0.54 -19.68
C GLU B 486 -44.52 1.16 -19.55
N GLN B 487 -44.34 2.38 -20.05
CA GLN B 487 -43.00 2.98 -20.12
C GLN B 487 -42.50 3.38 -18.74
N ASP B 488 -43.42 3.68 -17.81
CA ASP B 488 -43.01 4.00 -16.45
C ASP B 488 -42.48 2.77 -15.73
N ILE B 489 -42.92 1.57 -16.12
CA ILE B 489 -42.31 0.34 -15.60
C ILE B 489 -40.90 0.18 -16.17
N GLN B 490 -40.74 0.47 -17.46
CA GLN B 490 -39.48 0.14 -18.13
C GLN B 490 -38.40 1.18 -17.84
N ASP B 491 -38.78 2.41 -17.48
CA ASP B 491 -37.79 3.46 -17.23
C ASP B 491 -36.96 3.17 -15.98
N PHE B 492 -37.55 2.46 -15.01
CA PHE B 492 -36.81 2.00 -13.85
C PHE B 492 -35.73 1.00 -14.25
N ILE B 493 -36.02 0.14 -15.22
CA ILE B 493 -35.01 -0.73 -15.80
C ILE B 493 -33.98 0.06 -16.61
N ILE B 494 -34.41 1.11 -17.32
CA ILE B 494 -33.49 1.94 -18.11
C ILE B 494 -32.45 2.62 -17.22
N LYS B 495 -32.89 3.20 -16.10
CA LYS B 495 -31.93 3.68 -15.10
C LYS B 495 -32.15 2.92 -13.78
N LEU B 496 -31.76 1.66 -13.79
CA LEU B 496 -31.22 0.93 -12.65
C LEU B 496 -29.91 0.26 -13.06
N LEU B 497 -29.76 0.03 -14.37
CA LEU B 497 -28.55 -0.46 -15.04
C LEU B 497 -27.36 0.45 -14.84
N ARG B 498 -27.58 1.77 -14.78
CA ARG B 498 -26.55 2.71 -14.39
C ARG B 498 -26.14 2.54 -12.93
N GLY B 499 -27.00 1.97 -12.10
CA GLY B 499 -26.64 1.61 -10.76
C GLY B 499 -25.80 0.35 -10.64
N PHE B 500 -25.66 -0.40 -11.73
CA PHE B 500 -24.73 -1.51 -11.81
C PHE B 500 -23.44 -1.10 -12.48
N THR B 501 -23.52 -0.20 -13.46
CA THR B 501 -22.35 0.35 -14.12
C THR B 501 -21.50 1.24 -13.19
N LEU B 502 -22.13 2.11 -12.41
CA LEU B 502 -21.41 3.10 -11.62
C LEU B 502 -20.84 2.54 -10.32
N THR B 503 -21.17 1.30 -9.95
CA THR B 503 -20.57 0.66 -8.80
C THR B 503 -19.48 -0.33 -9.20
N TYR B 504 -19.17 -0.42 -10.49
CA TYR B 504 -18.10 -1.26 -11.01
C TYR B 504 -16.76 -0.54 -11.05
N GLY B 505 -16.75 0.73 -11.43
CA GLY B 505 -15.48 1.45 -11.56
C GLY B 505 -14.80 1.71 -10.24
N GLN B 506 -15.56 2.15 -9.23
CA GLN B 506 -15.02 2.61 -7.97
C GLN B 506 -14.69 1.48 -7.01
N TRP B 507 -14.91 0.24 -7.43
CA TRP B 507 -14.39 -0.91 -6.70
C TRP B 507 -13.11 -1.46 -7.29
N ARG B 508 -13.04 -1.57 -8.63
CA ARG B 508 -11.87 -2.08 -9.32
C ARG B 508 -10.73 -1.06 -9.38
N LYS B 509 -11.03 0.24 -9.38
CA LYS B 509 -9.97 1.22 -9.57
C LYS B 509 -9.20 1.47 -8.28
N GLU B 510 -9.70 1.00 -7.14
CA GLU B 510 -9.01 1.16 -5.87
C GLU B 510 -8.70 -0.16 -5.19
N PHE B 511 -9.18 -1.28 -5.72
CA PHE B 511 -8.91 -2.58 -5.13
C PHE B 511 -9.08 -3.64 -6.22
N GLN B 512 -8.06 -4.48 -6.39
CA GLN B 512 -8.01 -5.35 -7.56
C GLN B 512 -7.96 -6.84 -7.23
N SER B 513 -8.29 -7.24 -6.00
CA SER B 513 -8.22 -8.64 -5.61
C SER B 513 -9.47 -9.42 -6.01
N ARG B 514 -10.52 -8.74 -6.45
CA ARG B 514 -11.75 -9.39 -6.91
C ARG B 514 -12.21 -8.75 -8.21
N PHE B 515 -13.48 -8.93 -8.55
CA PHE B 515 -13.97 -8.38 -9.81
C PHE B 515 -15.22 -7.52 -9.60
N PHE B 516 -16.04 -7.87 -8.60
CA PHE B 516 -17.28 -7.14 -8.33
C PHE B 516 -17.45 -6.91 -6.83
N PRO B 517 -18.11 -5.81 -6.40
CA PRO B 517 -18.37 -5.61 -4.97
C PRO B 517 -19.40 -6.57 -4.44
N VAL B 518 -19.15 -7.17 -3.28
CA VAL B 518 -20.11 -8.10 -2.69
C VAL B 518 -20.32 -7.79 -1.22
N HIS B 519 -21.45 -8.28 -0.70
CA HIS B 519 -21.70 -8.29 0.73
C HIS B 519 -20.67 -9.15 1.43
N TYR B 520 -20.31 -8.76 2.66
CA TYR B 520 -19.05 -9.23 3.24
C TYR B 520 -19.15 -10.64 3.82
N TYR B 521 -20.34 -11.25 3.82
CA TYR B 521 -20.46 -12.62 4.30
C TYR B 521 -19.73 -13.60 3.38
N GLY B 522 -20.02 -13.54 2.09
CA GLY B 522 -19.18 -14.21 1.12
C GLY B 522 -18.32 -13.23 0.38
N LEU B 523 -17.06 -13.11 0.78
CA LEU B 523 -16.16 -12.14 0.16
C LEU B 523 -15.05 -12.81 -0.63
N ASN B 524 -14.58 -13.97 -0.16
CA ASN B 524 -13.55 -14.75 -0.84
C ASN B 524 -14.15 -16.02 -1.44
N PHE B 525 -15.43 -15.98 -1.79
CA PHE B 525 -16.15 -17.10 -2.41
C PHE B 525 -16.47 -16.70 -3.85
N ASN B 526 -15.52 -16.93 -4.76
CA ASN B 526 -15.68 -16.47 -6.14
C ASN B 526 -16.20 -17.58 -7.06
N GLN B 527 -17.23 -18.33 -6.65
CA GLN B 527 -17.78 -19.42 -7.45
C GLN B 527 -19.26 -19.59 -7.13
N GLY B 528 -20.10 -19.65 -8.16
CA GLY B 528 -21.46 -20.15 -7.97
C GLY B 528 -22.60 -19.32 -8.52
N ILE B 529 -23.82 -19.66 -8.11
CA ILE B 529 -25.01 -18.89 -8.42
C ILE B 529 -25.21 -17.77 -7.40
N ALA B 530 -24.68 -17.98 -6.20
CA ALA B 530 -24.77 -17.10 -5.05
C ALA B 530 -23.76 -15.97 -5.17
N PHE B 531 -23.29 -15.48 -4.02
CA PHE B 531 -22.18 -14.54 -3.93
C PHE B 531 -21.05 -15.00 -4.86
N SER B 532 -20.86 -14.30 -5.97
CA SER B 532 -20.06 -14.84 -7.06
C SER B 532 -19.77 -13.74 -8.08
N ASP B 533 -19.24 -14.18 -9.22
CA ASP B 533 -18.91 -13.31 -10.34
C ASP B 533 -19.62 -13.69 -11.64
N LEU B 534 -19.75 -14.99 -11.92
CA LEU B 534 -20.35 -15.43 -13.17
C LEU B 534 -21.86 -15.26 -13.17
N ALA B 535 -22.50 -15.49 -12.01
CA ALA B 535 -23.94 -15.34 -11.93
C ALA B 535 -24.36 -13.87 -11.99
N ILE B 536 -23.48 -12.97 -11.54
CA ILE B 536 -23.83 -11.56 -11.50
C ILE B 536 -23.90 -10.97 -12.90
N LEU B 537 -22.92 -11.30 -13.73
CA LEU B 537 -22.98 -10.83 -15.11
C LEU B 537 -24.02 -11.59 -15.96
N TRP B 538 -24.44 -12.78 -15.54
CA TRP B 538 -25.56 -13.46 -16.19
C TRP B 538 -26.91 -12.87 -15.83
N SER B 539 -27.09 -12.42 -14.58
CA SER B 539 -28.35 -11.80 -14.17
C SER B 539 -28.55 -10.46 -14.88
N TYR B 540 -27.44 -9.79 -15.24
CA TYR B 540 -27.50 -8.53 -15.96
C TYR B 540 -28.06 -8.71 -17.38
N GLN B 541 -27.66 -9.81 -18.04
CA GLN B 541 -27.97 -10.00 -19.46
C GLN B 541 -29.45 -10.26 -19.69
N GLN B 542 -30.08 -11.03 -18.80
CA GLN B 542 -31.49 -11.38 -18.97
C GLN B 542 -32.38 -10.17 -18.73
N LEU B 543 -31.99 -9.30 -17.80
CA LEU B 543 -32.70 -8.05 -17.62
C LEU B 543 -32.46 -7.10 -18.78
N ALA B 544 -31.24 -7.09 -19.32
CA ALA B 544 -30.92 -6.19 -20.44
C ALA B 544 -31.63 -6.62 -21.72
N LYS B 545 -31.93 -7.92 -21.84
CA LYS B 545 -32.71 -8.38 -22.99
C LYS B 545 -34.17 -7.97 -22.91
N LYS B 546 -34.68 -7.69 -21.70
CA LYS B 546 -36.09 -7.32 -21.56
C LYS B 546 -36.33 -5.90 -22.05
N VAL B 547 -35.44 -4.97 -21.69
CA VAL B 547 -35.53 -3.61 -22.19
C VAL B 547 -34.94 -3.62 -23.60
N LYS B 548 -35.38 -2.69 -24.45
CA LYS B 548 -34.84 -2.56 -25.79
C LYS B 548 -33.56 -1.73 -25.74
N ASN B 549 -32.92 -1.60 -26.90
CA ASN B 549 -31.62 -0.93 -27.14
C ASN B 549 -30.54 -1.11 -26.05
N ASP B 553 -23.16 -1.34 -23.88
CA ASP B 553 -21.76 -1.05 -23.57
C ASP B 553 -20.84 -2.19 -23.99
N ASP B 554 -19.58 -2.12 -23.55
CA ASP B 554 -18.55 -3.07 -23.94
C ASP B 554 -18.46 -4.27 -22.96
N TYR B 555 -19.58 -4.98 -22.85
CA TYR B 555 -19.66 -6.07 -21.89
C TYR B 555 -19.10 -7.37 -22.46
N TYR B 556 -18.66 -7.36 -23.72
CA TYR B 556 -18.13 -8.58 -24.34
C TYR B 556 -16.74 -8.92 -23.82
N GLU B 557 -15.87 -7.91 -23.68
CA GLU B 557 -14.59 -8.15 -23.04
C GLU B 557 -14.77 -8.49 -21.57
N ILE B 558 -15.73 -7.85 -20.90
CA ILE B 558 -16.02 -8.15 -19.50
C ILE B 558 -16.45 -9.60 -19.33
N ARG B 559 -17.34 -10.09 -20.20
CA ARG B 559 -17.79 -11.47 -20.09
C ARG B 559 -16.70 -12.44 -20.51
N THR B 560 -15.74 -12.03 -21.36
CA THR B 560 -14.71 -13.01 -21.72
C THR B 560 -13.67 -13.16 -20.61
N GLN B 561 -13.32 -12.10 -19.86
CA GLN B 561 -12.51 -12.39 -18.66
C GLN B 561 -13.35 -12.99 -17.52
N VAL B 562 -14.67 -12.85 -17.56
CA VAL B 562 -15.45 -13.63 -16.60
C VAL B 562 -15.36 -15.14 -16.91
N ILE B 563 -15.55 -15.51 -18.18
CA ILE B 563 -15.52 -16.91 -18.60
C ILE B 563 -14.12 -17.51 -18.43
N ASN B 564 -13.07 -16.70 -18.65
CA ASN B 564 -11.70 -17.20 -18.60
C ASN B 564 -11.30 -17.68 -17.19
N GLU B 565 -11.31 -16.78 -16.21
CA GLU B 565 -11.03 -17.22 -14.84
C GLU B 565 -12.27 -17.70 -14.10
N ALA B 566 -13.38 -17.98 -14.80
CA ALA B 566 -14.38 -18.86 -14.21
C ALA B 566 -13.89 -20.30 -14.17
N VAL B 567 -13.06 -20.68 -15.14
CA VAL B 567 -12.60 -22.06 -15.26
C VAL B 567 -11.09 -22.19 -15.11
N ASN B 568 -10.34 -21.09 -15.13
CA ASN B 568 -8.91 -21.18 -14.82
C ASN B 568 -8.66 -21.60 -13.39
N ASN B 569 -9.42 -21.04 -12.45
CA ASN B 569 -9.26 -21.40 -11.04
C ASN B 569 -10.22 -22.50 -10.61
N PHE B 570 -10.66 -23.35 -11.53
CA PHE B 570 -11.65 -24.39 -11.24
C PHE B 570 -11.00 -25.48 -10.38
N LYS B 571 -9.74 -25.79 -10.66
CA LYS B 571 -9.02 -26.84 -9.96
C LYS B 571 -8.76 -26.48 -8.51
N LYS B 572 -8.54 -25.19 -8.23
CA LYS B 572 -8.24 -24.71 -6.88
C LYS B 572 -9.55 -24.38 -6.14
N SER B 573 -10.42 -25.38 -6.07
CA SER B 573 -11.71 -25.25 -5.41
C SER B 573 -11.92 -26.45 -4.51
N SER B 574 -12.00 -26.22 -3.21
CA SER B 574 -12.14 -27.29 -2.23
C SER B 574 -13.60 -27.67 -1.98
N LEU B 575 -14.55 -26.96 -2.57
CA LEU B 575 -15.96 -27.22 -2.32
C LEU B 575 -16.67 -27.44 -3.64
N SER B 576 -17.75 -28.21 -3.57
CA SER B 576 -18.63 -28.44 -4.71
C SER B 576 -20.06 -28.23 -4.27
N GLY B 577 -20.88 -27.75 -5.19
CA GLY B 577 -22.25 -27.42 -4.86
C GLY B 577 -22.88 -26.65 -5.98
N LEU B 578 -24.20 -26.47 -5.87
CA LEU B 578 -24.95 -25.87 -6.96
C LEU B 578 -24.83 -24.36 -6.93
N PHE B 579 -25.01 -23.74 -5.76
CA PHE B 579 -25.04 -22.28 -5.67
C PHE B 579 -23.70 -21.67 -5.30
N ASP B 580 -22.76 -22.44 -4.76
CA ASP B 580 -21.49 -21.90 -4.32
C ASP B 580 -20.31 -22.81 -4.68
N GLY B 581 -20.50 -23.71 -5.62
CA GLY B 581 -19.48 -24.72 -5.87
C GLY B 581 -19.19 -24.89 -7.35
N LYS B 582 -18.66 -26.06 -7.67
CA LYS B 582 -18.11 -26.34 -8.99
C LYS B 582 -19.18 -26.41 -10.08
N ILE B 583 -20.29 -27.12 -9.82
CA ILE B 583 -21.20 -27.48 -10.90
C ILE B 583 -22.05 -26.28 -11.34
N GLY B 584 -22.25 -25.31 -10.45
CA GLY B 584 -22.93 -24.09 -10.84
C GLY B 584 -22.15 -23.31 -11.87
N THR B 585 -20.82 -23.25 -11.70
CA THR B 585 -19.95 -22.66 -12.70
C THR B 585 -19.94 -23.44 -14.00
N ILE B 586 -20.30 -24.74 -13.94
CA ILE B 586 -20.43 -25.54 -15.15
C ILE B 586 -21.68 -25.13 -15.91
N TRP B 587 -22.85 -25.10 -15.26
CA TRP B 587 -24.05 -24.90 -16.09
C TRP B 587 -24.40 -23.42 -16.30
N LEU B 588 -23.72 -22.48 -15.64
CA LEU B 588 -23.83 -21.10 -16.09
C LEU B 588 -23.16 -20.89 -17.44
N ILE B 589 -22.17 -21.72 -17.77
CA ILE B 589 -21.64 -21.72 -19.13
C ILE B 589 -22.71 -22.16 -20.11
N TYR B 590 -23.49 -23.18 -19.74
CA TYR B 590 -24.59 -23.67 -20.56
C TYR B 590 -25.72 -22.67 -20.73
N GLU B 591 -26.11 -21.97 -19.66
CA GLU B 591 -27.17 -20.97 -19.80
C GLU B 591 -26.67 -19.57 -20.13
N PHE B 592 -25.36 -19.38 -20.31
CA PHE B 592 -24.85 -18.05 -20.58
C PHE B 592 -24.56 -17.88 -22.06
N GLY B 593 -24.52 -18.98 -22.81
CA GLY B 593 -24.36 -18.93 -24.24
C GLY B 593 -23.20 -19.71 -24.82
N GLU B 594 -22.77 -20.77 -24.14
CA GLU B 594 -21.73 -21.65 -24.67
C GLU B 594 -22.16 -23.08 -24.41
N ILE B 595 -22.26 -23.89 -25.47
CA ILE B 595 -22.95 -25.17 -25.38
C ILE B 595 -21.94 -26.32 -25.32
N ASP B 596 -20.76 -26.13 -25.91
CA ASP B 596 -19.82 -27.24 -26.05
C ASP B 596 -18.86 -27.36 -24.88
N ARG B 597 -18.43 -26.19 -24.36
CA ARG B 597 -17.59 -26.17 -23.16
C ARG B 597 -18.31 -26.75 -21.97
N ALA B 598 -19.62 -26.52 -21.87
CA ALA B 598 -20.46 -27.09 -20.82
C ALA B 598 -20.44 -28.61 -20.87
N VAL B 599 -20.55 -29.19 -22.06
CA VAL B 599 -20.55 -30.65 -22.21
C VAL B 599 -19.18 -31.22 -21.87
N GLU B 600 -18.12 -30.58 -22.36
CA GLU B 600 -16.77 -31.12 -22.18
C GLU B 600 -16.35 -31.06 -20.70
N LEU B 601 -16.53 -29.90 -20.07
CA LEU B 601 -16.27 -29.78 -18.63
C LEU B 601 -17.22 -30.66 -17.82
N PHE B 602 -18.47 -30.80 -18.28
CA PHE B 602 -19.52 -31.60 -17.67
C PHE B 602 -19.06 -33.04 -17.50
N THR B 603 -18.74 -33.71 -18.60
CA THR B 603 -18.21 -35.08 -18.50
C THR B 603 -16.92 -35.12 -17.68
N THR B 604 -15.87 -34.46 -18.21
CA THR B 604 -14.50 -34.63 -17.75
C THR B 604 -14.24 -34.22 -16.31
N HIS B 605 -15.03 -33.30 -15.76
CA HIS B 605 -14.88 -32.92 -14.37
C HIS B 605 -16.05 -33.36 -13.50
N PHE B 606 -17.30 -33.23 -13.99
CA PHE B 606 -18.50 -33.53 -13.22
C PHE B 606 -18.55 -34.99 -12.77
N ILE B 607 -17.86 -35.90 -13.47
CA ILE B 607 -17.86 -37.26 -12.94
C ILE B 607 -17.08 -37.36 -11.61
N GLU B 608 -15.91 -36.72 -11.49
CA GLU B 608 -15.24 -36.76 -10.19
C GLU B 608 -15.89 -35.79 -9.20
N ILE B 609 -16.55 -34.74 -9.69
CA ILE B 609 -17.30 -33.83 -8.81
C ILE B 609 -18.44 -34.58 -8.12
N PHE B 610 -19.16 -35.41 -8.86
CA PHE B 610 -20.22 -36.21 -8.25
C PHE B 610 -19.62 -37.33 -7.39
N GLU B 611 -18.40 -37.76 -7.71
CA GLU B 611 -17.74 -38.74 -6.84
C GLU B 611 -17.39 -38.14 -5.47
N ASN B 612 -16.80 -36.95 -5.44
CA ASN B 612 -16.18 -36.48 -4.19
C ASN B 612 -17.16 -35.70 -3.32
N SER B 613 -18.37 -35.42 -3.82
CA SER B 613 -19.35 -34.65 -3.06
C SER B 613 -19.88 -35.43 -1.87
N GLN B 614 -20.23 -34.73 -0.78
CA GLN B 614 -20.59 -35.39 0.46
C GLN B 614 -22.02 -35.12 0.91
N ASN B 615 -22.40 -33.84 1.00
CA ASN B 615 -23.70 -33.44 1.53
C ASN B 615 -24.80 -33.74 0.54
N LYS B 616 -26.05 -33.67 1.03
CA LYS B 616 -27.21 -34.09 0.24
C LYS B 616 -28.28 -33.00 0.13
N ASN B 617 -27.96 -31.76 0.47
CA ASN B 617 -28.90 -30.66 0.28
C ASN B 617 -28.74 -30.09 -1.12
N LEU B 618 -29.37 -28.95 -1.40
CA LEU B 618 -29.32 -28.37 -2.74
C LEU B 618 -28.55 -27.05 -2.81
N TYR B 619 -28.17 -26.46 -1.68
CA TYR B 619 -27.19 -25.38 -1.73
C TYR B 619 -25.80 -25.88 -2.12
N SER B 620 -25.18 -26.70 -1.27
CA SER B 620 -23.83 -27.18 -1.50
C SER B 620 -23.72 -28.69 -1.43
N GLY B 621 -24.78 -29.41 -1.78
CA GLY B 621 -24.83 -30.85 -1.63
C GLY B 621 -25.17 -31.56 -2.93
N GLN B 622 -25.61 -32.80 -2.80
CA GLN B 622 -25.72 -33.71 -3.93
C GLN B 622 -26.91 -33.41 -4.84
N ALA B 623 -27.96 -32.78 -4.28
CA ALA B 623 -29.27 -32.72 -4.94
C ALA B 623 -29.26 -31.92 -6.24
N GLY B 624 -28.69 -30.73 -6.22
CA GLY B 624 -28.64 -29.90 -7.42
C GLY B 624 -27.75 -30.46 -8.51
N ILE B 625 -26.79 -31.31 -8.13
CA ILE B 625 -25.91 -31.97 -9.09
C ILE B 625 -26.70 -32.89 -10.02
N LEU B 626 -27.48 -33.80 -9.43
CA LEU B 626 -28.28 -34.66 -10.31
C LEU B 626 -29.53 -33.94 -10.80
N LEU B 627 -29.91 -32.82 -10.18
CA LEU B 627 -30.99 -31.99 -10.74
C LEU B 627 -30.61 -31.39 -12.08
N VAL B 628 -29.43 -30.76 -12.16
CA VAL B 628 -28.97 -30.24 -13.45
C VAL B 628 -28.56 -31.39 -14.36
N GLY B 629 -28.25 -32.55 -13.78
CA GLY B 629 -28.12 -33.77 -14.56
C GLY B 629 -29.37 -34.16 -15.33
N LEU B 630 -30.52 -34.26 -14.65
CA LEU B 630 -31.77 -34.55 -15.36
C LEU B 630 -32.21 -33.41 -16.26
N TYR B 631 -31.80 -32.18 -15.94
CA TYR B 631 -31.99 -31.05 -16.86
C TYR B 631 -31.27 -31.30 -18.20
N PHE B 632 -29.99 -31.72 -18.11
CA PHE B 632 -29.21 -32.05 -19.30
C PHE B 632 -29.75 -33.27 -20.02
N LEU B 633 -30.27 -34.25 -19.29
CA LEU B 633 -30.90 -35.41 -19.92
C LEU B 633 -32.19 -35.04 -20.65
N SER B 634 -32.99 -34.13 -20.08
CA SER B 634 -34.25 -33.75 -20.71
C SER B 634 -34.01 -32.99 -22.00
N LYS B 635 -33.05 -32.06 -21.99
CA LYS B 635 -32.71 -31.43 -23.27
C LYS B 635 -31.84 -32.34 -24.14
N GLY B 636 -31.04 -33.21 -23.51
CA GLY B 636 -30.51 -34.40 -24.18
C GLY B 636 -29.57 -34.16 -25.33
N GLU B 637 -28.67 -33.17 -25.25
CA GLU B 637 -27.79 -32.90 -26.37
C GLU B 637 -26.69 -33.96 -26.47
N ILE B 638 -25.82 -34.03 -25.46
CA ILE B 638 -24.80 -35.07 -25.39
C ILE B 638 -24.84 -35.68 -24.00
N ASP B 639 -25.16 -36.98 -23.94
CA ASP B 639 -25.34 -37.81 -22.75
C ASP B 639 -25.23 -39.28 -23.12
N ASN B 640 -26.32 -39.84 -23.68
CA ASN B 640 -26.43 -41.21 -24.16
C ASN B 640 -26.12 -42.25 -23.08
N LYS B 641 -24.91 -42.83 -23.14
CA LYS B 641 -24.49 -43.77 -22.11
C LYS B 641 -24.29 -43.08 -20.77
N LEU B 642 -23.74 -41.87 -20.79
CA LEU B 642 -23.62 -41.07 -19.58
C LEU B 642 -24.99 -40.66 -19.05
N GLY B 643 -25.95 -40.43 -19.95
CA GLY B 643 -27.32 -40.17 -19.51
C GLY B 643 -27.98 -41.36 -18.85
N GLU B 644 -27.74 -42.55 -19.40
CA GLU B 644 -28.23 -43.77 -18.78
C GLU B 644 -27.60 -44.00 -17.41
N GLU B 645 -26.30 -43.70 -17.30
CA GLU B 645 -25.61 -43.77 -16.02
C GLU B 645 -26.19 -42.79 -15.00
N ILE B 646 -26.51 -41.57 -15.43
CA ILE B 646 -27.06 -40.56 -14.54
C ILE B 646 -28.47 -40.95 -14.08
N LEU B 647 -29.25 -41.57 -14.98
CA LEU B 647 -30.56 -42.09 -14.60
C LEU B 647 -30.42 -43.20 -13.57
N ILE B 648 -29.40 -44.06 -13.72
CA ILE B 648 -29.11 -45.08 -12.71
C ILE B 648 -28.75 -44.44 -11.37
N ARG B 649 -27.91 -43.40 -11.40
CA ARG B 649 -27.49 -42.71 -10.17
C ARG B 649 -28.68 -42.08 -9.46
N LEU B 650 -29.62 -41.52 -10.22
CA LEU B 650 -30.91 -41.10 -9.67
C LEU B 650 -31.67 -42.26 -9.05
N ARG B 651 -31.58 -43.45 -9.66
CA ARG B 651 -32.29 -44.61 -9.10
C ARG B 651 -31.74 -45.03 -7.73
N GLU B 652 -30.41 -45.00 -7.51
CA GLU B 652 -30.00 -45.28 -6.13
C GLU B 652 -30.13 -44.05 -5.24
N TYR B 653 -30.26 -42.86 -5.83
CA TYR B 653 -30.44 -41.67 -5.01
C TYR B 653 -31.81 -41.64 -4.35
N THR B 654 -32.86 -41.86 -5.14
CA THR B 654 -34.22 -41.70 -4.63
C THR B 654 -34.61 -42.83 -3.68
N LEU B 655 -34.17 -44.06 -3.99
CA LEU B 655 -34.51 -45.20 -3.14
C LEU B 655 -33.75 -45.15 -1.81
N ASN B 656 -32.56 -44.55 -1.81
CA ASN B 656 -31.86 -44.31 -0.55
C ASN B 656 -32.47 -43.13 0.20
N TYR B 657 -33.06 -42.19 -0.54
CA TYR B 657 -33.73 -41.06 0.12
C TYR B 657 -35.00 -41.49 0.82
N ILE B 658 -35.73 -42.43 0.22
CA ILE B 658 -37.12 -42.68 0.61
C ILE B 658 -37.23 -43.37 1.98
N GLU B 659 -36.13 -43.92 2.49
CA GLU B 659 -36.20 -44.71 3.71
C GLU B 659 -36.42 -43.86 4.97
N ASN B 660 -35.56 -42.88 5.24
CA ASN B 660 -35.77 -41.93 6.34
C ASN B 660 -35.16 -40.59 5.95
N PRO B 661 -36.01 -39.63 5.56
CA PRO B 661 -35.50 -38.29 5.17
C PRO B 661 -34.87 -37.48 6.30
N GLU B 662 -34.91 -37.96 7.55
CA GLU B 662 -34.41 -37.23 8.71
C GLU B 662 -32.90 -37.00 8.69
N THR B 663 -32.16 -37.79 7.93
CA THR B 663 -30.70 -37.76 7.97
C THR B 663 -30.10 -37.35 6.62
N PHE B 664 -30.85 -36.55 5.86
CA PHE B 664 -30.27 -35.83 4.72
C PHE B 664 -30.36 -34.32 4.88
N CYS B 665 -31.44 -33.82 5.49
CA CYS B 665 -31.50 -32.43 5.90
C CYS B 665 -32.36 -32.34 7.16
N LYS B 666 -31.99 -31.42 8.04
CA LYS B 666 -32.56 -31.37 9.38
C LYS B 666 -33.97 -30.79 9.32
N VAL B 667 -34.92 -31.50 9.90
CA VAL B 667 -36.31 -31.06 9.95
C VAL B 667 -36.53 -30.15 11.14
N SER B 670 -35.15 -24.81 12.90
CA SER B 670 -34.35 -23.59 13.00
C SER B 670 -34.59 -22.90 14.33
N ASP B 671 -33.52 -22.69 15.09
CA ASP B 671 -33.64 -22.04 16.39
C ASP B 671 -32.51 -21.05 16.63
N VAL B 672 -31.84 -20.62 15.56
CA VAL B 672 -30.73 -19.67 15.68
C VAL B 672 -31.02 -18.41 14.87
N GLN B 673 -30.83 -17.25 15.49
CA GLN B 673 -30.98 -15.98 14.80
C GLN B 673 -29.68 -15.62 14.09
N SER B 674 -29.67 -15.69 12.77
CA SER B 674 -28.45 -15.46 11.99
C SER B 674 -28.86 -15.02 10.59
N ASN B 675 -27.89 -14.51 9.84
CA ASN B 675 -28.10 -14.06 8.48
C ASN B 675 -27.04 -14.75 7.61
N ASP B 676 -26.43 -15.79 8.16
CA ASP B 676 -25.33 -16.50 7.51
C ASP B 676 -25.87 -17.57 6.57
N PRO B 677 -25.31 -17.70 5.37
CA PRO B 677 -25.76 -18.76 4.45
C PRO B 677 -25.53 -20.17 4.97
N TYR B 678 -24.50 -20.38 5.80
CA TYR B 678 -24.11 -21.72 6.22
C TYR B 678 -24.61 -22.06 7.63
N GLU B 679 -25.53 -21.26 8.17
CA GLU B 679 -26.11 -21.52 9.48
C GLU B 679 -27.62 -21.62 9.37
N ASN B 680 -28.10 -22.27 8.32
CA ASN B 680 -29.52 -22.44 8.05
C ASN B 680 -29.83 -23.92 7.84
N PHE B 681 -31.07 -24.29 8.18
CA PHE B 681 -31.46 -25.70 8.13
C PHE B 681 -32.73 -25.90 7.30
N GLY B 682 -33.66 -24.95 7.36
CA GLY B 682 -34.91 -25.09 6.64
C GLY B 682 -35.17 -23.94 5.68
N GLY B 683 -35.70 -24.24 4.52
CA GLY B 683 -35.98 -23.25 3.50
C GLY B 683 -36.13 -23.90 2.15
N LEU B 684 -36.39 -23.06 1.13
CA LEU B 684 -36.50 -23.56 -0.24
C LEU B 684 -35.14 -24.05 -0.73
N LEU B 685 -34.18 -23.13 -0.83
CA LEU B 685 -32.81 -23.50 -1.18
C LEU B 685 -32.16 -24.21 -0.01
N TYR B 686 -32.37 -23.68 1.19
CA TYR B 686 -31.62 -24.10 2.37
C TYR B 686 -32.39 -25.20 3.10
N GLY B 687 -32.80 -26.22 2.37
CA GLY B 687 -33.53 -27.29 3.02
C GLY B 687 -34.31 -28.16 2.03
N HIS B 688 -35.42 -28.68 2.55
CA HIS B 688 -36.10 -29.84 1.95
C HIS B 688 -36.86 -29.52 0.68
N ALA B 689 -37.28 -28.27 0.47
CA ALA B 689 -38.06 -27.94 -0.71
C ALA B 689 -37.26 -28.03 -2.00
N GLY B 690 -35.93 -27.96 -1.91
CA GLY B 690 -35.12 -28.23 -3.09
C GLY B 690 -35.21 -29.68 -3.52
N VAL B 691 -35.36 -30.60 -2.56
CA VAL B 691 -35.52 -32.02 -2.88
C VAL B 691 -36.84 -32.25 -3.60
N ALA B 692 -37.91 -31.58 -3.15
CA ALA B 692 -39.20 -31.63 -3.82
C ALA B 692 -39.20 -30.91 -5.16
N TRP B 693 -38.29 -29.95 -5.37
CA TRP B 693 -38.10 -29.38 -6.70
C TRP B 693 -37.56 -30.45 -7.67
N LEU B 694 -36.53 -31.18 -7.25
CA LEU B 694 -35.95 -32.28 -8.01
C LEU B 694 -36.95 -33.40 -8.28
N PHE B 695 -37.71 -33.80 -7.27
CA PHE B 695 -38.68 -34.87 -7.47
C PHE B 695 -39.85 -34.39 -8.31
N GLY B 696 -40.24 -33.13 -8.16
CA GLY B 696 -41.28 -32.52 -8.97
C GLY B 696 -40.91 -32.48 -10.43
N GLU B 697 -39.63 -32.21 -10.72
CA GLU B 697 -39.19 -32.24 -12.10
C GLU B 697 -38.96 -33.66 -12.61
N ALA B 698 -38.54 -34.59 -11.75
CA ALA B 698 -38.32 -35.97 -12.16
C ALA B 698 -39.63 -36.70 -12.45
N TYR B 699 -40.71 -36.27 -11.78
CA TYR B 699 -42.03 -36.81 -12.10
C TYR B 699 -42.53 -36.34 -13.46
N LYS B 700 -42.02 -35.20 -13.96
CA LYS B 700 -42.56 -34.60 -15.18
C LYS B 700 -42.06 -35.29 -16.44
N LEU B 701 -40.73 -35.40 -16.59
CA LEU B 701 -40.11 -35.87 -17.82
C LEU B 701 -40.41 -37.33 -18.13
N THR B 702 -40.20 -38.21 -17.16
CA THR B 702 -40.35 -39.64 -17.38
C THR B 702 -41.81 -40.07 -17.37
N GLY B 703 -42.53 -39.70 -16.31
CA GLY B 703 -43.90 -40.15 -16.14
C GLY B 703 -43.95 -41.32 -15.17
N GLU B 704 -42.79 -41.66 -14.63
CA GLU B 704 -42.64 -42.72 -13.64
C GLU B 704 -43.39 -42.43 -12.35
N SER B 705 -44.15 -43.42 -11.86
CA SER B 705 -45.11 -43.22 -10.78
C SER B 705 -44.52 -43.39 -9.41
N ILE B 706 -43.27 -43.84 -9.29
CA ILE B 706 -42.63 -43.97 -7.98
C ILE B 706 -42.34 -42.59 -7.40
N TYR B 707 -42.09 -41.62 -8.26
CA TYR B 707 -41.47 -40.37 -7.84
C TYR B 707 -42.50 -39.36 -7.36
N LYS B 708 -43.78 -39.71 -7.40
CA LYS B 708 -44.81 -38.84 -6.84
C LYS B 708 -44.81 -38.91 -5.33
N ASN B 709 -44.31 -40.00 -4.76
CA ASN B 709 -44.35 -40.21 -3.32
C ASN B 709 -43.35 -39.33 -2.55
N GLY B 710 -42.44 -38.65 -3.23
CA GLY B 710 -41.47 -37.82 -2.56
C GLY B 710 -41.98 -36.42 -2.28
N LEU B 711 -42.88 -35.93 -3.16
CA LEU B 711 -43.47 -34.60 -3.00
C LEU B 711 -44.28 -34.50 -1.72
N GLU B 712 -45.17 -35.49 -1.49
CA GLU B 712 -46.02 -35.49 -0.31
C GLU B 712 -45.22 -35.62 0.97
N LEU B 713 -44.15 -36.42 0.93
CA LEU B 713 -43.30 -36.61 2.10
C LEU B 713 -42.51 -35.35 2.41
N ALA B 714 -42.01 -34.66 1.37
CA ALA B 714 -41.24 -33.44 1.58
C ALA B 714 -42.12 -32.32 2.14
N VAL B 715 -43.32 -32.13 1.58
CA VAL B 715 -44.14 -31.03 2.06
C VAL B 715 -44.83 -31.41 3.36
N ASP B 716 -44.92 -32.71 3.66
CA ASP B 716 -45.41 -33.12 4.97
C ASP B 716 -44.35 -32.87 6.04
N LYS B 717 -43.08 -33.05 5.70
CA LYS B 717 -42.01 -32.77 6.66
C LYS B 717 -41.79 -31.27 6.83
N GLU B 718 -42.01 -30.48 5.78
CA GLU B 718 -41.75 -29.04 5.91
C GLU B 718 -42.84 -28.28 6.63
N LEU B 719 -44.05 -28.83 6.75
CA LEU B 719 -45.14 -28.10 7.38
C LEU B 719 -45.26 -28.34 8.88
N VAL B 720 -44.30 -29.06 9.48
CA VAL B 720 -44.37 -29.29 10.93
C VAL B 720 -43.72 -28.12 11.67
N ALA B 721 -43.03 -27.25 10.94
CA ALA B 721 -42.27 -26.19 11.61
C ALA B 721 -43.08 -24.90 11.74
N TYR B 722 -44.01 -24.65 10.82
CA TYR B 722 -44.70 -23.37 10.77
C TYR B 722 -45.78 -23.31 11.84
N LYS B 723 -45.91 -22.16 12.49
CA LYS B 723 -46.90 -21.95 13.53
C LYS B 723 -48.08 -21.14 12.99
N VAL B 724 -49.14 -21.08 13.81
CA VAL B 724 -50.33 -20.29 13.51
C VAL B 724 -50.37 -19.15 14.53
N ASP B 725 -50.70 -17.96 14.03
CA ASP B 725 -50.64 -16.77 14.86
C ASP B 725 -52.02 -16.12 14.83
N SER B 726 -52.17 -14.89 15.35
CA SER B 726 -53.48 -14.26 15.49
C SER B 726 -54.09 -13.91 14.14
N ASN B 727 -53.25 -13.72 13.13
CA ASN B 727 -53.71 -13.48 11.77
C ASN B 727 -53.93 -14.78 10.99
N ASN B 728 -53.78 -15.92 11.68
CA ASN B 728 -53.83 -17.27 11.12
C ASN B 728 -52.83 -17.42 9.96
N SER B 729 -51.62 -16.93 10.21
CA SER B 729 -50.56 -16.90 9.22
C SER B 729 -49.58 -18.02 9.50
N LEU B 730 -49.30 -18.82 8.47
CA LEU B 730 -48.29 -19.86 8.56
C LEU B 730 -46.93 -19.27 8.21
N GLN B 731 -46.03 -19.25 9.18
CA GLN B 731 -44.79 -18.50 9.01
C GLN B 731 -43.62 -19.32 9.53
N TYR B 732 -42.43 -19.01 9.02
CA TYR B 732 -41.19 -19.67 9.41
C TYR B 732 -40.84 -19.30 10.84
N SER B 733 -40.31 -20.28 11.58
CA SER B 733 -39.85 -20.07 12.95
C SER B 733 -38.33 -20.21 12.98
N GLN B 734 -37.64 -19.13 13.34
CA GLN B 734 -36.19 -19.11 13.42
C GLN B 734 -35.80 -18.36 14.69
N GLY B 735 -35.62 -19.10 15.78
CA GLY B 735 -35.38 -18.45 17.06
C GLY B 735 -36.63 -17.74 17.53
N HIS B 736 -36.58 -16.41 17.56
CA HIS B 736 -37.76 -15.57 17.77
C HIS B 736 -37.81 -14.56 16.63
N ARG B 737 -38.28 -15.01 15.47
CA ARG B 737 -38.39 -14.19 14.27
C ARG B 737 -39.25 -14.93 13.25
N LEU B 738 -40.21 -14.22 12.67
CA LEU B 738 -41.08 -14.77 11.63
C LEU B 738 -40.55 -14.29 10.29
N LEU B 739 -40.39 -15.22 9.35
CA LEU B 739 -39.70 -14.88 8.11
C LEU B 739 -40.56 -15.09 6.87
N PRO B 740 -41.33 -14.09 6.43
CA PRO B 740 -41.86 -14.15 5.06
C PRO B 740 -40.78 -13.72 4.09
N TYR B 741 -40.11 -14.67 3.46
CA TYR B 741 -39.03 -14.42 2.51
C TYR B 741 -38.96 -15.62 1.57
N LEU B 742 -38.29 -15.45 0.43
CA LEU B 742 -38.22 -16.47 -0.61
C LEU B 742 -37.43 -17.71 -0.19
N ALA B 743 -36.24 -17.52 0.35
CA ALA B 743 -35.32 -18.63 0.53
C ALA B 743 -35.39 -19.26 1.92
N THR B 744 -35.92 -18.56 2.91
CA THR B 744 -35.95 -19.11 4.26
C THR B 744 -37.33 -18.88 4.87
N GLY B 745 -38.38 -19.29 4.17
CA GLY B 745 -39.70 -19.14 4.74
C GLY B 745 -40.92 -19.39 3.88
N SER B 746 -41.97 -18.64 4.15
CA SER B 746 -43.30 -18.92 3.63
C SER B 746 -43.46 -18.68 2.15
N ALA B 747 -42.58 -17.90 1.53
CA ALA B 747 -42.67 -17.76 0.08
C ALA B 747 -42.14 -18.98 -0.65
N GLY B 748 -41.33 -19.81 0.01
CA GLY B 748 -40.77 -20.99 -0.64
C GLY B 748 -41.80 -22.04 -0.98
N LEU B 749 -42.70 -22.33 -0.02
CA LEU B 749 -43.72 -23.35 -0.26
C LEU B 749 -44.77 -22.87 -1.25
N LEU B 750 -45.05 -21.57 -1.26
CA LEU B 750 -45.95 -21.04 -2.28
C LEU B 750 -45.27 -21.02 -3.64
N LEU B 751 -43.95 -20.90 -3.68
CA LEU B 751 -43.21 -21.08 -4.93
C LEU B 751 -43.27 -22.54 -5.41
N LEU B 752 -43.47 -23.48 -4.50
CA LEU B 752 -43.38 -24.90 -4.85
C LEU B 752 -44.74 -25.49 -5.20
N ILE B 753 -45.75 -25.24 -4.37
CA ILE B 753 -47.00 -26.01 -4.39
C ILE B 753 -47.80 -25.77 -5.66
N ASN B 754 -47.97 -24.53 -6.08
CA ASN B 754 -48.72 -24.19 -7.27
C ASN B 754 -47.85 -24.55 -8.48
N ARG B 755 -48.50 -24.86 -9.61
CA ARG B 755 -47.99 -25.45 -10.87
C ARG B 755 -47.68 -26.94 -10.72
N ASN B 756 -47.68 -27.44 -9.49
CA ASN B 756 -47.65 -28.86 -9.21
C ASN B 756 -49.04 -29.33 -8.81
N LYS B 757 -50.02 -28.45 -9.04
CA LYS B 757 -51.42 -28.73 -8.79
C LYS B 757 -52.06 -29.60 -9.87
N GLU B 758 -51.35 -29.83 -10.98
CA GLU B 758 -51.82 -30.81 -11.96
C GLU B 758 -51.40 -32.22 -11.56
N ILE B 759 -50.50 -32.33 -10.58
CA ILE B 759 -50.16 -33.64 -10.03
C ILE B 759 -51.02 -33.94 -8.80
N LEU B 760 -50.86 -33.13 -7.75
CA LEU B 760 -51.63 -33.32 -6.54
C LEU B 760 -53.03 -32.73 -6.69
N SER B 761 -53.99 -33.35 -6.01
CA SER B 761 -55.39 -33.05 -6.28
C SER B 761 -56.08 -32.27 -5.16
N SER B 762 -56.13 -32.84 -3.95
CA SER B 762 -56.96 -32.28 -2.90
C SER B 762 -56.20 -32.02 -1.60
N LYS B 763 -55.21 -32.85 -1.27
CA LYS B 763 -54.59 -32.76 0.05
C LYS B 763 -53.61 -31.59 0.12
N TYR B 764 -53.12 -31.11 -1.02
CA TYR B 764 -52.14 -30.03 -1.05
C TYR B 764 -52.55 -28.87 -1.93
N LEU B 765 -53.81 -28.44 -1.85
CA LEU B 765 -54.26 -27.20 -2.48
C LEU B 765 -55.11 -26.37 -1.51
N LYS B 766 -55.25 -26.83 -0.27
CA LYS B 766 -55.90 -26.06 0.78
C LYS B 766 -54.95 -25.17 1.54
N TYR B 767 -53.63 -25.30 1.30
CA TYR B 767 -52.64 -24.47 1.95
C TYR B 767 -52.27 -23.24 1.14
N LEU B 768 -52.82 -23.08 -0.06
CA LEU B 768 -52.37 -22.01 -0.94
C LEU B 768 -52.92 -20.66 -0.50
N THR B 769 -54.17 -20.62 -0.03
CA THR B 769 -54.81 -19.34 0.29
C THR B 769 -54.27 -18.75 1.59
N SER B 770 -53.86 -19.61 2.53
CA SER B 770 -53.33 -19.14 3.80
C SER B 770 -51.98 -18.46 3.62
N LEU B 771 -51.09 -19.10 2.85
CA LEU B 771 -49.80 -18.47 2.54
C LEU B 771 -49.96 -17.31 1.57
N GLU B 772 -50.98 -17.36 0.71
CA GLU B 772 -51.25 -16.25 -0.20
C GLU B 772 -51.65 -15.00 0.55
N ARG B 773 -52.45 -15.15 1.61
CA ARG B 773 -52.78 -14.02 2.47
C ARG B 773 -51.63 -13.66 3.41
N ALA B 774 -50.87 -14.65 3.86
CA ALA B 774 -49.80 -14.41 4.84
C ALA B 774 -48.56 -13.77 4.22
N THR B 775 -48.39 -13.84 2.90
CA THR B 775 -47.26 -13.20 2.23
C THR B 775 -47.67 -11.86 1.66
N ASP B 776 -48.55 -11.16 2.36
CA ASP B 776 -49.06 -9.86 1.93
C ASP B 776 -48.75 -8.75 2.93
N VAL B 777 -47.51 -8.66 3.41
CA VAL B 777 -47.11 -7.64 4.36
C VAL B 777 -47.06 -6.29 3.66
N VAL B 778 -47.15 -5.21 4.45
CA VAL B 778 -46.98 -3.87 3.90
C VAL B 778 -45.53 -3.45 3.84
N PHE B 779 -44.72 -3.77 4.85
CA PHE B 779 -43.37 -3.22 4.92
C PHE B 779 -42.42 -4.21 5.59
N CYS B 780 -41.30 -4.51 4.93
CA CYS B 780 -40.14 -5.15 5.54
C CYS B 780 -38.88 -4.54 4.96
N VAL B 781 -37.78 -4.60 5.72
CA VAL B 781 -36.72 -3.60 5.57
C VAL B 781 -35.72 -4.00 4.48
N LEU B 782 -35.55 -5.30 4.24
CA LEU B 782 -34.48 -5.72 3.34
C LEU B 782 -34.96 -5.77 1.89
N PRO B 783 -34.20 -5.20 0.94
CA PRO B 783 -34.60 -5.25 -0.48
C PRO B 783 -33.96 -6.37 -1.30
N GLY B 784 -34.13 -7.64 -0.94
CA GLY B 784 -33.42 -8.70 -1.64
C GLY B 784 -34.33 -9.81 -2.11
N LEU B 785 -33.73 -10.74 -2.87
CA LEU B 785 -34.44 -11.96 -3.24
C LEU B 785 -34.48 -12.99 -2.12
N PHE B 786 -33.31 -13.47 -1.71
CA PHE B 786 -33.22 -14.61 -0.80
C PHE B 786 -33.47 -14.22 0.64
N ASN B 787 -33.42 -12.93 0.99
CA ASN B 787 -33.68 -12.56 2.37
C ASN B 787 -34.41 -11.22 2.45
N GLY B 788 -35.14 -10.80 1.42
CA GLY B 788 -35.75 -9.49 1.40
C GLY B 788 -37.17 -9.46 0.85
N PHE B 789 -37.63 -8.25 0.53
CA PHE B 789 -39.00 -8.02 0.08
C PHE B 789 -39.30 -8.54 -1.31
N CYS B 790 -38.32 -8.47 -2.23
CA CYS B 790 -38.55 -8.63 -3.67
C CYS B 790 -39.07 -10.02 -4.02
N GLY B 791 -38.74 -11.02 -3.22
CA GLY B 791 -39.28 -12.35 -3.41
C GLY B 791 -40.74 -12.49 -3.04
N LEU B 792 -41.24 -11.63 -2.14
CA LEU B 792 -42.62 -11.72 -1.69
C LEU B 792 -43.62 -11.22 -2.71
N GLU B 793 -43.20 -10.39 -3.67
CA GLU B 793 -44.06 -10.00 -4.77
C GLU B 793 -43.85 -10.88 -5.99
N VAL B 794 -42.78 -11.67 -6.02
CA VAL B 794 -42.61 -12.69 -7.03
C VAL B 794 -43.53 -13.85 -6.68
N ALA B 795 -43.31 -14.44 -5.50
CA ALA B 795 -43.90 -15.71 -5.09
C ALA B 795 -45.42 -15.70 -5.02
N ASN B 796 -46.01 -14.54 -4.74
CA ASN B 796 -47.45 -14.42 -4.60
C ASN B 796 -48.19 -14.61 -5.92
N ASN B 797 -47.55 -14.31 -7.06
CA ASN B 797 -48.23 -14.41 -8.35
C ASN B 797 -47.30 -14.97 -9.43
N ILE B 798 -46.28 -15.74 -9.04
CA ILE B 798 -45.28 -16.24 -9.97
C ILE B 798 -45.86 -17.31 -10.91
N TYR B 799 -46.60 -18.27 -10.36
CA TYR B 799 -47.28 -19.31 -11.12
C TYR B 799 -48.76 -19.01 -11.26
N SER B 800 -49.09 -17.90 -11.91
CA SER B 800 -50.49 -17.55 -12.11
C SER B 800 -51.01 -18.21 -13.38
N ASP B 801 -52.06 -19.01 -13.23
CA ASP B 801 -52.73 -19.65 -14.36
C ASP B 801 -53.66 -18.69 -15.10
N ILE B 802 -53.88 -17.51 -14.54
CA ILE B 802 -54.58 -16.41 -15.19
C ILE B 802 -53.54 -15.32 -15.46
N ASP B 803 -53.58 -14.75 -16.66
CA ASP B 803 -52.59 -13.79 -17.11
C ASP B 803 -52.67 -12.51 -16.29
N ASP B 804 -51.53 -12.11 -15.72
CA ASP B 804 -51.49 -10.97 -14.79
C ASP B 804 -50.06 -10.47 -14.74
N ASN B 805 -49.86 -9.21 -15.13
CA ASN B 805 -48.54 -8.59 -15.13
C ASN B 805 -48.46 -7.27 -14.38
N PHE B 806 -49.53 -6.48 -14.37
CA PHE B 806 -49.51 -5.17 -13.72
C PHE B 806 -49.43 -5.29 -12.21
N SER B 807 -50.07 -6.29 -11.61
CA SER B 807 -49.94 -6.50 -10.17
C SER B 807 -48.58 -7.07 -9.80
N GLY B 808 -47.85 -7.65 -10.77
CA GLY B 808 -46.51 -8.12 -10.50
C GLY B 808 -45.43 -7.10 -10.76
N GLN B 809 -45.75 -6.07 -11.54
CA GLN B 809 -44.78 -5.03 -11.88
C GLN B 809 -45.19 -3.63 -11.41
N LYS B 810 -46.23 -3.54 -10.57
CA LYS B 810 -46.62 -2.24 -10.06
C LYS B 810 -46.53 -2.20 -8.54
N LYS B 811 -46.84 -3.31 -7.86
CA LYS B 811 -46.74 -3.32 -6.41
C LYS B 811 -45.27 -3.35 -5.98
N LEU B 812 -44.47 -4.20 -6.61
CA LEU B 812 -43.04 -4.27 -6.30
C LEU B 812 -42.34 -2.98 -6.68
N ILE B 813 -42.60 -2.45 -7.88
CA ILE B 813 -42.09 -1.11 -8.15
C ILE B 813 -43.24 -0.16 -7.82
N GLU B 814 -43.58 -0.09 -6.53
CA GLU B 814 -44.07 1.10 -5.85
C GLU B 814 -43.53 0.99 -4.44
N GLN B 815 -43.30 -0.27 -4.02
CA GLN B 815 -42.79 -0.49 -2.68
C GLN B 815 -41.27 -0.41 -2.66
N LEU B 816 -40.63 -0.63 -3.81
CA LEU B 816 -39.18 -0.47 -3.86
C LEU B 816 -38.88 0.91 -4.46
N TYR B 817 -39.43 1.94 -3.83
CA TYR B 817 -38.96 3.33 -3.95
C TYR B 817 -38.36 3.82 -2.66
N ARG B 818 -38.52 3.08 -1.58
CA ARG B 818 -38.12 3.50 -0.25
C ARG B 818 -36.75 2.97 0.12
N TYR B 819 -35.97 2.51 -0.86
CA TYR B 819 -34.74 1.76 -0.60
C TYR B 819 -33.55 2.34 -1.36
N LEU B 820 -33.75 3.41 -2.14
CA LEU B 820 -32.84 3.78 -3.21
C LEU B 820 -32.12 5.08 -2.89
N CYS B 821 -30.81 5.09 -3.11
CA CYS B 821 -30.01 6.30 -3.11
C CYS B 821 -29.96 6.84 -4.53
N VAL B 822 -29.07 7.80 -4.80
CA VAL B 822 -29.02 8.41 -6.13
C VAL B 822 -27.69 8.11 -6.82
N ILE B 823 -26.59 8.14 -6.05
CA ILE B 823 -25.22 8.35 -6.55
C ILE B 823 -25.26 9.49 -7.55
N GLU B 824 -25.42 9.16 -8.85
CA GLU B 824 -25.51 10.13 -9.92
C GLU B 824 -26.47 9.55 -10.95
N GLU B 825 -27.69 10.11 -11.03
CA GLU B 825 -28.77 9.73 -11.95
C GLU B 825 -29.10 8.22 -11.90
N GLY B 826 -28.81 7.61 -10.76
CA GLY B 826 -29.03 6.18 -10.60
C GLY B 826 -29.98 5.93 -9.45
N PHE B 827 -30.28 4.66 -9.24
CA PHE B 827 -31.25 4.22 -8.24
C PHE B 827 -30.67 3.08 -7.43
N VAL B 828 -29.45 3.29 -6.93
CA VAL B 828 -28.61 2.21 -6.43
C VAL B 828 -29.16 1.65 -5.12
N ILE B 829 -29.15 0.33 -4.99
CA ILE B 829 -29.70 -0.34 -3.84
C ILE B 829 -28.56 -0.54 -2.86
N ALA B 830 -28.86 -0.53 -1.56
CA ALA B 830 -27.87 -0.85 -0.55
C ALA B 830 -28.10 -2.30 -0.14
N GLY B 831 -27.23 -2.83 0.71
CA GLY B 831 -27.27 -4.25 0.98
C GLY B 831 -27.68 -4.51 2.41
N ASP B 832 -27.40 -5.73 2.85
CA ASP B 832 -27.68 -6.12 4.23
C ASP B 832 -26.78 -5.36 5.18
N ASN B 833 -27.39 -4.77 6.23
CA ASN B 833 -26.74 -3.79 7.13
C ASN B 833 -26.16 -2.69 6.24
N GLY B 834 -27.04 -1.90 5.63
CA GLY B 834 -26.70 -1.10 4.47
C GLY B 834 -25.89 0.17 4.69
N LEU B 835 -24.64 0.03 5.13
CA LEU B 835 -23.67 1.11 5.08
C LEU B 835 -22.80 0.99 3.83
N LYS B 836 -23.36 0.41 2.78
CA LYS B 836 -22.56 -0.12 1.69
C LYS B 836 -23.40 -0.19 0.42
N ILE B 837 -22.76 -0.10 -0.74
CA ILE B 837 -23.47 -0.45 -1.96
C ILE B 837 -22.91 -1.76 -2.52
N THR B 838 -23.80 -2.71 -2.78
CA THR B 838 -23.40 -4.06 -3.15
C THR B 838 -24.16 -4.46 -4.42
N THR B 839 -23.48 -5.19 -5.31
CA THR B 839 -24.13 -5.81 -6.45
C THR B 839 -23.91 -7.32 -6.41
N ASP B 840 -24.75 -7.97 -5.62
CA ASP B 840 -24.81 -9.42 -5.48
C ASP B 840 -26.25 -9.89 -5.68
N ILE B 841 -26.50 -11.17 -5.41
CA ILE B 841 -27.78 -11.77 -5.81
C ILE B 841 -28.67 -11.93 -4.58
N ALA B 842 -28.08 -11.86 -3.38
CA ALA B 842 -28.91 -11.99 -2.19
C ALA B 842 -29.52 -10.65 -1.76
N SER B 843 -28.73 -9.57 -1.78
CA SER B 843 -29.29 -8.25 -1.56
C SER B 843 -28.47 -7.21 -2.31
N GLY B 844 -28.87 -6.93 -3.54
CA GLY B 844 -28.08 -6.08 -4.41
C GLY B 844 -28.73 -5.97 -5.77
N PHE B 845 -27.89 -5.80 -6.79
CA PHE B 845 -28.40 -5.56 -8.13
C PHE B 845 -29.01 -6.80 -8.77
N ALA B 846 -28.42 -7.98 -8.58
CA ALA B 846 -28.87 -9.18 -9.28
C ALA B 846 -30.21 -9.68 -8.76
N GLY B 847 -30.49 -9.45 -7.48
CA GLY B 847 -31.73 -9.86 -6.86
C GLY B 847 -32.95 -9.22 -7.48
N VAL B 848 -32.92 -7.90 -7.68
CA VAL B 848 -34.03 -7.25 -8.35
C VAL B 848 -34.00 -7.49 -9.86
N ALA B 849 -32.85 -7.83 -10.43
CA ALA B 849 -32.73 -8.10 -11.85
C ALA B 849 -33.32 -9.46 -12.23
N ILE B 850 -33.30 -10.40 -11.30
CA ILE B 850 -33.90 -11.72 -11.50
C ILE B 850 -35.39 -11.72 -11.18
N GLY B 851 -35.78 -11.01 -10.10
CA GLY B 851 -37.16 -11.03 -9.65
C GLY B 851 -38.13 -10.36 -10.61
N LEU B 852 -37.68 -9.27 -11.25
CA LEU B 852 -38.53 -8.63 -12.26
C LEU B 852 -38.69 -9.49 -13.51
N VAL B 853 -37.62 -10.18 -13.92
CA VAL B 853 -37.68 -11.07 -15.07
C VAL B 853 -38.56 -12.28 -14.78
N SER B 854 -38.60 -12.72 -13.52
CA SER B 854 -39.33 -13.91 -13.08
C SER B 854 -40.82 -13.90 -13.39
N ILE B 855 -41.52 -12.81 -13.09
CA ILE B 855 -42.94 -12.73 -13.45
C ILE B 855 -43.10 -12.62 -14.97
N MET B 856 -42.18 -11.92 -15.63
CA MET B 856 -42.28 -11.68 -17.07
C MET B 856 -42.16 -12.95 -17.89
N ASP B 857 -41.28 -13.88 -17.48
CA ASP B 857 -41.07 -15.14 -18.19
C ASP B 857 -41.75 -16.26 -17.39
N ASN B 858 -42.41 -15.87 -16.30
CA ASN B 858 -43.50 -16.59 -15.66
C ASN B 858 -43.12 -17.90 -14.96
N LYS B 859 -41.89 -18.39 -15.09
CA LYS B 859 -41.57 -19.58 -14.32
C LYS B 859 -40.67 -19.30 -13.12
N LEU B 860 -39.37 -19.07 -13.37
CA LEU B 860 -38.35 -18.81 -12.36
C LEU B 860 -37.03 -18.64 -13.10
N THR B 861 -36.02 -17.98 -12.50
CA THR B 861 -34.70 -17.96 -13.10
C THR B 861 -33.63 -18.14 -12.00
N ILE B 862 -33.85 -19.04 -11.06
CA ILE B 862 -32.82 -19.43 -10.09
C ILE B 862 -32.67 -20.94 -10.02
N LEU B 863 -33.56 -21.68 -10.67
CA LEU B 863 -33.49 -23.14 -10.62
C LEU B 863 -33.79 -23.70 -12.01
N PRO B 864 -33.00 -24.68 -12.49
CA PRO B 864 -33.16 -25.15 -13.87
C PRO B 864 -34.41 -26.00 -14.08
N GLN B 865 -35.25 -25.57 -15.02
CA GLN B 865 -36.51 -26.25 -15.31
C GLN B 865 -36.28 -27.42 -16.26
N ILE B 866 -36.91 -28.54 -15.96
CA ILE B 866 -36.71 -29.77 -16.72
C ILE B 866 -37.50 -29.70 -18.03
PG GTP C . -21.50 1.36 23.12
O1G GTP C . -22.11 0.91 21.81
O2G GTP C . -20.00 1.20 23.02
O3G GTP C . -21.85 2.80 23.38
O3B GTP C . -22.05 0.42 24.30
PB GTP C . -23.07 0.98 25.42
O1B GTP C . -23.46 -0.14 26.35
O2B GTP C . -22.45 2.11 26.19
O3A GTP C . -24.38 1.50 24.63
PA GTP C . -25.33 0.52 23.77
O1A GTP C . -24.50 -0.35 22.86
O2A GTP C . -26.31 1.32 22.96
O5' GTP C . -26.09 -0.43 24.83
C5' GTP C . -26.77 0.07 25.97
C4' GTP C . -27.14 -1.13 26.83
O4' GTP C . -27.43 -0.78 28.17
C3' GTP C . -28.41 -1.79 26.31
O3' GTP C . -28.10 -2.85 25.44
C2' GTP C . -29.08 -2.32 27.55
O2' GTP C . -28.96 -3.72 27.62
C1' GTP C . -28.36 -1.68 28.73
N9 GTP C . -29.26 -0.96 29.66
C8 GTP C . -28.92 0.23 30.26
N7 GTP C . -29.93 0.63 31.06
C5 GTP C . -30.92 -0.29 31.00
C6 GTP C . -32.15 -0.35 31.63
O6 GTP C . -32.51 0.55 32.39
N1 GTP C . -32.99 -1.43 31.41
C2 GTP C . -32.59 -2.43 30.55
N2 GTP C . -33.38 -3.46 30.32
N3 GTP C . -31.35 -2.36 29.93
C4 GTP C . -30.51 -1.31 30.14
#